data_3DXA
#
_entry.id   3DXA
#
_cell.length_a   121.954
_cell.length_b   121.954
_cell.length_c   695.914
_cell.angle_alpha   90.000
_cell.angle_beta   90.000
_cell.angle_gamma   120.000
#
_symmetry.space_group_name_H-M   'P 65 2 2'
#
loop_
_entity.id
_entity.type
_entity.pdbx_description
1 polymer 'HLA class I histocompatibility complex HLA-B*4402'
2 polymer Beta-2-microglobulin
3 polymer 'EBV decapeptide epitope'
4 polymer 'DM1 T cell receptor alpha chain'
5 polymer 'DM1 T cell receptor beta chain'
#
loop_
_entity_poly.entity_id
_entity_poly.type
_entity_poly.pdbx_seq_one_letter_code
_entity_poly.pdbx_strand_id
1 'polypeptide(L)'
;GSHSMRYFYTAMSRPGRGEPRFITVGYVDDTLFVRFDSDATSPRKEPRAPWIEQEGPEYWDRETQISKTNTQTYRENLRT
ALRYYNQSEAGSHIIQRMYGCDVGPDGRLLRGYDQYAYDGKDYIALNEDLSSWTAADTAAQITQRKWEAARVAEQDRAYL
EGLCVESLRRYLENGKETLQRADPPKTHVTHHPISDHEVTLRCWALGFYPAEITLTWQRDGEDQTQDTELVETRPAGDRT
FQKWAAVVVPSGEEQRYTCHVQHEGLPKPLTLRWEP
;
A,F,K
2 'polypeptide(L)'
;IQRTPKIQVYSRHPAENGKSNFLNCYVSGFHPSDIEVDLLKNGERIEKVEHSDLSFSKDWSFYLLYYTEFTPTEKDEYAC
RVNHVTLSQPKIVKWDRDM
;
B,G,L
3 'polypeptide(L)' EENLLDFVRF C,H,M
4 'polypeptide(L)'
;AKTTQPTSMDCAEGRAANLPCNHSTISGNEYVYWYRQIHSQGPQYIIHGLKNNETNEMASLIITEDRKSSTLILPHATLR
DTAVYYCIVWGGYQKVTFGTGTKLQVIPIQNPDPAVYQLRDSKSSDKSVCLFTDFDSQTNVSQSKDSDVYITDKCVLDMR
SMDFKSNSAVAWSNKSDFACANAFNNSIIPEDTFFPSPE
;
D,I,N
5 'polypeptide(L)'
;TGVSQNPRHKITKRGQNVTFRCDPISEHNRLYWYRQTLGQGPEFLTYFQNEAQLEKSRLLSDRFSAERPKGSFSTLEIQR
TEQGDSAMYLCASRYRDDSYNEQFFGPGTRLTVLEDLKNVFPPEVAVFEPSEAEISHTQKATLVCLATGFYPDHVELSWW
VNGKEVHSGVCTDPQPLKEQPALNDSRYALSSRLRVSATFWQNPRNHFRCQVQFYGLSENDEWTQDRAKPVTQIVSAEAW
GRAD
;
E,J,O
#
# COMPACT_ATOMS: atom_id res chain seq x y z
N GLY A 1 -11.94 34.73 -53.39
CA GLY A 1 -10.80 35.45 -52.73
C GLY A 1 -9.97 34.55 -51.83
N SER A 2 -10.63 33.57 -51.22
CA SER A 2 -10.00 32.70 -50.22
C SER A 2 -9.52 31.37 -50.80
N HIS A 3 -8.90 30.56 -49.95
CA HIS A 3 -8.45 29.21 -50.30
C HIS A 3 -8.80 28.20 -49.20
N SER A 4 -8.57 26.92 -49.50
CA SER A 4 -8.88 25.82 -48.60
C SER A 4 -7.83 24.71 -48.65
N MET A 5 -7.77 23.92 -47.59
CA MET A 5 -7.00 22.66 -47.59
C MET A 5 -7.83 21.57 -46.93
N ARG A 6 -7.82 20.39 -47.53
CA ARG A 6 -8.68 19.28 -47.11
C ARG A 6 -7.95 17.96 -47.31
N TYR A 7 -7.79 17.21 -46.23
CA TYR A 7 -7.39 15.82 -46.36
C TYR A 7 -8.65 14.97 -46.25
N PHE A 8 -8.68 13.86 -46.96
CA PHE A 8 -9.82 12.95 -46.92
C PHE A 8 -9.33 11.55 -46.59
N TYR A 9 -10.05 10.84 -45.73
CA TYR A 9 -9.74 9.45 -45.41
C TYR A 9 -10.85 8.52 -45.88
N THR A 10 -10.47 7.31 -46.26
CA THR A 10 -11.42 6.26 -46.61
C THR A 10 -10.95 4.93 -46.07
N ALA A 11 -11.63 4.45 -45.02
CA ALA A 11 -11.36 3.15 -44.41
C ALA A 11 -12.46 2.19 -44.82
N MET A 12 -12.08 0.98 -45.24
CA MET A 12 -13.01 0.07 -45.93
C MET A 12 -12.74 -1.38 -45.55
N SER A 13 -13.51 -1.89 -44.58
CA SER A 13 -13.38 -3.30 -44.15
C SER A 13 -13.87 -4.17 -45.29
N ARG A 14 -13.31 -5.38 -45.40
CA ARG A 14 -13.58 -6.19 -46.58
C ARG A 14 -13.40 -7.72 -46.61
N PRO A 15 -14.08 -8.48 -45.72
CA PRO A 15 -13.48 -9.48 -44.86
C PRO A 15 -13.45 -10.71 -45.77
N GLY A 16 -12.38 -11.51 -45.70
CA GLY A 16 -12.17 -12.59 -46.66
C GLY A 16 -11.21 -12.12 -47.75
N ARG A 17 -11.54 -11.00 -48.40
CA ARG A 17 -10.68 -10.41 -49.43
C ARG A 17 -9.64 -9.39 -48.89
N GLY A 18 -9.11 -9.63 -47.68
CA GLY A 18 -8.15 -8.69 -47.05
C GLY A 18 -8.49 -8.54 -45.59
N GLU A 19 -7.55 -8.19 -44.71
CA GLU A 19 -7.44 -6.88 -44.04
C GLU A 19 -7.90 -5.62 -44.75
N PRO A 20 -8.50 -4.68 -43.98
CA PRO A 20 -9.10 -3.48 -44.56
C PRO A 20 -8.12 -2.61 -45.30
N ARG A 21 -8.64 -1.89 -46.28
CA ARG A 21 -7.89 -0.90 -47.04
C ARG A 21 -8.11 0.48 -46.40
N PHE A 22 -7.07 1.31 -46.45
CA PHE A 22 -7.13 2.68 -45.96
C PHE A 22 -6.48 3.60 -47.00
N ILE A 23 -7.26 4.57 -47.51
CA ILE A 23 -6.78 5.52 -48.51
C ILE A 23 -6.80 6.94 -47.94
N THR A 24 -5.78 7.74 -48.26
CA THR A 24 -5.79 9.16 -47.93
C THR A 24 -5.49 9.97 -49.17
N VAL A 25 -6.30 10.99 -49.41
CA VAL A 25 -6.05 11.95 -50.48
C VAL A 25 -6.05 13.36 -49.93
N GLY A 26 -5.23 14.22 -50.50
CA GLY A 26 -5.08 15.58 -50.04
C GLY A 26 -5.28 16.59 -51.16
N TYR A 27 -6.20 17.53 -50.94
CA TYR A 27 -6.47 18.59 -51.90
C TYR A 27 -6.05 19.93 -51.32
N VAL A 28 -5.75 20.85 -52.23
CA VAL A 28 -5.74 22.29 -51.96
C VAL A 28 -6.64 22.87 -53.05
N ASP A 29 -7.66 23.62 -52.66
CA ASP A 29 -8.70 24.03 -53.59
C ASP A 29 -9.22 22.76 -54.30
N ASP A 30 -9.14 22.73 -55.65
CA ASP A 30 -9.53 21.55 -56.43
C ASP A 30 -8.29 20.85 -57.05
N THR A 31 -7.13 21.04 -56.42
CA THR A 31 -5.88 20.44 -56.87
C THR A 31 -5.48 19.29 -55.94
N LEU A 32 -5.52 18.06 -56.45
CA LEU A 32 -5.04 16.90 -55.68
C LEU A 32 -3.51 16.95 -55.65
N PHE A 33 -2.93 16.85 -54.45
CA PHE A 33 -1.47 16.98 -54.32
C PHE A 33 -0.78 15.84 -53.57
N VAL A 34 -1.50 15.08 -52.76
CA VAL A 34 -0.89 13.98 -52.02
C VAL A 34 -1.83 12.78 -51.85
N ARG A 35 -1.26 11.58 -52.02
CA ARG A 35 -2.00 10.31 -52.05
C ARG A 35 -1.34 9.23 -51.18
N PHE A 36 -2.16 8.46 -50.48
CA PHE A 36 -1.68 7.30 -49.72
C PHE A 36 -2.65 6.13 -49.87
N ASP A 37 -2.11 4.94 -50.09
CA ASP A 37 -2.95 3.73 -50.26
C ASP A 37 -2.26 2.50 -49.69
N SER A 38 -2.88 1.89 -48.69
CA SER A 38 -2.27 0.81 -47.93
C SER A 38 -2.34 -0.53 -48.65
N ASP A 39 -2.01 -0.54 -49.94
CA ASP A 39 -2.12 -1.74 -50.75
C ASP A 39 -0.94 -2.06 -51.67
N ALA A 40 0.29 -1.77 -51.26
CA ALA A 40 0.91 -0.49 -51.45
C ALA A 40 1.45 -0.39 -52.91
N THR A 41 2.41 -1.23 -53.36
CA THR A 41 2.87 -2.47 -52.69
C THR A 41 3.79 -2.25 -51.47
N SER A 42 4.64 -1.23 -51.53
CA SER A 42 5.31 -0.70 -50.32
C SER A 42 4.83 0.74 -50.11
N PRO A 43 3.98 0.97 -49.09
CA PRO A 43 3.19 2.20 -49.08
C PRO A 43 3.93 3.39 -48.52
N ARG A 44 3.48 4.57 -48.94
CA ARG A 44 3.95 5.85 -48.41
C ARG A 44 3.22 6.98 -49.13
N LYS A 45 3.20 8.15 -48.51
CA LYS A 45 2.61 9.34 -49.12
C LYS A 45 3.31 9.67 -50.43
N GLU A 46 2.53 9.76 -51.51
CA GLU A 46 3.07 10.02 -52.85
C GLU A 46 2.64 11.41 -53.33
N PRO A 47 3.49 12.06 -54.12
CA PRO A 47 3.24 13.43 -54.57
C PRO A 47 2.50 13.48 -55.92
N ARG A 48 1.32 14.10 -55.94
CA ARG A 48 0.52 14.20 -57.17
C ARG A 48 0.45 15.62 -57.76
N ALA A 49 0.94 16.62 -57.02
CA ALA A 49 1.10 17.99 -57.54
C ALA A 49 2.58 18.27 -57.72
N PRO A 50 2.94 19.10 -58.71
CA PRO A 50 4.36 19.34 -58.99
C PRO A 50 5.00 20.23 -57.93
N TRP A 51 4.21 21.10 -57.32
CA TRP A 51 4.74 22.04 -56.33
C TRP A 51 4.99 21.40 -54.97
N ILE A 52 4.45 20.20 -54.75
CA ILE A 52 4.69 19.48 -53.50
C ILE A 52 5.93 18.59 -53.58
N GLU A 53 6.23 18.11 -54.78
CA GLU A 53 7.42 17.29 -55.02
C GLU A 53 8.64 17.92 -54.36
N GLN A 54 8.75 19.25 -54.43
CA GLN A 54 9.86 20.00 -53.83
C GLN A 54 9.68 20.17 -52.33
N GLU A 55 9.94 19.10 -51.59
CA GLU A 55 9.89 19.12 -50.12
C GLU A 55 11.02 18.25 -49.57
N GLY A 56 11.29 18.39 -48.29
CA GLY A 56 12.31 17.56 -47.64
C GLY A 56 11.87 16.10 -47.63
N PRO A 57 12.84 15.17 -47.50
CA PRO A 57 12.48 13.76 -47.32
C PRO A 57 11.92 13.50 -45.92
N GLU A 58 12.33 14.35 -44.98
CA GLU A 58 11.83 14.32 -43.62
C GLU A 58 10.36 14.74 -43.54
N TYR A 59 9.91 15.54 -44.52
CA TYR A 59 8.49 15.84 -44.67
C TYR A 59 7.74 14.57 -45.02
N TRP A 60 8.28 13.80 -45.95
CA TRP A 60 7.60 12.60 -46.42
C TRP A 60 7.54 11.49 -45.37
N ASP A 61 8.60 11.37 -44.57
CA ASP A 61 8.60 10.41 -43.45
C ASP A 61 7.53 10.70 -42.44
N ARG A 62 7.47 11.96 -41.99
CA ARG A 62 6.38 12.38 -41.12
C ARG A 62 5.06 11.88 -41.70
N GLU A 63 4.83 12.25 -42.96
CA GLU A 63 3.53 12.05 -43.60
C GLU A 63 3.20 10.58 -43.83
N THR A 64 4.20 9.78 -44.17
CA THR A 64 3.98 8.34 -44.32
C THR A 64 3.61 7.74 -42.97
N GLN A 65 4.50 7.93 -42.00
CA GLN A 65 4.31 7.38 -40.67
C GLN A 65 2.95 7.78 -40.06
N ILE A 66 2.42 8.95 -40.46
CA ILE A 66 1.08 9.36 -40.07
C ILE A 66 0.04 8.41 -40.66
N SER A 67 0.09 8.21 -41.96
CA SER A 67 -0.89 7.36 -42.62
C SER A 67 -0.66 5.87 -42.33
N LYS A 68 0.58 5.46 -42.17
CA LYS A 68 0.88 4.08 -41.73
C LYS A 68 0.32 3.83 -40.35
N THR A 69 0.44 4.81 -39.46
CA THR A 69 -0.17 4.74 -38.15
C THR A 69 -1.67 4.62 -38.34
N ASN A 70 -2.24 5.56 -39.07
CA ASN A 70 -3.68 5.57 -39.28
C ASN A 70 -4.22 4.31 -39.94
N THR A 71 -3.39 3.59 -40.68
CA THR A 71 -3.79 2.29 -41.21
C THR A 71 -4.34 1.42 -40.08
N GLN A 72 -3.52 1.21 -39.05
CA GLN A 72 -3.93 0.38 -37.92
C GLN A 72 -5.06 1.04 -37.15
N THR A 73 -4.88 2.31 -36.76
CA THR A 73 -5.86 3.00 -35.93
C THR A 73 -7.29 2.79 -36.44
N TYR A 74 -7.48 2.84 -37.76
CA TYR A 74 -8.82 2.73 -38.34
C TYR A 74 -9.29 1.29 -38.46
N ARG A 75 -8.37 0.37 -38.74
CA ARG A 75 -8.70 -1.05 -38.71
C ARG A 75 -9.32 -1.41 -37.34
N GLU A 76 -8.80 -0.76 -36.29
CA GLU A 76 -9.39 -0.84 -34.96
C GLU A 76 -10.76 -0.16 -34.97
N ASN A 77 -10.79 1.09 -35.45
CA ASN A 77 -12.02 1.90 -35.45
C ASN A 77 -13.18 1.26 -36.20
N LEU A 78 -12.86 0.53 -37.26
CA LEU A 78 -13.87 -0.22 -38.00
C LEU A 78 -14.49 -1.32 -37.14
N ARG A 79 -13.68 -1.92 -36.26
CA ARG A 79 -14.14 -3.00 -35.37
C ARG A 79 -14.81 -2.48 -34.11
N THR A 80 -14.36 -1.33 -33.62
CA THR A 80 -15.02 -0.70 -32.49
C THR A 80 -16.44 -0.30 -32.91
N ALA A 81 -16.60 0.04 -34.19
CA ALA A 81 -17.91 0.34 -34.75
C ALA A 81 -18.85 -0.86 -34.70
N LEU A 82 -18.35 -2.01 -35.14
CA LEU A 82 -19.14 -3.24 -35.17
C LEU A 82 -19.79 -3.54 -33.80
N ARG A 83 -19.06 -3.27 -32.72
CA ARG A 83 -19.59 -3.47 -31.37
C ARG A 83 -20.69 -2.49 -31.04
N TYR A 84 -20.47 -1.22 -31.37
CA TYR A 84 -21.44 -0.17 -31.10
C TYR A 84 -22.77 -0.43 -31.81
N TYR A 85 -22.70 -0.83 -33.07
CA TYR A 85 -23.89 -1.07 -33.89
C TYR A 85 -24.35 -2.52 -33.89
N ASN A 86 -23.66 -3.40 -33.15
CA ASN A 86 -24.00 -4.84 -33.08
C ASN A 86 -23.96 -5.56 -34.42
N GLN A 87 -23.05 -5.13 -35.30
CA GLN A 87 -23.04 -5.57 -36.69
C GLN A 87 -22.32 -6.91 -36.92
N SER A 88 -22.79 -7.65 -37.92
CA SER A 88 -22.23 -8.94 -38.32
C SER A 88 -20.79 -8.81 -38.83
N GLU A 89 -19.98 -9.83 -38.60
CA GLU A 89 -18.55 -9.81 -38.99
C GLU A 89 -18.35 -9.86 -40.51
N ALA A 90 -19.21 -10.61 -41.20
CA ALA A 90 -19.10 -10.81 -42.65
C ALA A 90 -19.38 -9.54 -43.44
N GLY A 91 -20.12 -8.62 -42.84
CA GLY A 91 -20.46 -7.36 -43.49
C GLY A 91 -19.25 -6.49 -43.80
N SER A 92 -19.32 -5.78 -44.92
CA SER A 92 -18.27 -4.84 -45.34
C SER A 92 -18.75 -3.42 -45.08
N HIS A 93 -17.92 -2.62 -44.42
CA HIS A 93 -18.30 -1.27 -43.99
C HIS A 93 -17.24 -0.24 -44.41
N ILE A 94 -17.57 1.03 -44.21
CA ILE A 94 -16.69 2.13 -44.59
C ILE A 94 -16.70 3.28 -43.55
N ILE A 95 -15.51 3.72 -43.14
CA ILE A 95 -15.37 4.98 -42.38
C ILE A 95 -14.80 6.06 -43.30
N GLN A 96 -15.32 7.27 -43.17
CA GLN A 96 -14.92 8.39 -44.01
C GLN A 96 -14.68 9.62 -43.16
N ARG A 97 -13.50 10.22 -43.29
CA ARG A 97 -13.17 11.43 -42.56
C ARG A 97 -12.77 12.54 -43.50
N MET A 98 -13.09 13.77 -43.10
CA MET A 98 -12.61 14.96 -43.77
C MET A 98 -12.27 16.01 -42.73
N TYR A 99 -11.04 16.50 -42.78
CA TYR A 99 -10.64 17.61 -41.94
C TYR A 99 -9.81 18.57 -42.78
N GLY A 100 -9.69 19.80 -42.29
CA GLY A 100 -9.01 20.84 -43.03
C GLY A 100 -9.38 22.24 -42.55
N CYS A 101 -8.99 23.25 -43.33
CA CYS A 101 -9.14 24.63 -42.92
C CYS A 101 -9.34 25.57 -44.11
N ASP A 102 -10.01 26.69 -43.85
CA ASP A 102 -10.18 27.77 -44.84
C ASP A 102 -9.46 29.03 -44.34
N VAL A 103 -8.82 29.76 -45.26
CA VAL A 103 -7.88 30.81 -44.85
C VAL A 103 -8.55 32.20 -44.60
N GLY A 104 -8.75 33.11 -45.57
CA GLY A 104 -8.38 33.01 -46.97
C GLY A 104 -7.50 34.16 -47.44
N PRO A 105 -8.12 35.27 -47.88
CA PRO A 105 -7.41 36.17 -48.78
C PRO A 105 -6.35 37.13 -48.26
N ASP A 106 -6.49 37.74 -47.10
CA ASP A 106 -5.60 37.56 -45.96
C ASP A 106 -5.77 36.41 -45.02
N GLY A 107 -4.70 35.99 -44.34
CA GLY A 107 -3.96 34.77 -44.59
C GLY A 107 -4.17 34.01 -43.27
N ARG A 108 -5.29 34.32 -42.60
CA ARG A 108 -5.59 33.84 -41.24
C ARG A 108 -6.43 32.55 -41.29
N LEU A 109 -7.17 32.24 -40.23
CA LEU A 109 -8.18 31.20 -40.27
C LEU A 109 -9.54 31.84 -40.57
N LEU A 110 -10.45 31.07 -41.16
CA LEU A 110 -11.85 31.50 -41.33
C LEU A 110 -12.78 30.55 -40.62
N ARG A 111 -12.66 29.26 -40.95
CA ARG A 111 -13.33 28.21 -40.16
C ARG A 111 -12.61 26.86 -40.27
N GLY A 112 -12.92 25.97 -39.33
CA GLY A 112 -12.30 24.66 -39.25
C GLY A 112 -13.27 23.55 -39.58
N TYR A 113 -12.74 22.46 -40.14
CA TYR A 113 -13.52 21.27 -40.46
C TYR A 113 -12.86 20.06 -39.84
N ASP A 114 -13.67 19.18 -39.24
CA ASP A 114 -13.24 17.85 -38.85
C ASP A 114 -14.48 16.98 -38.70
N GLN A 115 -14.70 16.09 -39.66
CA GLN A 115 -15.98 15.41 -39.81
C GLN A 115 -15.77 13.95 -40.13
N TYR A 116 -16.41 13.07 -39.37
CA TYR A 116 -16.33 11.63 -39.60
C TYR A 116 -17.70 11.10 -40.05
N ALA A 117 -17.68 9.95 -40.74
CA ALA A 117 -18.90 9.34 -41.26
C ALA A 117 -18.79 7.81 -41.40
N TYR A 118 -19.88 7.10 -41.07
CA TYR A 118 -19.90 5.64 -41.10
C TYR A 118 -20.89 5.14 -42.14
N ASP A 119 -20.44 4.26 -43.02
CA ASP A 119 -21.27 3.71 -44.11
C ASP A 119 -22.08 4.80 -44.82
N GLY A 120 -21.43 5.93 -45.08
CA GLY A 120 -22.09 7.06 -45.73
C GLY A 120 -23.18 7.73 -44.90
N LYS A 121 -22.95 7.85 -43.59
CA LYS A 121 -23.87 8.54 -42.70
C LYS A 121 -23.05 9.41 -41.74
N ASP A 122 -23.54 10.61 -41.45
CA ASP A 122 -22.91 11.49 -40.45
C ASP A 122 -22.76 10.76 -39.13
N TYR A 123 -21.52 10.65 -38.63
CA TYR A 123 -21.23 9.97 -37.36
C TYR A 123 -20.94 10.98 -36.25
N ILE A 124 -19.80 11.66 -36.36
CA ILE A 124 -19.47 12.72 -35.43
C ILE A 124 -18.97 13.91 -36.23
N ALA A 125 -19.07 15.10 -35.67
CA ALA A 125 -18.63 16.30 -36.34
C ALA A 125 -18.01 17.29 -35.34
N LEU A 126 -16.90 17.91 -35.73
CA LEU A 126 -16.35 19.01 -34.96
C LEU A 126 -17.09 20.28 -35.37
N ASN A 127 -17.68 20.96 -34.40
CA ASN A 127 -18.48 22.15 -34.67
C ASN A 127 -17.58 23.30 -35.10
N GLU A 128 -18.20 24.39 -35.55
CA GLU A 128 -17.43 25.53 -36.07
C GLU A 128 -16.82 26.39 -34.96
N ASP A 129 -17.15 26.10 -33.70
CA ASP A 129 -16.51 26.77 -32.56
C ASP A 129 -15.24 26.06 -32.09
N LEU A 130 -14.94 24.90 -32.70
CA LEU A 130 -13.64 24.22 -32.51
C LEU A 130 -13.34 23.83 -31.05
N SER A 131 -14.37 23.51 -30.29
CA SER A 131 -14.22 23.10 -28.89
C SER A 131 -15.28 22.11 -28.39
N SER A 132 -16.28 21.82 -29.22
CA SER A 132 -17.35 20.88 -28.87
C SER A 132 -17.71 20.06 -30.10
N TRP A 133 -18.44 18.96 -29.88
CA TRP A 133 -18.73 18.01 -30.95
C TRP A 133 -20.24 17.82 -31.17
N THR A 134 -20.58 17.34 -32.36
CA THR A 134 -21.96 16.97 -32.71
C THR A 134 -22.05 15.46 -32.88
N ALA A 135 -22.85 14.83 -32.02
CA ALA A 135 -23.10 13.39 -32.07
C ALA A 135 -24.36 13.11 -32.90
N ALA A 136 -24.21 12.36 -33.98
CA ALA A 136 -25.31 12.09 -34.89
C ALA A 136 -26.29 11.09 -34.30
N ASP A 137 -25.77 9.94 -33.90
CA ASP A 137 -26.58 8.85 -33.31
C ASP A 137 -26.07 8.53 -31.91
N THR A 138 -26.74 7.59 -31.24
CA THR A 138 -26.36 7.18 -29.89
C THR A 138 -25.02 6.44 -29.84
N ALA A 139 -24.58 5.91 -30.98
CA ALA A 139 -23.27 5.25 -31.10
C ALA A 139 -22.12 6.27 -31.12
N ALA A 140 -22.31 7.38 -31.81
CA ALA A 140 -21.31 8.43 -31.85
C ALA A 140 -21.09 9.06 -30.49
N GLN A 141 -22.14 9.08 -29.68
CA GLN A 141 -22.05 9.67 -28.34
C GLN A 141 -21.02 8.99 -27.46
N ILE A 142 -20.85 7.66 -27.62
CA ILE A 142 -19.72 6.95 -27.00
C ILE A 142 -18.58 7.91 -27.30
N THR A 143 -18.34 8.23 -28.57
CA THR A 143 -17.02 8.29 -29.17
C THR A 143 -16.79 9.81 -28.97
N GLN A 144 -17.90 10.54 -28.69
CA GLN A 144 -17.84 11.93 -28.23
C GLN A 144 -17.28 11.99 -26.82
N ARG A 145 -17.91 11.27 -25.89
CA ARG A 145 -17.49 11.29 -24.48
C ARG A 145 -16.04 10.84 -24.33
N LYS A 146 -15.58 10.00 -25.25
CA LYS A 146 -14.16 9.63 -25.31
C LYS A 146 -13.29 10.87 -25.54
N TRP A 147 -13.65 11.65 -26.55
CA TRP A 147 -12.84 12.78 -26.97
C TRP A 147 -13.03 13.97 -26.04
N GLU A 148 -14.24 14.11 -25.50
CA GLU A 148 -14.50 15.12 -24.48
C GLU A 148 -13.46 15.04 -23.38
N ALA A 149 -13.37 13.87 -22.75
CA ALA A 149 -12.49 13.64 -21.60
C ALA A 149 -11.02 13.63 -21.98
N ALA A 150 -10.73 13.27 -23.23
CA ALA A 150 -9.36 13.24 -23.74
C ALA A 150 -8.89 14.61 -24.25
N ARG A 151 -9.74 15.62 -24.12
CA ARG A 151 -9.42 16.98 -24.56
C ARG A 151 -8.88 16.99 -25.99
N VAL A 152 -9.60 16.30 -26.88
CA VAL A 152 -9.22 16.26 -28.29
C VAL A 152 -9.57 17.57 -28.96
N ALA A 153 -10.58 18.26 -28.42
CA ALA A 153 -10.98 19.57 -28.92
C ALA A 153 -9.76 20.43 -29.25
N GLU A 154 -8.99 20.76 -28.23
CA GLU A 154 -7.89 21.73 -28.35
C GLU A 154 -6.80 21.31 -29.36
N GLN A 155 -6.45 20.04 -29.36
CA GLN A 155 -5.55 19.48 -30.36
C GLN A 155 -6.49 18.82 -31.37
N ASP A 156 -7.46 19.54 -31.94
CA ASP A 156 -7.38 20.18 -33.24
C ASP A 156 -7.07 21.66 -33.24
N ARG A 157 -7.91 22.42 -32.57
CA ARG A 157 -7.86 23.88 -32.66
C ARG A 157 -6.44 24.41 -32.77
N ALA A 158 -5.52 23.87 -31.98
CA ALA A 158 -4.12 24.28 -32.02
C ALA A 158 -3.53 24.04 -33.40
N TYR A 159 -3.81 22.88 -33.96
CA TYR A 159 -3.33 22.54 -35.30
C TYR A 159 -4.03 23.38 -36.36
N LEU A 160 -5.36 23.44 -36.30
CA LEU A 160 -6.17 24.12 -37.33
C LEU A 160 -5.88 25.62 -37.41
N GLU A 161 -5.61 26.24 -36.27
CA GLU A 161 -5.17 27.63 -36.19
C GLU A 161 -3.66 27.78 -36.41
N GLY A 162 -2.92 26.68 -36.28
CA GLY A 162 -1.46 26.67 -36.48
C GLY A 162 -0.99 26.02 -37.77
N LEU A 163 -0.50 24.79 -37.65
CA LEU A 163 0.12 24.08 -38.77
C LEU A 163 -0.76 23.95 -40.03
N CYS A 164 -2.09 23.96 -39.89
CA CYS A 164 -2.98 23.86 -41.05
C CYS A 164 -2.81 25.07 -41.95
N VAL A 165 -3.06 26.24 -41.39
CA VAL A 165 -2.97 27.50 -42.15
C VAL A 165 -1.51 27.83 -42.47
N GLU A 166 -0.61 27.47 -41.56
CA GLU A 166 0.81 27.68 -41.79
C GLU A 166 1.25 26.96 -43.06
N SER A 167 1.01 25.65 -43.10
CA SER A 167 1.44 24.83 -44.23
C SER A 167 0.74 25.23 -45.52
N LEU A 168 -0.53 25.59 -45.41
CA LEU A 168 -1.33 25.98 -46.57
C LEU A 168 -0.71 27.21 -47.22
N ARG A 169 -0.47 28.26 -46.43
CA ARG A 169 0.19 29.47 -46.94
C ARG A 169 1.50 29.12 -47.64
N ARG A 170 2.21 28.13 -47.11
CA ARG A 170 3.45 27.65 -47.72
C ARG A 170 3.18 26.99 -49.06
N TYR A 171 2.20 26.08 -49.09
CA TYR A 171 1.82 25.39 -50.32
C TYR A 171 1.41 26.39 -51.42
N LEU A 172 0.61 27.38 -51.04
CA LEU A 172 0.12 28.36 -51.98
C LEU A 172 1.27 29.09 -52.66
N GLU A 173 2.10 29.76 -51.86
CA GLU A 173 3.27 30.46 -52.38
C GLU A 173 4.11 29.52 -53.27
N ASN A 174 4.42 28.33 -52.78
CA ASN A 174 5.29 27.39 -53.51
C ASN A 174 4.77 27.02 -54.89
N GLY A 175 3.46 26.89 -55.01
CA GLY A 175 2.85 26.60 -56.30
C GLY A 175 1.88 27.69 -56.73
N LYS A 176 2.22 28.93 -56.42
CA LYS A 176 1.32 30.06 -56.67
C LYS A 176 0.83 30.10 -58.11
N GLU A 177 1.74 29.92 -59.05
CA GLU A 177 1.43 30.17 -60.44
C GLU A 177 0.45 29.18 -61.05
N THR A 178 0.11 28.10 -60.35
CA THR A 178 -0.98 27.21 -60.79
C THR A 178 -2.21 27.35 -59.87
N LEU A 179 -1.96 27.62 -58.58
CA LEU A 179 -3.02 27.64 -57.59
C LEU A 179 -3.69 28.99 -57.45
N GLN A 180 -2.92 30.07 -57.54
CA GLN A 180 -3.48 31.43 -57.39
C GLN A 180 -3.59 32.15 -58.71
N ARG A 181 -4.08 31.42 -59.70
CA ARG A 181 -4.21 31.98 -61.02
C ARG A 181 -5.41 31.36 -61.71
N ALA A 182 -6.58 31.91 -61.42
CA ALA A 182 -7.84 31.41 -61.95
C ALA A 182 -7.87 31.49 -63.47
N ASP A 183 -8.43 30.47 -64.11
CA ASP A 183 -8.54 30.43 -65.56
C ASP A 183 -9.98 30.63 -66.00
N PRO A 184 -10.20 31.55 -66.95
CA PRO A 184 -11.55 31.79 -67.44
C PRO A 184 -12.06 30.65 -68.32
N PRO A 185 -13.37 30.36 -68.28
CA PRO A 185 -13.94 29.34 -69.16
C PRO A 185 -14.10 29.86 -70.58
N LYS A 186 -13.73 29.04 -71.55
CA LYS A 186 -13.89 29.39 -72.96
C LYS A 186 -15.32 29.04 -73.34
N THR A 187 -16.15 30.06 -73.49
CA THR A 187 -17.58 29.90 -73.61
C THR A 187 -18.08 30.01 -75.06
N HIS A 188 -19.03 29.15 -75.42
CA HIS A 188 -19.76 29.30 -76.67
C HIS A 188 -21.18 28.74 -76.53
N VAL A 189 -22.05 29.07 -77.48
CA VAL A 189 -23.45 28.63 -77.44
C VAL A 189 -23.83 27.94 -78.75
N THR A 190 -24.23 26.67 -78.64
CA THR A 190 -24.52 25.81 -79.80
C THR A 190 -26.02 25.62 -80.03
N HIS A 191 -26.38 25.34 -81.29
CA HIS A 191 -27.76 25.22 -81.72
C HIS A 191 -28.13 23.74 -81.96
N HIS A 192 -29.27 23.29 -81.44
CA HIS A 192 -29.59 21.86 -81.43
C HIS A 192 -31.05 21.40 -81.44
N PRO A 193 -31.59 20.97 -82.59
CA PRO A 193 -31.99 21.78 -83.72
C PRO A 193 -33.29 22.55 -83.38
N ILE A 194 -34.44 21.95 -83.03
CA ILE A 194 -34.77 20.50 -82.99
C ILE A 194 -35.99 20.37 -83.95
N SER A 195 -37.20 20.83 -83.59
CA SER A 195 -38.37 20.00 -83.30
C SER A 195 -39.27 19.77 -84.56
N ASP A 196 -39.29 20.65 -85.58
CA ASP A 196 -38.51 21.90 -85.71
C ASP A 196 -39.11 23.10 -84.97
N HIS A 197 -40.45 23.15 -84.85
CA HIS A 197 -41.13 24.27 -84.19
C HIS A 197 -40.89 24.30 -82.68
N GLU A 198 -39.61 24.42 -82.31
CA GLU A 198 -39.10 24.31 -80.94
C GLU A 198 -37.62 23.94 -81.09
N VAL A 199 -36.73 24.64 -80.37
CA VAL A 199 -35.30 24.34 -80.43
C VAL A 199 -34.71 24.12 -79.04
N THR A 200 -33.46 23.65 -79.02
CA THR A 200 -32.66 23.59 -77.80
C THR A 200 -31.36 24.34 -78.06
N LEU A 201 -31.15 25.44 -77.35
CA LEU A 201 -29.84 26.09 -77.31
C LEU A 201 -29.00 25.34 -76.29
N ARG A 202 -27.70 25.63 -76.22
CA ARG A 202 -26.83 25.02 -75.22
C ARG A 202 -25.62 25.88 -74.90
N CYS A 203 -25.59 26.42 -73.68
CA CYS A 203 -24.52 27.31 -73.26
C CYS A 203 -23.36 26.52 -72.67
N TRP A 204 -22.23 26.51 -73.39
CA TRP A 204 -21.06 25.71 -73.01
C TRP A 204 -20.03 26.49 -72.19
N ALA A 205 -19.59 25.89 -71.07
CA ALA A 205 -18.45 26.37 -70.29
C ALA A 205 -17.39 25.29 -70.31
N LEU A 206 -16.16 25.66 -70.67
CA LEU A 206 -15.07 24.68 -70.85
C LEU A 206 -13.70 25.21 -70.41
N GLY A 207 -12.84 24.31 -69.97
CA GLY A 207 -11.42 24.60 -69.72
C GLY A 207 -11.13 25.65 -68.67
N PHE A 208 -11.77 25.54 -67.51
CA PHE A 208 -11.65 26.53 -66.45
C PHE A 208 -11.34 25.90 -65.10
N TYR A 209 -10.92 26.77 -64.17
CA TYR A 209 -10.57 26.38 -62.79
C TYR A 209 -10.72 27.60 -61.89
N PRO A 210 -11.22 27.42 -60.67
CA PRO A 210 -11.70 26.19 -60.01
C PRO A 210 -13.07 25.74 -60.52
N ALA A 211 -13.63 24.71 -59.88
CA ALA A 211 -14.91 24.13 -60.30
C ALA A 211 -16.11 25.05 -60.06
N GLU A 212 -15.99 25.98 -59.10
CA GLU A 212 -17.04 26.97 -58.80
C GLU A 212 -17.37 27.84 -60.02
N ILE A 213 -18.65 27.86 -60.38
CA ILE A 213 -19.14 28.54 -61.59
C ILE A 213 -20.67 28.57 -61.56
N THR A 214 -21.28 29.55 -62.25
CA THR A 214 -22.74 29.61 -62.38
C THR A 214 -23.18 29.92 -63.81
N LEU A 215 -23.92 28.99 -64.39
CA LEU A 215 -24.48 29.13 -65.74
C LEU A 215 -25.99 29.03 -65.67
N THR A 216 -26.68 30.14 -65.96
CA THR A 216 -28.14 30.21 -65.87
C THR A 216 -28.79 31.55 -66.15
N TRP A 217 -29.76 31.65 -67.05
CA TRP A 217 -29.63 32.33 -68.36
C TRP A 217 -30.89 32.40 -69.20
N GLN A 218 -31.16 33.52 -69.89
CA GLN A 218 -32.15 34.54 -69.48
C GLN A 218 -33.32 34.27 -70.44
N ARG A 219 -34.31 35.13 -70.63
CA ARG A 219 -34.53 35.89 -71.87
C ARG A 219 -34.57 37.40 -71.78
N ASP A 220 -35.48 37.92 -70.97
CA ASP A 220 -35.55 39.36 -70.74
C ASP A 220 -34.65 39.87 -69.59
N GLY A 221 -34.49 39.16 -68.47
CA GLY A 221 -35.15 37.90 -68.15
C GLY A 221 -35.55 37.79 -66.71
N GLU A 222 -35.63 36.59 -66.13
CA GLU A 222 -34.66 36.07 -65.14
C GLU A 222 -33.50 35.12 -65.51
N ASP A 223 -33.73 33.96 -66.13
CA ASP A 223 -35.05 33.39 -66.46
C ASP A 223 -35.24 32.28 -65.40
N GLN A 224 -34.79 31.04 -65.60
CA GLN A 224 -35.29 30.08 -66.59
C GLN A 224 -36.45 29.20 -66.04
N THR A 225 -36.58 28.91 -64.74
CA THR A 225 -35.53 28.96 -63.71
C THR A 225 -34.97 27.55 -63.38
N GLN A 226 -35.36 26.51 -64.14
CA GLN A 226 -36.43 25.52 -63.86
C GLN A 226 -36.55 24.49 -64.99
N ASP A 227 -36.27 24.91 -66.24
CA ASP A 227 -36.39 24.01 -67.40
C ASP A 227 -35.54 22.72 -67.29
N THR A 228 -34.22 22.77 -67.10
CA THR A 228 -33.37 23.97 -67.22
C THR A 228 -32.70 23.99 -68.61
N GLU A 229 -31.75 23.11 -68.92
CA GLU A 229 -31.32 21.95 -68.13
C GLU A 229 -29.86 22.08 -67.70
N LEU A 230 -29.62 22.09 -66.39
CA LEU A 230 -28.25 22.15 -65.86
C LEU A 230 -27.67 20.74 -65.87
N VAL A 231 -26.34 20.65 -65.85
CA VAL A 231 -25.66 19.35 -65.76
C VAL A 231 -24.52 19.43 -64.75
N GLU A 232 -24.22 18.30 -64.10
CA GLU A 232 -23.20 18.23 -63.05
C GLU A 232 -21.87 18.78 -63.57
N THR A 233 -21.21 19.62 -62.76
CA THR A 233 -19.91 20.17 -63.14
C THR A 233 -18.86 19.05 -63.17
N ARG A 234 -18.44 18.69 -64.38
CA ARG A 234 -17.61 17.52 -64.60
C ARG A 234 -16.17 17.94 -64.86
N PRO A 235 -15.21 17.08 -64.48
CA PRO A 235 -13.79 17.37 -64.67
C PRO A 235 -13.31 17.01 -66.06
N ALA A 236 -12.59 17.94 -66.69
CA ALA A 236 -12.11 17.76 -68.06
C ALA A 236 -11.06 16.66 -68.12
N GLY A 237 -10.22 16.60 -67.08
CA GLY A 237 -9.13 15.64 -67.02
C GLY A 237 -7.78 16.31 -66.94
N ASP A 238 -7.69 17.54 -67.45
CA ASP A 238 -6.45 18.32 -67.42
C ASP A 238 -6.46 19.35 -66.29
N ARG A 239 -7.04 18.96 -65.15
CA ARG A 239 -7.21 19.85 -64.01
C ARG A 239 -7.99 21.11 -64.40
N THR A 240 -8.86 20.97 -65.40
CA THR A 240 -9.84 22.00 -65.75
C THR A 240 -11.21 21.35 -65.71
N PHE A 241 -12.27 22.15 -65.80
CA PHE A 241 -13.62 21.64 -65.59
C PHE A 241 -14.60 22.08 -66.69
N GLN A 242 -15.79 21.49 -66.68
CA GLN A 242 -16.78 21.70 -67.72
C GLN A 242 -18.18 21.84 -67.13
N LYS A 243 -19.10 22.42 -67.91
CA LYS A 243 -20.51 22.57 -67.52
C LYS A 243 -21.35 23.14 -68.69
N TRP A 244 -22.64 22.82 -68.72
CA TRP A 244 -23.64 23.55 -69.55
C TRP A 244 -24.95 23.58 -68.75
N ALA A 245 -25.66 24.72 -68.71
CA ALA A 245 -27.05 24.91 -69.18
C ALA A 245 -27.51 24.65 -70.62
N ALA A 246 -28.80 24.29 -70.74
CA ALA A 246 -29.46 24.12 -72.03
C ALA A 246 -29.66 25.51 -72.68
N VAL A 247 -30.88 26.00 -73.01
CA VAL A 247 -32.22 25.55 -72.61
C VAL A 247 -33.07 25.18 -73.83
N VAL A 248 -34.34 24.86 -73.59
CA VAL A 248 -35.30 24.59 -74.67
C VAL A 248 -36.23 25.77 -74.93
N VAL A 249 -36.17 26.34 -76.13
CA VAL A 249 -36.96 27.52 -76.49
C VAL A 249 -37.61 27.35 -77.87
N PRO A 250 -38.71 28.09 -78.15
CA PRO A 250 -39.37 27.99 -79.46
C PRO A 250 -38.49 28.48 -80.62
N SER A 251 -38.71 27.93 -81.81
CA SER A 251 -37.83 28.18 -82.95
C SER A 251 -38.13 29.50 -83.63
N GLY A 252 -37.08 30.16 -84.10
CA GLY A 252 -37.18 31.47 -84.73
C GLY A 252 -37.52 32.58 -83.75
N GLU A 253 -37.36 32.32 -82.45
CA GLU A 253 -37.68 33.32 -81.42
C GLU A 253 -36.84 34.61 -81.55
N GLU A 254 -35.56 34.63 -81.18
CA GLU A 254 -34.76 33.52 -80.62
C GLU A 254 -33.51 34.11 -79.95
N GLN A 255 -33.01 35.21 -80.52
CA GLN A 255 -32.01 36.07 -79.89
C GLN A 255 -32.52 36.78 -78.63
N ARG A 256 -33.67 36.36 -78.12
CA ARG A 256 -34.14 36.80 -76.80
C ARG A 256 -33.25 36.27 -75.68
N TYR A 257 -32.83 35.01 -75.82
CA TYR A 257 -32.21 34.27 -74.72
C TYR A 257 -30.71 34.56 -74.62
N THR A 258 -30.29 35.01 -73.44
CA THR A 258 -28.94 35.52 -73.19
C THR A 258 -28.27 34.76 -72.04
N CYS A 259 -27.01 34.36 -72.24
CA CYS A 259 -26.29 33.53 -71.25
C CYS A 259 -25.15 34.25 -70.54
N HIS A 260 -24.58 33.68 -69.47
CA HIS A 260 -24.70 34.18 -68.10
C HIS A 260 -24.06 33.36 -66.97
N VAL A 261 -22.82 33.65 -66.56
CA VAL A 261 -21.60 32.88 -66.84
C VAL A 261 -20.58 33.30 -65.80
N GLN A 262 -20.99 33.24 -64.54
CA GLN A 262 -20.21 33.81 -63.43
C GLN A 262 -19.03 32.91 -63.06
N HIS A 263 -17.83 33.48 -63.14
CA HIS A 263 -16.61 32.80 -62.70
C HIS A 263 -15.67 33.82 -62.08
N GLU A 264 -14.82 33.35 -61.17
CA GLU A 264 -13.82 34.22 -60.53
C GLU A 264 -12.56 34.44 -61.39
N GLY A 265 -12.38 33.60 -62.40
CA GLY A 265 -11.37 33.83 -63.42
C GLY A 265 -11.68 35.10 -64.19
N LEU A 266 -12.90 35.18 -64.72
CA LEU A 266 -13.37 36.38 -65.44
C LEU A 266 -13.30 37.55 -64.43
N PRO A 267 -13.01 38.79 -64.86
CA PRO A 267 -13.89 39.95 -65.05
C PRO A 267 -14.70 39.76 -66.30
N LYS A 268 -16.01 39.54 -66.18
CA LYS A 268 -17.04 40.55 -66.33
C LYS A 268 -18.14 40.54 -65.24
N PRO A 269 -18.99 39.47 -65.17
CA PRO A 269 -19.12 38.21 -65.91
C PRO A 269 -19.89 38.30 -67.24
N LEU A 270 -19.57 37.38 -68.14
CA LEU A 270 -19.92 37.48 -69.57
C LEU A 270 -21.41 37.42 -69.89
N THR A 271 -21.75 37.77 -71.12
CA THR A 271 -23.10 37.60 -71.68
C THR A 271 -23.00 37.09 -73.11
N LEU A 272 -23.49 35.89 -73.36
CA LEU A 272 -23.44 35.26 -74.70
C LEU A 272 -24.83 35.01 -75.30
N ARG A 273 -24.84 34.80 -76.61
CA ARG A 273 -26.05 34.48 -77.35
C ARG A 273 -25.72 33.53 -78.49
N TRP A 274 -26.75 32.95 -79.11
CA TRP A 274 -26.58 32.23 -80.37
C TRP A 274 -26.06 33.24 -81.40
N GLU A 275 -25.11 32.82 -82.23
CA GLU A 275 -24.29 33.78 -83.00
C GLU A 275 -24.83 34.21 -84.41
N PRO A 276 -24.95 33.29 -85.41
CA PRO A 276 -24.69 31.85 -85.50
C PRO A 276 -23.22 31.51 -85.75
N ILE B 1 -24.23 3.38 -46.92
CA ILE B 1 -25.67 3.08 -47.10
C ILE B 1 -26.41 4.33 -47.60
N GLN B 2 -26.81 4.39 -48.88
CA GLN B 2 -26.42 3.46 -49.94
C GLN B 2 -26.83 4.04 -51.32
N ARG B 3 -26.02 4.94 -51.87
CA ARG B 3 -26.38 5.71 -53.08
C ARG B 3 -26.02 5.05 -54.41
N THR B 4 -26.84 5.28 -55.43
CA THR B 4 -26.57 4.82 -56.79
C THR B 4 -25.87 5.94 -57.55
N PRO B 5 -24.99 5.58 -58.51
CA PRO B 5 -24.14 6.59 -59.15
C PRO B 5 -24.84 7.41 -60.21
N LYS B 6 -24.21 8.53 -60.55
CA LYS B 6 -24.62 9.39 -61.65
C LYS B 6 -23.48 9.42 -62.67
N ILE B 7 -23.82 9.43 -63.95
CA ILE B 7 -22.84 9.23 -65.02
C ILE B 7 -22.91 10.31 -66.10
N GLN B 8 -21.74 10.80 -66.52
CA GLN B 8 -21.61 11.65 -67.68
C GLN B 8 -20.49 11.12 -68.55
N VAL B 9 -20.70 11.04 -69.86
CA VAL B 9 -19.66 10.59 -70.79
C VAL B 9 -19.39 11.67 -71.80
N TYR B 10 -18.10 11.98 -72.01
CA TYR B 10 -17.72 13.17 -72.78
C TYR B 10 -16.24 13.21 -73.15
N SER B 11 -15.88 14.16 -74.00
CA SER B 11 -14.50 14.33 -74.45
C SER B 11 -13.88 15.54 -73.75
N ARG B 12 -12.56 15.43 -73.49
CA ARG B 12 -11.80 16.48 -72.80
C ARG B 12 -11.85 17.79 -73.59
N HIS B 13 -11.49 17.70 -74.86
CA HIS B 13 -11.66 18.80 -75.80
C HIS B 13 -12.75 18.36 -76.77
N PRO B 14 -13.61 19.30 -77.20
CA PRO B 14 -14.71 18.89 -78.09
C PRO B 14 -14.17 18.17 -79.32
N ALA B 15 -14.88 17.14 -79.78
CA ALA B 15 -14.45 16.37 -80.97
C ALA B 15 -14.98 17.12 -82.20
N GLU B 16 -14.29 17.11 -83.33
CA GLU B 16 -14.50 16.16 -84.44
C GLU B 16 -13.19 15.51 -84.92
N ASN B 17 -13.15 14.92 -86.12
CA ASN B 17 -13.30 13.50 -86.38
C ASN B 17 -11.87 13.06 -86.70
N GLY B 18 -11.25 12.28 -85.82
CA GLY B 18 -9.82 11.92 -85.90
C GLY B 18 -8.96 13.17 -85.94
N LYS B 19 -9.19 14.15 -85.08
CA LYS B 19 -8.41 14.49 -83.88
C LYS B 19 -8.47 13.51 -82.70
N SER B 20 -7.92 13.85 -81.54
CA SER B 20 -6.55 13.51 -81.14
C SER B 20 -6.59 12.43 -80.04
N ASN B 21 -7.72 12.14 -79.38
CA ASN B 21 -8.47 13.03 -78.47
C ASN B 21 -8.60 12.25 -77.15
N PHE B 22 -9.33 12.79 -76.17
CA PHE B 22 -9.57 12.10 -74.88
C PHE B 22 -11.06 11.79 -74.69
N LEU B 23 -11.36 10.70 -74.00
CA LEU B 23 -12.72 10.29 -73.68
C LEU B 23 -12.84 10.03 -72.18
N ASN B 24 -13.85 10.62 -71.55
CA ASN B 24 -14.03 10.56 -70.09
C ASN B 24 -15.35 9.90 -69.66
N CYS B 25 -15.32 9.24 -68.49
CA CYS B 25 -16.54 8.83 -67.78
C CYS B 25 -16.48 9.20 -66.30
N TYR B 26 -17.18 10.28 -65.95
CA TYR B 26 -17.18 10.79 -64.58
C TYR B 26 -18.39 10.26 -63.84
N VAL B 27 -18.15 9.33 -62.92
CA VAL B 27 -19.20 8.83 -62.02
C VAL B 27 -19.11 9.57 -60.68
N SER B 28 -20.26 9.84 -60.07
CA SER B 28 -20.32 10.67 -58.86
C SER B 28 -21.56 10.38 -58.02
N GLY B 29 -21.52 10.84 -56.77
CA GLY B 29 -22.68 10.79 -55.91
C GLY B 29 -23.14 9.39 -55.57
N PHE B 30 -22.18 8.49 -55.35
CA PHE B 30 -22.49 7.08 -55.05
C PHE B 30 -21.80 6.56 -53.79
N HIS B 31 -22.31 5.44 -53.27
CA HIS B 31 -21.80 4.86 -52.04
C HIS B 31 -22.44 3.49 -51.86
N PRO B 32 -21.66 2.44 -51.52
CA PRO B 32 -20.22 2.40 -51.22
C PRO B 32 -19.34 2.60 -52.44
N SER B 33 -18.02 2.50 -52.23
CA SER B 33 -17.00 2.80 -53.26
C SER B 33 -16.75 1.66 -54.25
N ASP B 34 -17.28 0.47 -53.97
CA ASP B 34 -17.04 -0.65 -54.86
C ASP B 34 -17.82 -0.46 -56.15
N ILE B 35 -17.12 0.03 -57.17
CA ILE B 35 -17.69 0.36 -58.49
C ILE B 35 -16.95 -0.41 -59.60
N GLU B 36 -17.64 -0.67 -60.72
CA GLU B 36 -17.02 -1.32 -61.87
C GLU B 36 -17.37 -0.57 -63.17
N VAL B 37 -16.43 0.22 -63.66
CA VAL B 37 -16.61 1.05 -64.86
C VAL B 37 -15.77 0.52 -66.03
N ASP B 38 -16.38 0.41 -67.20
CA ASP B 38 -15.69 0.04 -68.45
C ASP B 38 -16.13 0.99 -69.55
N LEU B 39 -15.18 1.57 -70.28
CA LEU B 39 -15.50 2.37 -71.47
C LEU B 39 -15.58 1.43 -72.67
N LEU B 40 -16.71 1.44 -73.39
CA LEU B 40 -16.91 0.51 -74.51
C LEU B 40 -16.68 1.11 -75.91
N LYS B 41 -16.46 0.24 -76.88
CA LYS B 41 -16.23 0.63 -78.27
C LYS B 41 -16.95 -0.31 -79.23
N ASN B 42 -17.96 0.22 -79.91
CA ASN B 42 -18.77 -0.57 -80.84
C ASN B 42 -19.33 -1.86 -80.23
N GLY B 43 -19.50 -1.85 -78.90
CA GLY B 43 -19.89 -3.05 -78.16
C GLY B 43 -18.78 -3.57 -77.29
N GLU B 44 -17.57 -3.66 -77.83
CA GLU B 44 -16.44 -4.30 -77.13
C GLU B 44 -15.77 -3.42 -76.03
N ARG B 45 -14.59 -3.82 -75.56
CA ARG B 45 -14.12 -3.50 -74.20
C ARG B 45 -13.66 -2.07 -73.91
N ILE B 46 -13.15 -1.27 -74.86
CA ILE B 46 -11.72 -1.01 -75.12
C ILE B 46 -10.80 -1.20 -73.90
N GLU B 47 -9.68 -1.88 -74.13
CA GLU B 47 -8.87 -2.43 -73.04
C GLU B 47 -8.01 -1.37 -72.33
N LYS B 48 -7.71 -1.67 -71.06
CA LYS B 48 -6.72 -0.95 -70.24
C LYS B 48 -6.91 0.57 -70.22
N VAL B 49 -8.05 0.99 -69.65
CA VAL B 49 -8.39 2.41 -69.53
C VAL B 49 -7.92 2.88 -68.17
N GLU B 50 -7.13 3.96 -68.15
CA GLU B 50 -6.68 4.57 -66.90
C GLU B 50 -7.85 5.18 -66.12
N HIS B 51 -7.74 5.19 -64.79
CA HIS B 51 -8.73 5.84 -63.95
C HIS B 51 -8.06 6.67 -62.87
N SER B 52 -8.77 7.67 -62.38
CA SER B 52 -8.20 8.62 -61.43
C SER B 52 -8.17 8.07 -60.02
N ASP B 53 -7.66 8.89 -59.11
CA ASP B 53 -7.61 8.55 -57.69
C ASP B 53 -9.00 8.68 -57.08
N LEU B 54 -9.24 7.93 -56.02
CA LEU B 54 -10.54 7.92 -55.36
C LEU B 54 -10.67 9.06 -54.37
N SER B 55 -11.83 9.70 -54.38
CA SER B 55 -12.13 10.84 -53.47
C SER B 55 -13.63 10.87 -53.17
N PHE B 56 -14.07 11.85 -52.38
CA PHE B 56 -15.50 12.04 -52.13
C PHE B 56 -15.88 13.47 -51.75
N SER B 57 -17.18 13.76 -51.79
CA SER B 57 -17.71 15.10 -51.56
C SER B 57 -18.28 15.25 -50.16
N LYS B 58 -18.71 16.47 -49.86
CA LYS B 58 -19.33 16.85 -48.57
C LYS B 58 -20.33 15.82 -48.02
N ASP B 59 -21.18 15.28 -48.91
CA ASP B 59 -22.22 14.31 -48.52
C ASP B 59 -21.69 12.86 -48.37
N TRP B 60 -20.36 12.72 -48.34
CA TRP B 60 -19.66 11.44 -48.25
C TRP B 60 -19.74 10.61 -49.52
N SER B 61 -20.23 11.18 -50.62
CA SER B 61 -20.45 10.43 -51.85
C SER B 61 -19.16 10.40 -52.68
N PHE B 62 -18.82 9.21 -53.17
CA PHE B 62 -17.60 9.00 -53.95
C PHE B 62 -17.71 9.52 -55.38
N TYR B 63 -16.55 9.81 -55.99
CA TYR B 63 -16.49 10.20 -57.41
C TYR B 63 -15.14 9.87 -58.05
N LEU B 64 -15.19 9.28 -59.25
CA LEU B 64 -14.01 8.90 -60.02
C LEU B 64 -14.08 9.43 -61.44
N LEU B 65 -12.92 9.50 -62.09
CA LEU B 65 -12.83 9.86 -63.51
C LEU B 65 -12.04 8.80 -64.28
N TYR B 66 -12.70 8.13 -65.23
CA TYR B 66 -12.06 7.09 -66.03
C TYR B 66 -11.74 7.67 -67.41
N TYR B 67 -10.45 7.81 -67.72
CA TYR B 67 -10.03 8.51 -68.94
C TYR B 67 -9.16 7.66 -69.89
N THR B 68 -9.38 7.86 -71.19
CA THR B 68 -8.60 7.23 -72.27
C THR B 68 -9.03 7.91 -73.58
N GLU B 69 -8.77 7.35 -74.77
CA GLU B 69 -7.71 7.75 -75.70
C GLU B 69 -8.19 7.24 -77.06
N PHE B 70 -8.56 8.13 -77.97
CA PHE B 70 -9.25 7.69 -79.20
C PHE B 70 -9.33 8.71 -80.36
N THR B 71 -9.94 8.26 -81.45
CA THR B 71 -10.27 9.10 -82.60
C THR B 71 -11.78 9.09 -82.81
N PRO B 72 -12.45 10.23 -82.56
CA PRO B 72 -13.91 10.32 -82.67
C PRO B 72 -14.44 10.41 -84.11
N THR B 73 -14.33 9.31 -84.86
CA THR B 73 -14.88 9.23 -86.20
C THR B 73 -16.39 9.01 -86.13
N GLU B 74 -17.13 9.56 -87.10
CA GLU B 74 -18.59 9.44 -87.12
C GLU B 74 -19.05 8.09 -87.71
N LYS B 75 -18.15 7.10 -87.74
CA LYS B 75 -18.49 5.72 -88.10
C LYS B 75 -18.19 4.73 -86.96
N ASP B 76 -17.81 5.26 -85.79
CA ASP B 76 -17.49 4.46 -84.61
C ASP B 76 -18.23 5.01 -83.39
N GLU B 77 -19.03 4.18 -82.73
CA GLU B 77 -19.82 4.58 -81.54
C GLU B 77 -19.04 4.38 -80.24
N TYR B 78 -19.50 5.02 -79.16
CA TYR B 78 -18.86 4.88 -77.85
C TYR B 78 -19.84 4.73 -76.66
N ALA B 79 -19.36 5.08 -75.47
CA ALA B 79 -18.99 4.05 -74.49
C ALA B 79 -19.81 3.81 -73.22
N CYS B 80 -19.49 4.58 -72.17
CA CYS B 80 -19.56 4.15 -70.76
C CYS B 80 -20.57 3.09 -70.32
N ARG B 81 -20.08 2.10 -69.57
CA ARG B 81 -20.90 1.04 -68.96
C ARG B 81 -20.55 0.87 -67.48
N VAL B 82 -21.49 1.22 -66.60
CA VAL B 82 -21.22 1.24 -65.17
C VAL B 82 -22.09 0.26 -64.40
N ASN B 83 -21.46 -0.52 -63.51
CA ASN B 83 -22.17 -1.37 -62.57
C ASN B 83 -21.80 -1.06 -61.12
N HIS B 84 -22.82 -1.02 -60.26
CA HIS B 84 -22.67 -0.75 -58.84
C HIS B 84 -23.53 -1.73 -58.03
N VAL B 85 -23.25 -1.84 -56.74
CA VAL B 85 -24.01 -2.70 -55.84
C VAL B 85 -25.52 -2.40 -55.82
N THR B 86 -25.89 -1.14 -56.02
CA THR B 86 -27.31 -0.74 -56.05
C THR B 86 -28.00 -1.10 -57.37
N LEU B 87 -27.29 -0.91 -58.48
CA LEU B 87 -27.83 -1.25 -59.80
C LEU B 87 -27.85 -2.75 -60.02
N SER B 88 -29.02 -3.29 -60.33
CA SER B 88 -29.21 -4.73 -60.48
C SER B 88 -28.82 -5.24 -61.88
N GLN B 89 -28.67 -4.32 -62.82
CA GLN B 89 -28.20 -4.66 -64.17
C GLN B 89 -27.46 -3.46 -64.75
N PRO B 90 -26.24 -3.69 -65.29
CA PRO B 90 -25.39 -2.60 -65.74
C PRO B 90 -26.11 -1.52 -66.52
N LYS B 91 -25.92 -0.27 -66.11
CA LYS B 91 -26.44 0.89 -66.81
C LYS B 91 -25.42 1.28 -67.88
N ILE B 92 -25.86 1.30 -69.15
CA ILE B 92 -24.99 1.62 -70.29
C ILE B 92 -25.41 2.95 -70.91
N VAL B 93 -24.52 3.95 -70.83
CA VAL B 93 -24.80 5.29 -71.32
C VAL B 93 -23.95 5.64 -72.55
N LYS B 94 -24.61 5.89 -73.68
CA LYS B 94 -23.93 6.21 -74.94
C LYS B 94 -23.34 7.62 -74.95
N TRP B 95 -22.29 7.81 -75.75
CA TRP B 95 -21.58 9.09 -75.83
C TRP B 95 -22.13 9.97 -76.95
N ASP B 96 -22.17 11.28 -76.69
CA ASP B 96 -22.61 12.26 -77.68
C ASP B 96 -21.82 13.55 -77.48
N ARG B 97 -21.09 13.96 -78.52
CA ARG B 97 -20.27 15.18 -78.45
C ARG B 97 -21.12 16.46 -78.46
N ASP B 98 -22.42 16.31 -78.71
CA ASP B 98 -23.38 17.42 -78.55
C ASP B 98 -23.73 17.66 -77.08
N MET B 99 -23.48 16.67 -76.22
CA MET B 99 -23.75 16.76 -74.78
C MET B 99 -22.47 16.54 -73.98
N GLU C 1 0.80 20.18 -44.24
CA GLU C 1 1.11 18.90 -43.54
C GLU C 1 -0.17 18.34 -42.95
N GLU C 2 -0.12 17.08 -42.54
CA GLU C 2 -1.22 16.42 -41.86
C GLU C 2 -1.09 16.59 -40.34
N ASN C 3 -2.15 16.22 -39.62
CA ASN C 3 -2.14 16.17 -38.16
C ASN C 3 -2.59 14.81 -37.66
N LEU C 4 -1.69 14.11 -36.95
CA LEU C 4 -2.03 12.84 -36.31
C LEU C 4 -2.04 13.09 -34.82
N LEU C 5 -3.04 12.55 -34.12
CA LEU C 5 -3.20 12.89 -32.72
C LEU C 5 -2.15 12.30 -31.75
N ASP C 6 -2.09 11.00 -31.47
CA ASP C 6 -2.71 9.88 -32.19
C ASP C 6 -3.93 9.24 -31.54
N PHE C 7 -3.93 9.18 -30.20
CA PHE C 7 -4.93 8.43 -29.41
C PHE C 7 -6.42 8.75 -29.66
N VAL C 8 -6.71 9.59 -30.64
CA VAL C 8 -8.07 9.81 -31.14
C VAL C 8 -8.60 8.57 -31.85
N ARG C 9 -9.61 7.94 -31.27
CA ARG C 9 -10.15 6.69 -31.81
C ARG C 9 -11.65 6.62 -31.66
N PHE C 10 -12.29 5.88 -32.53
CA PHE C 10 -13.66 5.47 -32.30
C PHE C 10 -13.71 4.68 -30.98
N ALA D 1 16.59 17.74 -30.16
CA ALA D 1 17.26 18.95 -29.59
C ALA D 1 16.69 19.23 -28.19
N LYS D 2 15.36 19.31 -28.00
CA LYS D 2 14.57 20.53 -28.19
C LYS D 2 14.28 21.24 -26.82
N THR D 3 15.12 21.09 -25.79
CA THR D 3 14.87 20.40 -24.49
C THR D 3 16.09 20.68 -23.60
N THR D 4 16.26 21.94 -23.21
CA THR D 4 17.36 22.33 -22.34
C THR D 4 16.93 22.21 -20.88
N GLN D 5 17.64 21.36 -20.15
CA GLN D 5 17.44 21.14 -18.72
C GLN D 5 18.75 21.35 -17.91
N PRO D 6 18.63 21.77 -16.65
CA PRO D 6 19.83 21.79 -15.83
C PRO D 6 20.24 20.35 -15.54
N THR D 7 21.48 20.01 -15.88
CA THR D 7 21.99 18.64 -15.69
C THR D 7 21.80 18.11 -14.27
N SER D 8 21.76 19.01 -13.30
CA SER D 8 21.31 18.68 -11.94
C SER D 8 21.29 19.98 -11.16
N MET D 9 21.05 19.98 -9.85
CA MET D 9 19.84 20.49 -9.15
C MET D 9 19.55 19.82 -7.80
N ASP D 10 19.54 20.64 -6.76
CA ASP D 10 19.22 20.19 -5.41
C ASP D 10 17.93 20.86 -4.94
N CYS D 11 17.43 20.35 -3.82
CA CYS D 11 16.24 20.88 -3.15
C CYS D 11 16.18 20.36 -1.74
N ALA D 12 15.35 20.98 -0.90
CA ALA D 12 15.23 20.57 0.51
C ALA D 12 13.88 19.93 0.80
N GLU D 13 13.91 18.81 1.53
CA GLU D 13 12.68 18.21 2.06
C GLU D 13 12.16 19.17 3.13
N GLY D 14 10.98 19.75 2.92
CA GLY D 14 10.13 19.57 1.73
C GLY D 14 9.08 20.66 1.86
N ARG D 15 9.36 21.91 1.50
CA ARG D 15 8.97 22.55 0.22
C ARG D 15 9.51 21.87 -1.04
N ALA D 16 10.41 22.47 -1.82
CA ALA D 16 10.13 23.40 -2.94
C ALA D 16 9.02 22.77 -3.84
N ALA D 17 9.29 22.20 -5.03
CA ALA D 17 10.58 22.16 -5.72
C ALA D 17 10.42 22.07 -7.24
N ASN D 18 11.32 22.64 -8.05
CA ASN D 18 11.02 23.79 -8.87
C ASN D 18 11.72 23.83 -10.24
N LEU D 19 11.39 22.95 -11.19
CA LEU D 19 12.32 22.00 -11.85
C LEU D 19 12.14 22.43 -13.31
N PRO D 20 13.01 23.33 -13.82
CA PRO D 20 12.67 24.05 -15.05
C PRO D 20 13.01 23.28 -16.32
N CYS D 21 12.63 23.85 -17.46
CA CYS D 21 12.88 23.26 -18.77
C CYS D 21 12.66 24.30 -19.83
N ASN D 22 13.59 24.42 -20.78
CA ASN D 22 13.45 25.39 -21.86
C ASN D 22 13.25 24.75 -23.24
N HIS D 23 12.04 24.96 -23.77
CA HIS D 23 11.63 24.46 -25.09
C HIS D 23 11.23 25.67 -25.95
N SER D 24 12.18 26.19 -26.71
CA SER D 24 12.08 27.53 -27.26
C SER D 24 12.08 27.63 -28.78
N THR D 25 11.85 26.56 -29.52
CA THR D 25 10.63 26.33 -30.30
C THR D 25 9.72 25.17 -29.97
N ILE D 26 8.43 25.39 -30.13
CA ILE D 26 7.45 24.35 -29.97
C ILE D 26 6.12 24.87 -30.48
N SER D 27 5.65 24.30 -31.58
CA SER D 27 4.48 24.81 -32.27
C SER D 27 3.22 24.05 -31.94
N GLY D 28 2.04 24.69 -31.91
CA GLY D 28 1.26 24.92 -30.70
C GLY D 28 0.51 23.59 -30.53
N ASN D 29 0.56 22.75 -31.58
CA ASN D 29 0.03 21.37 -31.58
C ASN D 29 0.96 20.34 -30.91
N GLU D 30 2.01 20.80 -30.22
CA GLU D 30 2.93 19.92 -29.51
C GLU D 30 2.71 20.00 -27.99
N TYR D 31 2.56 18.85 -27.36
CA TYR D 31 2.37 18.75 -25.93
C TYR D 31 3.70 18.81 -25.18
N VAL D 32 3.67 19.28 -23.94
CA VAL D 32 4.83 19.24 -23.05
C VAL D 32 4.66 18.10 -22.06
N TYR D 33 5.60 17.16 -22.04
CA TYR D 33 5.48 15.95 -21.24
C TYR D 33 6.63 15.83 -20.27
N TRP D 34 6.34 15.36 -19.06
CA TRP D 34 7.34 15.16 -18.03
C TRP D 34 7.33 13.70 -17.56
N TYR D 35 8.50 13.06 -17.58
CA TYR D 35 8.67 11.69 -17.05
C TYR D 35 9.71 11.70 -15.94
N ARG D 36 9.67 10.66 -15.08
CA ARG D 36 10.56 10.52 -13.93
C ARG D 36 11.11 9.11 -13.89
N GLN D 37 12.40 8.97 -13.63
CA GLN D 37 13.02 7.66 -13.50
C GLN D 37 13.74 7.50 -12.16
N ILE D 38 13.11 6.75 -11.27
CA ILE D 38 13.57 6.57 -9.89
C ILE D 38 14.68 5.53 -9.82
N HIS D 39 15.88 5.98 -10.14
CA HIS D 39 17.09 5.16 -10.06
C HIS D 39 16.99 3.72 -10.62
N SER D 40 16.57 2.79 -9.77
CA SER D 40 16.70 1.35 -10.01
C SER D 40 15.72 0.84 -11.10
N GLN D 41 14.52 1.38 -11.11
CA GLN D 41 13.54 1.12 -12.17
C GLN D 41 13.93 2.20 -13.17
N GLY D 42 13.00 2.91 -13.80
CA GLY D 42 12.67 2.72 -15.17
C GLY D 42 11.34 3.27 -15.59
N PRO D 43 11.25 4.32 -16.46
CA PRO D 43 10.64 5.66 -16.26
C PRO D 43 9.21 5.28 -15.88
N GLN D 44 8.49 6.05 -15.08
CA GLN D 44 7.09 6.45 -15.35
C GLN D 44 6.70 7.82 -15.88
N TYR D 45 5.43 7.91 -16.26
CA TYR D 45 4.81 9.17 -16.62
C TYR D 45 4.52 9.96 -15.34
N ILE D 46 4.48 11.29 -15.48
CA ILE D 46 4.13 12.19 -14.38
C ILE D 46 2.92 13.06 -14.74
N ILE D 47 3.08 13.85 -15.77
CA ILE D 47 2.12 14.91 -16.12
C ILE D 47 2.53 15.19 -17.57
N HIS D 48 1.59 15.40 -18.50
CA HIS D 48 1.50 16.60 -19.38
C HIS D 48 0.47 17.68 -19.05
N GLY D 49 0.46 18.81 -19.75
CA GLY D 49 -0.43 19.14 -20.88
C GLY D 49 0.19 20.22 -21.75
N LEU D 50 -0.56 21.21 -22.24
CA LEU D 50 -1.19 21.18 -23.56
C LEU D 50 -0.82 22.40 -24.43
N LYS D 51 -1.21 23.62 -24.03
CA LYS D 51 -0.32 24.66 -23.54
C LYS D 51 -0.55 25.54 -22.28
N ASN D 52 -0.89 24.98 -21.13
CA ASN D 52 -2.00 25.45 -20.26
C ASN D 52 -1.19 25.59 -18.92
N ASN D 53 -1.44 24.82 -17.85
CA ASN D 53 -1.89 25.34 -16.56
C ASN D 53 -1.55 24.39 -15.37
N GLU D 54 -1.43 23.06 -15.54
CA GLU D 54 -2.38 22.02 -15.10
C GLU D 54 -1.53 21.08 -14.21
N THR D 55 -2.11 20.08 -13.53
CA THR D 55 -2.19 19.94 -12.05
C THR D 55 -2.91 18.63 -11.69
N ASN D 56 -2.14 17.65 -11.19
CA ASN D 56 -2.68 16.32 -10.81
C ASN D 56 -2.13 15.84 -9.45
N GLU D 57 -2.14 14.54 -9.22
CA GLU D 57 -1.74 13.97 -7.93
C GLU D 57 -0.23 14.09 -7.62
N MET D 58 0.62 13.78 -8.61
CA MET D 58 2.08 13.80 -8.43
C MET D 58 2.64 15.23 -8.25
N ALA D 59 2.10 16.27 -8.89
CA ALA D 59 2.69 17.06 -10.00
C ALA D 59 1.68 18.21 -10.09
N SER D 60 2.11 19.48 -10.03
CA SER D 60 1.82 20.52 -11.02
C SER D 60 2.76 20.89 -12.16
N LEU D 61 2.19 21.53 -13.18
CA LEU D 61 2.93 21.93 -14.38
C LEU D 61 2.46 23.30 -14.87
N ILE D 62 3.37 24.29 -14.83
CA ILE D 62 3.03 25.65 -15.25
C ILE D 62 3.76 25.97 -16.54
N ILE D 63 2.97 26.21 -17.61
CA ILE D 63 3.48 26.61 -18.93
C ILE D 63 3.35 28.14 -19.13
N THR D 64 4.25 28.70 -19.92
CA THR D 64 4.59 30.14 -19.90
C THR D 64 3.56 31.10 -20.50
N GLU D 65 2.28 30.76 -20.32
CA GLU D 65 1.54 30.12 -21.40
C GLU D 65 1.92 30.52 -22.83
N ASP D 66 2.80 31.50 -22.98
CA ASP D 66 3.43 31.78 -24.27
C ASP D 66 4.29 30.64 -24.85
N ARG D 67 4.35 29.53 -24.13
CA ARG D 67 4.70 28.24 -24.69
C ARG D 67 6.17 27.80 -24.63
N LYS D 68 6.96 28.33 -23.71
CA LYS D 68 8.21 29.04 -23.95
C LYS D 68 9.20 28.29 -23.03
N SER D 69 8.79 27.97 -21.78
CA SER D 69 9.66 27.59 -20.69
C SER D 69 8.81 27.08 -19.52
N SER D 70 8.47 25.80 -19.54
CA SER D 70 7.60 25.20 -18.53
C SER D 70 8.37 24.81 -17.25
N THR D 71 7.62 24.66 -16.16
CA THR D 71 8.20 24.32 -14.86
C THR D 71 7.39 23.23 -14.14
N LEU D 72 8.02 22.10 -13.83
CA LEU D 72 7.40 21.06 -12.98
C LEU D 72 7.61 21.66 -11.61
N ILE D 73 6.54 21.87 -10.85
CA ILE D 73 6.45 21.56 -9.43
C ILE D 73 6.16 20.18 -8.84
N LEU D 74 7.05 19.78 -7.93
CA LEU D 74 6.80 18.69 -7.01
C LEU D 74 6.68 19.08 -5.55
N PRO D 75 5.48 19.06 -4.93
CA PRO D 75 4.84 20.23 -4.33
C PRO D 75 5.38 20.25 -2.88
N HIS D 76 5.26 19.12 -2.17
CA HIS D 76 6.03 18.84 -0.95
C HIS D 76 7.07 17.77 -1.28
N ALA D 77 8.32 18.18 -1.49
CA ALA D 77 9.38 17.26 -1.90
C ALA D 77 9.77 16.32 -0.76
N THR D 78 10.01 15.05 -1.09
CA THR D 78 10.43 14.05 -0.11
C THR D 78 11.60 13.24 -0.67
N LEU D 79 12.16 12.38 0.17
CA LEU D 79 13.30 11.55 -0.24
C LEU D 79 12.93 10.65 -1.41
N ARG D 80 11.74 10.06 -1.35
CA ARG D 80 11.28 9.17 -2.41
C ARG D 80 11.34 9.84 -3.76
N ASP D 81 11.12 11.16 -3.77
CA ASP D 81 11.09 11.94 -5.03
C ASP D 81 12.46 12.14 -5.72
N THR D 82 13.55 11.86 -5.01
CA THR D 82 14.87 12.03 -5.60
C THR D 82 15.02 11.06 -6.78
N ALA D 83 15.18 11.62 -7.97
CA ALA D 83 15.27 10.82 -9.17
C ALA D 83 15.71 11.65 -10.37
N VAL D 84 15.88 11.01 -11.52
CA VAL D 84 16.19 11.70 -12.77
C VAL D 84 14.87 12.04 -13.46
N TYR D 85 14.72 13.33 -13.79
CA TYR D 85 13.50 13.85 -14.41
C TYR D 85 13.77 14.27 -15.86
N TYR D 86 12.84 13.93 -16.75
CA TYR D 86 12.98 14.18 -18.17
C TYR D 86 11.86 15.08 -18.65
N CYS D 87 12.25 16.17 -19.32
CA CYS D 87 11.32 17.11 -19.96
C CYS D 87 11.36 16.98 -21.49
N ILE D 88 10.30 16.40 -22.04
CA ILE D 88 10.27 16.05 -23.44
C ILE D 88 9.03 16.59 -24.12
N VAL D 89 9.18 16.98 -25.39
CA VAL D 89 8.08 17.51 -26.19
C VAL D 89 7.57 16.41 -27.09
N TRP D 90 6.25 16.21 -27.09
CA TRP D 90 5.58 15.22 -27.93
C TRP D 90 4.56 15.90 -28.82
N GLY D 91 4.63 15.65 -30.12
CA GLY D 91 3.74 16.28 -31.08
C GLY D 91 2.63 15.35 -31.56
N GLY D 92 2.43 14.26 -30.82
CA GLY D 92 1.55 13.19 -31.25
C GLY D 92 2.30 12.20 -32.13
N TYR D 93 1.86 10.94 -32.13
CA TYR D 93 2.37 9.88 -33.02
C TYR D 93 3.88 9.58 -33.03
N GLN D 94 4.72 10.61 -32.91
CA GLN D 94 6.16 10.48 -32.97
C GLN D 94 6.77 9.67 -31.79
N LYS D 95 8.09 9.43 -31.87
CA LYS D 95 8.82 8.78 -30.78
C LYS D 95 9.16 9.79 -29.69
N VAL D 96 9.34 9.29 -28.46
CA VAL D 96 9.76 10.13 -27.36
C VAL D 96 11.28 10.15 -27.27
N THR D 97 11.85 11.31 -26.99
CA THR D 97 13.30 11.47 -26.93
C THR D 97 13.70 11.96 -25.54
N PHE D 98 13.77 11.03 -24.59
CA PHE D 98 14.23 11.34 -23.22
C PHE D 98 15.59 12.01 -23.31
N GLY D 99 15.77 13.18 -22.67
CA GLY D 99 17.10 13.83 -22.58
C GLY D 99 17.71 13.30 -21.29
N THR D 100 18.44 14.10 -20.52
CA THR D 100 19.77 13.74 -20.06
C THR D 100 19.50 13.18 -18.62
N GLY D 101 18.71 13.83 -17.75
CA GLY D 101 18.13 15.17 -17.91
C GLY D 101 18.44 16.00 -16.67
N THR D 102 17.45 16.17 -15.80
CA THR D 102 17.66 16.83 -14.51
C THR D 102 17.67 15.83 -13.37
N LYS D 103 18.75 15.78 -12.59
CA LYS D 103 18.84 14.91 -11.42
C LYS D 103 18.53 15.71 -10.17
N LEU D 104 17.38 15.45 -9.57
CA LEU D 104 16.97 16.18 -8.38
C LEU D 104 17.36 15.42 -7.12
N GLN D 105 18.10 16.10 -6.25
CA GLN D 105 18.45 15.59 -4.93
C GLN D 105 17.65 16.35 -3.91
N VAL D 106 17.02 15.61 -3.00
CA VAL D 106 16.23 16.19 -1.92
C VAL D 106 16.89 15.79 -0.62
N ILE D 107 17.34 16.78 0.15
CA ILE D 107 18.12 16.54 1.37
C ILE D 107 17.36 17.12 2.59
N PRO D 108 17.34 16.41 3.75
CA PRO D 108 16.51 16.74 4.96
C PRO D 108 17.10 17.89 5.80
N ILE D 109 16.31 18.55 6.65
CA ILE D 109 16.64 18.90 8.06
C ILE D 109 17.26 17.89 9.02
N GLN D 110 17.82 18.38 10.12
CA GLN D 110 18.68 17.59 11.02
C GLN D 110 18.34 17.76 12.53
N ASN D 111 19.01 17.06 13.44
CA ASN D 111 19.80 17.61 14.56
C ASN D 111 21.26 17.13 14.74
N PRO D 112 22.25 17.97 14.35
CA PRO D 112 23.50 17.41 13.85
C PRO D 112 24.52 17.04 14.91
N ASP D 113 25.51 16.25 14.51
CA ASP D 113 26.50 15.68 15.41
C ASP D 113 27.67 15.06 14.61
N PRO D 114 28.42 15.88 13.85
CA PRO D 114 29.47 15.36 12.95
C PRO D 114 30.50 14.50 13.66
N ALA D 115 30.89 13.38 13.05
CA ALA D 115 31.80 12.44 13.67
C ALA D 115 32.37 11.46 12.65
N VAL D 116 33.56 10.94 12.91
CA VAL D 116 34.21 9.96 12.04
C VAL D 116 34.71 8.76 12.83
N TYR D 117 33.93 7.69 12.84
CA TYR D 117 34.24 6.55 13.68
C TYR D 117 35.01 5.52 12.89
N GLN D 118 35.76 4.72 13.62
CA GLN D 118 36.44 3.60 13.02
C GLN D 118 35.99 2.23 13.50
N LEU D 119 35.66 1.31 12.61
CA LEU D 119 34.39 0.58 12.65
C LEU D 119 34.95 -0.71 13.28
N ARG D 120 35.36 -1.68 12.45
CA ARG D 120 36.34 -2.71 12.86
C ARG D 120 36.72 -3.72 11.77
N ASP D 121 35.77 -4.60 11.47
CA ASP D 121 35.84 -5.99 11.95
C ASP D 121 37.23 -6.58 11.66
N SER D 122 37.53 -7.04 10.44
CA SER D 122 36.58 -7.47 9.40
C SER D 122 36.03 -8.92 9.62
N LYS D 123 36.85 -9.88 10.07
CA LYS D 123 38.28 -9.72 10.35
C LYS D 123 39.16 -10.35 9.27
N SER D 124 38.59 -10.47 8.08
CA SER D 124 39.25 -11.11 6.93
C SER D 124 39.87 -10.09 5.96
N SER D 125 39.03 -9.20 5.41
CA SER D 125 39.39 -8.34 4.24
C SER D 125 40.88 -7.95 4.08
N ASP D 126 41.47 -7.18 4.99
CA ASP D 126 40.80 -6.49 6.11
C ASP D 126 41.07 -4.98 5.81
N LYS D 127 40.88 -4.01 6.72
CA LYS D 127 40.23 -4.11 8.04
C LYS D 127 39.42 -2.83 8.33
N SER D 128 40.13 -1.70 8.34
CA SER D 128 39.59 -0.39 8.73
C SER D 128 38.66 0.23 7.67
N VAL D 129 37.52 0.71 8.13
CA VAL D 129 36.54 1.36 7.29
C VAL D 129 35.97 2.55 8.06
N CYS D 130 36.34 3.77 7.68
CA CYS D 130 35.87 4.95 8.41
C CYS D 130 34.49 5.37 7.99
N LEU D 131 33.69 5.82 8.96
CA LEU D 131 32.31 6.23 8.72
C LEU D 131 32.08 7.66 9.20
N PHE D 132 32.27 8.60 8.30
CA PHE D 132 31.89 9.99 8.54
C PHE D 132 30.36 10.04 8.48
N THR D 133 29.73 10.49 9.56
CA THR D 133 28.26 10.43 9.68
C THR D 133 27.70 11.51 10.58
N ASP D 134 26.37 11.60 10.61
CA ASP D 134 25.62 12.53 11.45
C ASP D 134 25.91 14.01 11.17
N PHE D 135 26.15 14.37 9.91
CA PHE D 135 26.46 15.77 9.58
C PHE D 135 25.28 16.47 8.92
N ASP D 136 25.28 17.81 9.02
CA ASP D 136 24.21 18.63 8.43
C ASP D 136 24.34 18.66 6.93
N SER D 137 23.23 18.91 6.24
CA SER D 137 23.20 18.83 4.79
C SER D 137 23.86 19.99 4.06
N GLN D 138 24.45 20.91 4.82
CA GLN D 138 25.32 21.95 4.25
C GLN D 138 26.80 21.49 4.16
N THR D 139 27.05 20.23 4.52
CA THR D 139 28.37 19.63 4.35
C THR D 139 28.41 18.80 3.05
N ASN D 140 29.52 18.94 2.32
CA ASN D 140 29.75 18.18 1.10
C ASN D 140 31.01 17.33 1.28
N VAL D 141 30.88 16.03 1.07
CA VAL D 141 32.01 15.12 1.14
C VAL D 141 32.74 15.15 -0.22
N SER D 142 34.05 14.96 -0.19
CA SER D 142 34.91 15.20 -1.35
C SER D 142 35.52 13.92 -1.95
N GLN D 143 36.50 14.07 -2.82
CA GLN D 143 37.08 12.93 -3.53
C GLN D 143 38.44 12.47 -2.99
N SER D 144 38.79 11.23 -3.33
CA SER D 144 39.77 10.40 -2.59
C SER D 144 40.92 11.08 -1.82
N LYS D 145 41.90 11.72 -2.46
CA LYS D 145 42.06 11.89 -3.91
C LYS D 145 42.93 10.76 -4.51
N ASP D 146 43.99 10.39 -3.79
CA ASP D 146 44.83 9.24 -4.18
C ASP D 146 44.00 7.94 -4.21
N SER D 147 43.97 7.26 -5.35
CA SER D 147 43.06 6.13 -5.53
C SER D 147 43.58 4.79 -4.97
N ASP D 148 44.45 4.87 -3.97
CA ASP D 148 44.72 3.74 -3.07
C ASP D 148 43.61 3.71 -2.03
N VAL D 149 43.04 4.89 -1.74
CA VAL D 149 42.01 5.06 -0.73
C VAL D 149 40.69 5.46 -1.38
N TYR D 150 39.65 4.70 -1.07
CA TYR D 150 38.32 4.90 -1.67
C TYR D 150 37.39 5.66 -0.72
N ILE D 151 36.53 6.50 -1.28
CA ILE D 151 35.56 7.27 -0.51
C ILE D 151 34.25 7.34 -1.27
N THR D 152 33.21 6.71 -0.73
CA THR D 152 31.89 6.77 -1.37
C THR D 152 31.23 8.13 -1.13
N ASP D 153 30.31 8.49 -2.02
CA ASP D 153 29.56 9.75 -1.87
C ASP D 153 28.56 9.60 -0.72
N LYS D 154 28.08 10.73 -0.22
CA LYS D 154 27.17 10.73 0.93
C LYS D 154 25.84 10.09 0.57
N CYS D 155 25.15 9.56 1.57
CA CYS D 155 23.77 9.07 1.37
C CYS D 155 23.00 9.04 2.68
N VAL D 156 21.67 9.10 2.58
CA VAL D 156 20.80 9.33 3.74
C VAL D 156 20.00 8.10 4.15
N LEU D 157 20.20 7.61 5.37
CA LEU D 157 19.42 6.48 5.90
C LEU D 157 18.27 7.00 6.75
N ASP D 158 17.12 6.31 6.72
CA ASP D 158 15.93 6.70 7.50
C ASP D 158 15.65 5.61 8.54
N MET D 159 15.86 5.96 9.82
CA MET D 159 15.96 4.95 10.90
C MET D 159 14.94 3.80 10.92
N ARG D 160 13.65 4.01 10.63
CA ARG D 160 12.97 5.30 10.61
C ARG D 160 11.98 5.34 11.77
N SER D 161 12.07 4.34 12.65
CA SER D 161 11.11 4.14 13.72
C SER D 161 11.22 5.22 14.80
N MET D 162 12.41 5.82 14.93
CA MET D 162 12.58 7.00 15.77
C MET D 162 11.99 8.18 15.00
N ASP D 163 12.71 9.31 14.94
CA ASP D 163 12.36 10.38 13.99
C ASP D 163 12.40 9.87 12.54
N PHE D 164 13.55 9.59 11.90
CA PHE D 164 14.93 10.02 12.25
C PHE D 164 15.80 9.79 11.01
N LYS D 165 16.65 10.76 10.69
CA LYS D 165 17.46 10.70 9.46
C LYS D 165 18.92 11.07 9.73
N SER D 166 19.80 10.64 8.84
CA SER D 166 21.24 10.91 8.99
C SER D 166 22.01 10.75 7.68
N ASN D 167 22.72 11.82 7.29
CA ASN D 167 23.67 11.75 6.18
C ASN D 167 24.88 10.92 6.61
N SER D 168 25.31 9.99 5.78
CA SER D 168 26.49 9.16 6.06
C SER D 168 27.33 8.96 4.80
N ALA D 169 28.64 8.81 5.01
CA ALA D 169 29.59 8.58 3.91
C ALA D 169 30.68 7.64 4.39
N VAL D 170 31.03 6.65 3.57
CA VAL D 170 32.02 5.63 3.97
C VAL D 170 33.31 5.81 3.19
N ALA D 171 34.44 5.50 3.84
CA ALA D 171 35.75 5.53 3.18
C ALA D 171 36.60 4.42 3.74
N TRP D 172 37.40 3.79 2.88
CA TRP D 172 38.27 2.70 3.31
C TRP D 172 39.51 2.54 2.44
N SER D 173 40.45 1.71 2.89
CA SER D 173 41.64 1.34 2.11
C SER D 173 42.27 0.09 2.66
N ASN D 174 43.45 -0.27 2.15
CA ASN D 174 44.21 -1.43 2.66
C ASN D 174 45.70 -1.13 2.82
N LYS D 175 46.03 -0.34 3.84
CA LYS D 175 47.43 0.08 4.11
C LYS D 175 47.69 0.27 5.62
N SER D 176 48.86 0.80 5.94
CA SER D 176 49.17 1.29 7.30
C SER D 176 49.03 2.82 7.33
N ASP D 177 49.58 3.47 6.31
CA ASP D 177 49.40 4.90 6.08
C ASP D 177 48.00 5.37 6.46
N PHE D 178 47.01 4.60 6.01
CA PHE D 178 45.60 4.96 6.18
C PHE D 178 45.11 4.86 7.61
N ALA D 179 44.57 5.98 8.11
CA ALA D 179 43.87 6.03 9.40
C ALA D 179 42.72 7.02 9.27
N CYS D 180 41.79 7.00 10.23
CA CYS D 180 40.57 7.79 10.11
C CYS D 180 40.78 9.29 10.40
N ALA D 181 41.90 9.62 11.04
CA ALA D 181 42.28 11.01 11.25
C ALA D 181 42.57 11.74 9.93
N ASN D 182 43.02 10.99 8.92
CA ASN D 182 43.40 11.59 7.64
C ASN D 182 42.60 11.06 6.43
N ALA D 183 41.38 10.60 6.65
CA ALA D 183 40.56 10.02 5.58
C ALA D 183 39.91 11.09 4.69
N PHE D 184 39.49 12.19 5.31
CA PHE D 184 38.71 13.22 4.63
C PHE D 184 39.42 14.57 4.67
N ASN D 185 40.74 14.57 4.55
CA ASN D 185 41.52 15.79 4.70
C ASN D 185 41.51 16.72 3.47
N ASN D 186 41.09 16.19 2.32
CA ASN D 186 40.80 17.03 1.15
C ASN D 186 39.29 17.12 0.94
N SER D 187 38.55 16.94 2.02
CA SER D 187 37.13 17.25 2.09
C SER D 187 36.96 18.32 3.15
N ILE D 188 36.24 19.39 2.85
CA ILE D 188 36.08 20.49 3.82
C ILE D 188 35.08 20.07 4.89
N ILE D 189 35.64 19.70 6.05
CA ILE D 189 34.88 19.16 7.17
C ILE D 189 34.48 20.28 8.14
N PRO D 190 33.29 20.18 8.76
CA PRO D 190 32.95 21.12 9.84
C PRO D 190 34.00 21.16 10.94
N GLU D 191 34.48 22.37 11.27
CA GLU D 191 35.58 22.54 12.21
C GLU D 191 35.12 22.40 13.66
N ASP D 192 34.47 21.27 13.97
CA ASP D 192 34.12 20.94 15.36
C ASP D 192 33.76 19.45 15.51
N THR D 193 34.29 18.61 14.63
CA THR D 193 33.83 17.23 14.50
C THR D 193 34.45 16.34 15.57
N PHE D 194 33.74 15.26 15.90
CA PHE D 194 34.19 14.29 16.89
C PHE D 194 35.18 13.31 16.26
N PHE D 195 36.29 13.06 16.94
CA PHE D 195 37.36 12.18 16.43
C PHE D 195 37.95 11.34 17.57
N PRO D 196 37.44 10.12 17.77
CA PRO D 196 37.97 9.20 18.79
C PRO D 196 38.95 8.17 18.22
N SER D 197 39.80 7.62 19.08
CA SER D 197 40.63 6.45 18.74
C SER D 197 40.34 5.31 19.71
N PRO D 198 39.41 4.40 19.34
CA PRO D 198 39.16 3.18 20.12
C PRO D 198 40.27 2.13 19.96
N GLU D 199 41.10 2.30 18.93
CA GLU D 199 42.25 1.44 18.63
C GLU D 199 42.08 -0.03 19.08
N THR E 1 4.25 -2.30 -13.05
CA THR E 1 4.81 -3.67 -13.01
C THR E 1 4.20 -4.58 -14.09
N GLY E 2 3.08 -4.14 -14.65
CA GLY E 2 2.46 -4.70 -15.88
C GLY E 2 3.41 -5.45 -16.81
N VAL E 3 4.28 -4.70 -17.49
CA VAL E 3 5.19 -5.26 -18.48
C VAL E 3 6.21 -6.17 -17.81
N SER E 4 6.42 -7.34 -18.41
CA SER E 4 7.43 -8.29 -17.94
C SER E 4 8.40 -8.61 -19.08
N GLN E 5 9.65 -8.92 -18.73
CA GLN E 5 10.70 -9.21 -19.74
C GLN E 5 11.52 -10.45 -19.40
N ASN E 6 12.12 -11.05 -20.42
CA ASN E 6 12.88 -12.28 -20.26
C ASN E 6 14.15 -12.31 -21.09
N PRO E 7 15.34 -12.42 -20.47
CA PRO E 7 15.63 -12.53 -19.03
C PRO E 7 15.97 -11.19 -18.34
N ARG E 8 16.26 -11.25 -17.05
CA ARG E 8 16.70 -10.07 -16.31
C ARG E 8 18.08 -9.63 -16.73
N HIS E 9 18.90 -10.59 -17.17
CA HIS E 9 20.28 -10.29 -17.52
C HIS E 9 20.84 -11.31 -18.49
N LYS E 10 21.90 -10.92 -19.19
CA LYS E 10 22.58 -11.84 -20.08
C LYS E 10 24.02 -11.37 -20.29
N ILE E 11 24.91 -12.33 -20.51
CA ILE E 11 26.33 -12.08 -20.73
C ILE E 11 26.82 -13.01 -21.83
N THR E 12 27.59 -12.50 -22.78
CA THR E 12 28.11 -13.33 -23.87
C THR E 12 29.47 -12.88 -24.39
N LYS E 13 30.11 -13.78 -25.14
CA LYS E 13 31.36 -13.49 -25.85
C LYS E 13 31.06 -12.53 -27.00
N ARG E 14 31.99 -12.33 -27.93
CA ARG E 14 31.81 -11.34 -28.99
C ARG E 14 30.83 -11.80 -30.06
N GLY E 15 31.32 -12.37 -31.15
CA GLY E 15 30.48 -12.63 -32.32
C GLY E 15 29.37 -13.66 -32.05
N GLN E 16 28.42 -13.30 -31.17
CA GLN E 16 27.40 -14.24 -30.68
C GLN E 16 25.97 -13.68 -30.82
N ASN E 17 25.00 -14.60 -30.85
CA ASN E 17 23.57 -14.27 -30.90
C ASN E 17 22.95 -14.21 -29.50
N VAL E 18 21.83 -13.50 -29.38
CA VAL E 18 21.08 -13.45 -28.13
C VAL E 18 19.75 -12.77 -28.36
N THR E 19 18.68 -13.33 -27.81
CA THR E 19 17.33 -12.80 -28.05
C THR E 19 16.60 -12.52 -26.75
N PHE E 20 16.00 -11.34 -26.66
CA PHE E 20 15.24 -10.93 -25.49
C PHE E 20 13.76 -11.11 -25.76
N ARG E 21 12.95 -10.80 -24.74
CA ARG E 21 11.50 -10.87 -24.87
C ARG E 21 10.79 -9.86 -23.97
N CYS E 22 9.61 -9.47 -24.42
CA CYS E 22 8.76 -8.55 -23.70
C CYS E 22 7.31 -8.99 -23.82
N ASP E 23 6.71 -9.35 -22.70
CA ASP E 23 5.30 -9.69 -22.65
C ASP E 23 4.59 -8.52 -22.00
N PRO E 24 3.88 -7.70 -22.79
CA PRO E 24 3.20 -6.56 -22.21
C PRO E 24 1.84 -6.98 -21.71
N ILE E 25 1.13 -6.06 -21.07
CA ILE E 25 -0.22 -6.32 -20.62
C ILE E 25 -1.09 -6.56 -21.84
N SER E 26 -1.78 -7.68 -21.88
CA SER E 26 -2.70 -7.91 -22.99
C SER E 26 -3.63 -6.71 -23.05
N GLU E 27 -4.14 -6.43 -24.26
CA GLU E 27 -4.97 -5.24 -24.47
C GLU E 27 -4.11 -3.99 -24.34
N HIS E 28 -2.82 -4.14 -24.61
CA HIS E 28 -1.96 -3.00 -24.85
C HIS E 28 -1.68 -2.98 -26.36
N ASN E 29 -1.95 -1.82 -26.97
CA ASN E 29 -1.91 -1.69 -28.41
C ASN E 29 -0.48 -1.61 -28.90
N ARG E 30 0.26 -0.68 -28.31
CA ARG E 30 1.57 -0.28 -28.78
C ARG E 30 2.65 -0.77 -27.84
N LEU E 31 3.81 -1.12 -28.41
CA LEU E 31 4.95 -1.59 -27.62
C LEU E 31 6.22 -0.95 -28.17
N TYR E 32 7.07 -0.46 -27.27
CA TYR E 32 8.26 0.30 -27.63
C TYR E 32 9.50 -0.41 -27.15
N TRP E 33 10.61 -0.26 -27.85
CA TRP E 33 11.92 -0.75 -27.37
C TRP E 33 12.89 0.40 -27.17
N TYR E 34 13.60 0.38 -26.05
CA TYR E 34 14.62 1.37 -25.75
C TYR E 34 15.91 0.71 -25.28
N ARG E 35 17.03 1.40 -25.45
CA ARG E 35 18.30 1.01 -24.83
C ARG E 35 18.75 2.15 -23.93
N GLN E 36 19.43 1.81 -22.85
CA GLN E 36 19.87 2.80 -21.88
C GLN E 36 21.25 2.45 -21.33
N THR E 37 22.24 3.26 -21.72
CA THR E 37 23.55 3.25 -21.08
C THR E 37 23.44 4.08 -19.81
N LEU E 38 24.20 3.68 -18.79
CA LEU E 38 24.16 4.34 -17.50
C LEU E 38 24.75 5.73 -17.65
N GLY E 39 23.95 6.76 -17.39
CA GLY E 39 24.36 8.15 -17.54
C GLY E 39 23.40 8.97 -18.38
N GLN E 40 22.89 8.37 -19.44
CA GLN E 40 21.96 9.06 -20.35
C GLN E 40 20.52 8.64 -20.07
N GLY E 41 19.59 9.28 -20.77
CA GLY E 41 18.19 8.83 -20.77
C GLY E 41 18.05 7.66 -21.71
N PRO E 42 16.88 6.98 -21.69
CA PRO E 42 16.64 5.92 -22.66
C PRO E 42 16.64 6.42 -24.09
N GLU E 43 17.36 5.73 -24.97
CA GLU E 43 17.37 6.06 -26.38
C GLU E 43 16.34 5.18 -27.05
N PHE E 44 15.66 5.71 -28.06
CA PHE E 44 14.60 4.98 -28.77
C PHE E 44 15.18 3.95 -29.73
N LEU E 45 14.57 2.77 -29.77
CA LEU E 45 14.94 1.74 -30.73
C LEU E 45 13.87 1.54 -31.80
N THR E 46 12.79 0.84 -31.45
CA THR E 46 11.70 0.59 -32.39
C THR E 46 10.35 0.78 -31.72
N TYR E 47 9.29 0.77 -32.52
CA TYR E 47 7.96 0.99 -32.02
C TYR E 47 6.94 0.22 -32.88
N PHE E 48 6.10 -0.57 -32.21
CA PHE E 48 5.10 -1.40 -32.88
C PHE E 48 3.72 -0.90 -32.54
N GLN E 49 2.81 -0.98 -33.51
CA GLN E 49 1.38 -0.89 -33.21
C GLN E 49 0.73 -2.19 -33.65
N ASN E 50 -0.07 -2.76 -32.77
CA ASN E 50 -0.56 -4.10 -32.97
C ASN E 50 0.63 -4.98 -33.38
N GLU E 51 0.68 -5.43 -34.63
CA GLU E 51 1.68 -6.42 -35.11
C GLU E 51 2.64 -5.85 -36.15
N ALA E 52 2.59 -4.53 -36.33
CA ALA E 52 3.31 -3.85 -37.39
C ALA E 52 4.36 -2.90 -36.82
N GLN E 53 5.54 -2.87 -37.46
CA GLN E 53 6.68 -2.07 -37.00
C GLN E 53 6.69 -0.71 -37.68
N LEU E 54 6.08 0.28 -37.04
CA LEU E 54 5.79 1.57 -37.67
C LEU E 54 7.04 2.42 -37.86
N GLU E 55 7.81 2.59 -36.78
CA GLU E 55 8.99 3.47 -36.77
C GLU E 55 10.23 2.73 -36.28
N LYS E 56 11.39 3.15 -36.75
CA LYS E 56 12.66 2.66 -36.20
C LYS E 56 13.84 3.57 -36.55
N SER E 57 14.61 3.95 -35.52
CA SER E 57 15.68 4.94 -35.64
C SER E 57 16.96 4.36 -36.22
N ARG E 58 17.90 5.24 -36.55
CA ARG E 58 19.17 4.83 -37.17
C ARG E 58 20.10 4.14 -36.18
N LEU E 59 19.67 4.10 -34.92
CA LEU E 59 20.38 3.34 -33.88
C LEU E 59 20.25 1.83 -34.16
N LEU E 60 19.13 1.43 -34.76
CA LEU E 60 18.96 0.05 -35.17
C LEU E 60 19.91 -0.32 -36.32
N SER E 61 21.04 -0.91 -35.97
CA SER E 61 21.87 -1.60 -36.93
C SER E 61 21.08 -2.74 -37.58
N ASP E 62 21.55 -3.23 -38.73
CA ASP E 62 20.95 -4.41 -39.36
C ASP E 62 21.01 -5.62 -38.42
N ARG E 63 22.05 -5.68 -37.61
CA ARG E 63 22.23 -6.76 -36.64
C ARG E 63 21.04 -6.89 -35.69
N PHE E 64 20.47 -5.75 -35.29
CA PHE E 64 19.26 -5.77 -34.49
C PHE E 64 18.06 -6.10 -35.35
N SER E 65 17.13 -6.86 -34.80
CA SER E 65 15.85 -7.10 -35.45
C SER E 65 14.75 -7.37 -34.42
N ALA E 66 13.84 -6.41 -34.30
CA ALA E 66 12.62 -6.57 -33.51
C ALA E 66 11.56 -7.27 -34.35
N GLU E 67 10.66 -7.98 -33.68
CA GLU E 67 9.58 -8.70 -34.35
C GLU E 67 8.44 -8.91 -33.35
N ARG E 68 7.21 -8.80 -33.83
CA ARG E 68 6.02 -8.94 -32.97
C ARG E 68 4.90 -9.57 -33.79
N PRO E 69 4.87 -10.91 -33.83
CA PRO E 69 4.12 -11.60 -34.87
C PRO E 69 2.62 -11.58 -34.66
N LYS E 70 2.16 -12.00 -33.49
CA LYS E 70 0.73 -12.01 -33.17
C LYS E 70 0.29 -10.66 -32.61
N GLY E 71 1.20 -9.71 -32.49
CA GLY E 71 0.88 -8.40 -31.97
C GLY E 71 0.63 -8.44 -30.47
N SER E 72 1.38 -9.30 -29.77
CA SER E 72 1.27 -9.45 -28.32
C SER E 72 2.64 -9.29 -27.69
N PHE E 73 3.45 -10.35 -27.74
CA PHE E 73 4.82 -10.33 -27.23
C PHE E 73 5.75 -9.88 -28.33
N SER E 74 6.93 -9.40 -27.96
CA SER E 74 7.93 -9.01 -28.95
C SER E 74 9.32 -9.58 -28.60
N THR E 75 10.02 -10.04 -29.63
CA THR E 75 11.37 -10.58 -29.50
C THR E 75 12.34 -9.60 -30.14
N LEU E 76 13.36 -9.22 -29.39
CA LEU E 76 14.41 -8.34 -29.89
C LEU E 76 15.70 -9.15 -29.99
N GLU E 77 16.20 -9.32 -31.20
CA GLU E 77 17.34 -10.21 -31.46
C GLU E 77 18.54 -9.42 -31.94
N ILE E 78 19.71 -9.73 -31.39
CA ILE E 78 20.98 -9.13 -31.79
C ILE E 78 21.86 -10.20 -32.44
N GLN E 79 22.39 -9.92 -33.62
CA GLN E 79 23.00 -10.97 -34.44
C GLN E 79 24.46 -11.25 -34.07
N ARG E 80 25.34 -10.27 -34.29
CA ARG E 80 26.77 -10.42 -33.95
C ARG E 80 27.13 -9.42 -32.87
N THR E 81 27.04 -9.87 -31.62
CA THR E 81 27.13 -8.99 -30.46
C THR E 81 28.45 -8.24 -30.39
N GLU E 82 28.36 -6.94 -30.12
CA GLU E 82 29.52 -6.07 -29.98
C GLU E 82 29.59 -5.56 -28.56
N GLN E 83 30.77 -5.06 -28.18
CA GLN E 83 30.96 -4.47 -26.86
C GLN E 83 30.12 -3.20 -26.70
N GLY E 84 29.81 -2.55 -27.82
CA GLY E 84 28.98 -1.35 -27.82
C GLY E 84 27.49 -1.59 -27.65
N ASP E 85 27.08 -2.85 -27.77
CA ASP E 85 25.68 -3.20 -27.54
C ASP E 85 25.37 -3.22 -26.04
N SER E 86 26.41 -3.31 -25.23
CA SER E 86 26.27 -3.40 -23.78
C SER E 86 25.41 -2.25 -23.25
N ALA E 87 24.24 -2.59 -22.72
CA ALA E 87 23.33 -1.60 -22.16
C ALA E 87 22.10 -2.26 -21.54
N MET E 88 21.24 -1.44 -20.93
CA MET E 88 19.96 -1.92 -20.42
C MET E 88 18.96 -1.83 -21.54
N TYR E 89 18.31 -2.95 -21.85
CA TYR E 89 17.30 -2.98 -22.93
C TYR E 89 15.86 -2.98 -22.38
N LEU E 90 15.32 -1.78 -22.29
CA LEU E 90 13.97 -1.56 -21.75
C LEU E 90 12.90 -1.82 -22.81
N CYS E 91 11.70 -2.12 -22.33
CA CYS E 91 10.55 -2.35 -23.19
C CYS E 91 9.29 -1.86 -22.51
N ALA E 92 8.64 -0.87 -23.11
CA ALA E 92 7.42 -0.30 -22.58
C ALA E 92 6.24 -0.54 -23.49
N SER E 93 5.04 -0.35 -22.93
CA SER E 93 3.81 -0.50 -23.67
C SER E 93 2.81 0.57 -23.29
N ARG E 94 1.77 0.69 -24.11
CA ARG E 94 0.67 1.64 -23.88
C ARG E 94 -0.67 0.92 -23.98
N TYR E 95 -1.63 1.36 -23.18
CA TYR E 95 -2.99 0.84 -23.26
C TYR E 95 -3.60 1.14 -24.62
N ARG E 96 -4.70 0.46 -24.96
CA ARG E 96 -5.37 0.70 -26.23
C ARG E 96 -6.53 1.69 -26.12
N ASP E 97 -6.24 2.90 -25.63
CA ASP E 97 -7.16 4.05 -25.86
C ASP E 97 -6.43 5.38 -26.23
N ASP E 98 -5.65 5.99 -25.32
CA ASP E 98 -5.52 5.59 -23.92
C ASP E 98 -6.47 6.34 -22.97
N SER E 99 -6.47 7.68 -22.88
CA SER E 99 -6.01 8.64 -23.88
C SER E 99 -4.50 8.97 -23.94
N TYR E 100 -4.01 9.87 -23.08
CA TYR E 100 -2.65 10.44 -23.20
C TYR E 100 -1.48 9.45 -23.37
N ASN E 101 -0.30 9.96 -23.71
CA ASN E 101 0.88 9.12 -24.02
C ASN E 101 1.55 8.56 -22.76
N GLU E 102 0.91 7.55 -22.16
CA GLU E 102 1.36 6.96 -20.90
C GLU E 102 2.06 5.64 -21.17
N GLN E 103 3.37 5.68 -21.25
CA GLN E 103 4.17 4.50 -21.54
C GLN E 103 4.51 3.77 -20.25
N PHE E 104 4.21 2.47 -20.21
CA PHE E 104 4.46 1.65 -19.03
C PHE E 104 5.65 0.74 -19.29
N PHE E 105 6.74 0.96 -18.56
CA PHE E 105 8.00 0.23 -18.78
C PHE E 105 8.10 -1.05 -17.97
N GLY E 106 9.01 -1.91 -18.40
CA GLY E 106 9.29 -3.19 -17.73
C GLY E 106 10.63 -3.13 -17.00
N PRO E 107 11.09 -4.27 -16.45
CA PRO E 107 12.28 -4.31 -15.60
C PRO E 107 13.55 -4.11 -16.38
N GLY E 108 13.55 -4.58 -17.64
CA GLY E 108 14.66 -4.40 -18.57
C GLY E 108 15.64 -5.56 -18.53
N THR E 109 15.94 -6.11 -19.70
CA THR E 109 16.99 -7.10 -19.81
C THR E 109 18.33 -6.39 -19.83
N ARG E 110 19.27 -6.92 -19.05
CA ARG E 110 20.58 -6.30 -18.89
C ARG E 110 21.62 -7.10 -19.66
N LEU E 111 22.07 -6.53 -20.79
CA LEU E 111 23.10 -7.15 -21.61
C LEU E 111 24.46 -6.58 -21.20
N THR E 112 25.45 -7.45 -21.22
CA THR E 112 26.84 -7.05 -21.06
C THR E 112 27.68 -7.97 -21.96
N VAL E 113 28.14 -7.45 -23.09
CA VAL E 113 28.95 -8.24 -24.01
C VAL E 113 30.40 -8.03 -23.65
N LEU E 114 31.17 -9.12 -23.62
CA LEU E 114 32.59 -9.08 -23.21
C LEU E 114 33.56 -9.64 -24.25
N GLU E 115 34.78 -9.14 -24.22
CA GLU E 115 35.87 -9.64 -25.07
C GLU E 115 36.00 -11.15 -24.84
N ASP E 116 36.30 -11.54 -23.61
CA ASP E 116 36.22 -12.93 -23.17
C ASP E 116 35.69 -12.95 -21.74
N LEU E 117 35.30 -14.14 -21.27
CA LEU E 117 34.61 -14.26 -19.98
C LEU E 117 35.55 -14.29 -18.76
N LYS E 118 36.86 -14.37 -18.98
CA LYS E 118 37.84 -14.38 -17.88
C LYS E 118 37.76 -13.15 -16.97
N ASN E 119 37.14 -12.10 -17.47
CA ASN E 119 36.94 -10.87 -16.72
C ASN E 119 35.82 -10.99 -15.68
N VAL E 120 34.92 -11.96 -15.85
CA VAL E 120 33.75 -12.08 -14.97
C VAL E 120 34.14 -12.57 -13.57
N PHE E 121 34.01 -11.69 -12.58
CA PHE E 121 34.31 -12.03 -11.20
C PHE E 121 33.07 -11.92 -10.34
N PRO E 122 32.97 -12.77 -9.29
CA PRO E 122 31.90 -12.64 -8.30
C PRO E 122 32.25 -11.53 -7.31
N PRO E 123 31.39 -11.29 -6.32
CA PRO E 123 31.77 -10.43 -5.22
C PRO E 123 32.30 -11.23 -4.04
N GLU E 124 33.07 -10.56 -3.19
CA GLU E 124 33.48 -11.10 -1.89
C GLU E 124 32.91 -10.15 -0.85
N VAL E 125 32.07 -10.65 0.04
CA VAL E 125 31.37 -9.79 0.98
C VAL E 125 31.91 -9.91 2.39
N ALA E 126 32.07 -8.76 3.04
CA ALA E 126 32.43 -8.71 4.45
C ALA E 126 31.71 -7.52 5.12
N VAL E 127 31.39 -7.69 6.40
CA VAL E 127 30.70 -6.67 7.20
C VAL E 127 31.55 -6.23 8.40
N PHE E 128 31.42 -4.95 8.76
CA PHE E 128 32.25 -4.34 9.78
C PHE E 128 31.41 -3.86 10.97
N GLU E 129 31.75 -4.33 12.17
CA GLU E 129 31.02 -3.99 13.39
C GLU E 129 31.03 -2.48 13.59
N PRO E 130 30.02 -1.94 14.29
CA PRO E 130 29.98 -0.50 14.61
C PRO E 130 30.96 -0.12 15.70
N SER E 131 31.24 1.18 15.83
CA SER E 131 32.26 1.66 16.76
C SER E 131 31.72 1.82 18.17
N GLU E 132 32.59 1.60 19.15
CA GLU E 132 32.23 1.74 20.55
C GLU E 132 32.02 3.21 20.89
N ALA E 133 32.78 4.09 20.23
CA ALA E 133 32.63 5.53 20.40
C ALA E 133 31.23 5.97 19.98
N GLU E 134 30.81 5.50 18.80
CA GLU E 134 29.49 5.83 18.26
C GLU E 134 28.37 5.39 19.20
N ILE E 135 28.48 4.18 19.73
CA ILE E 135 27.49 3.66 20.66
C ILE E 135 27.35 4.58 21.86
N SER E 136 28.44 4.81 22.57
CA SER E 136 28.42 5.55 23.84
C SER E 136 28.18 7.04 23.64
N HIS E 137 28.34 7.51 22.40
CA HIS E 137 28.05 8.90 22.07
C HIS E 137 26.62 9.00 21.56
N THR E 138 26.35 8.44 20.39
CA THR E 138 25.08 8.67 19.69
C THR E 138 23.93 7.78 20.17
N GLN E 139 24.23 6.81 21.03
CA GLN E 139 23.26 5.79 21.45
C GLN E 139 22.70 5.03 20.25
N LYS E 140 23.55 4.82 19.23
CA LYS E 140 23.18 4.09 18.02
C LYS E 140 24.30 3.16 17.58
N ALA E 141 24.07 2.37 16.54
CA ALA E 141 25.09 1.46 16.02
C ALA E 141 24.98 1.36 14.49
N THR E 142 25.97 1.90 13.79
CA THR E 142 25.96 1.90 12.33
C THR E 142 26.80 0.74 11.81
N LEU E 143 26.14 -0.32 11.35
CA LEU E 143 26.84 -1.40 10.67
C LEU E 143 27.11 -0.99 9.24
N VAL E 144 28.21 -1.49 8.68
CA VAL E 144 28.59 -1.20 7.29
C VAL E 144 28.93 -2.48 6.56
N CYS E 145 28.63 -2.50 5.26
CA CYS E 145 28.93 -3.64 4.41
C CYS E 145 29.65 -3.19 3.13
N LEU E 146 30.80 -3.81 2.86
CA LEU E 146 31.52 -3.59 1.60
C LEU E 146 31.58 -4.87 0.81
N ALA E 147 30.92 -4.87 -0.35
CA ALA E 147 30.94 -6.01 -1.25
C ALA E 147 31.86 -5.66 -2.41
N THR E 148 32.93 -6.42 -2.56
CA THR E 148 33.96 -6.15 -3.56
C THR E 148 34.83 -7.39 -3.76
N GLY E 149 35.45 -7.59 -4.92
CA GLY E 149 35.36 -6.73 -6.09
C GLY E 149 34.81 -7.57 -7.23
N PHE E 150 33.81 -7.06 -7.92
CA PHE E 150 32.98 -7.88 -8.78
C PHE E 150 32.84 -7.26 -10.16
N TYR E 151 32.65 -8.12 -11.16
CA TYR E 151 32.49 -7.67 -12.55
C TYR E 151 31.60 -8.63 -13.31
N PRO E 152 30.55 -8.13 -13.97
CA PRO E 152 30.17 -6.73 -14.11
C PRO E 152 29.31 -6.25 -12.95
N ASP E 153 28.94 -4.98 -12.94
CA ASP E 153 28.36 -4.35 -11.75
C ASP E 153 26.88 -4.63 -11.54
N HIS E 154 26.39 -5.73 -12.11
CA HIS E 154 25.01 -6.11 -11.92
C HIS E 154 24.87 -6.99 -10.68
N VAL E 155 24.68 -6.33 -9.53
CA VAL E 155 24.51 -6.99 -8.24
C VAL E 155 23.54 -6.21 -7.35
N GLU E 156 22.84 -6.93 -6.47
CA GLU E 156 21.82 -6.31 -5.61
C GLU E 156 22.01 -6.69 -4.16
N LEU E 157 22.04 -5.68 -3.29
CA LEU E 157 22.42 -5.86 -1.91
C LEU E 157 21.20 -5.73 -1.02
N SER E 158 21.19 -6.48 0.09
CA SER E 158 20.05 -6.48 1.01
C SER E 158 20.46 -6.94 2.40
N TRP E 159 19.86 -6.35 3.41
CA TRP E 159 20.16 -6.69 4.82
C TRP E 159 19.14 -7.65 5.42
N TRP E 160 19.56 -8.45 6.39
CA TRP E 160 18.68 -9.41 7.02
C TRP E 160 18.95 -9.49 8.55
N VAL E 161 18.13 -8.78 9.32
CA VAL E 161 18.23 -8.77 10.78
C VAL E 161 17.41 -9.93 11.35
N ASN E 162 18.06 -10.79 12.12
CA ASN E 162 17.43 -11.98 12.66
C ASN E 162 16.70 -12.75 11.55
N GLY E 163 17.46 -13.14 10.53
CA GLY E 163 16.95 -13.93 9.41
C GLY E 163 15.65 -13.42 8.81
N LYS E 164 15.52 -12.11 8.69
CA LYS E 164 14.33 -11.47 8.12
C LYS E 164 14.74 -10.16 7.48
N GLU E 165 14.31 -9.92 6.25
CA GLU E 165 14.80 -8.76 5.51
C GLU E 165 14.33 -7.47 6.16
N VAL E 166 15.15 -6.42 6.02
CA VAL E 166 14.88 -5.11 6.63
C VAL E 166 15.20 -3.95 5.67
N HIS E 167 14.29 -2.99 5.60
CA HIS E 167 14.48 -1.81 4.78
C HIS E 167 14.52 -0.52 5.61
N SER E 168 14.19 -0.64 6.89
CA SER E 168 14.24 0.48 7.82
C SER E 168 15.67 0.72 8.28
N GLY E 169 16.16 1.93 8.09
CA GLY E 169 17.53 2.27 8.51
C GLY E 169 18.63 1.82 7.57
N VAL E 170 18.26 1.55 6.32
CA VAL E 170 19.19 1.07 5.34
C VAL E 170 19.47 2.16 4.31
N CYS E 171 20.75 2.41 4.05
CA CYS E 171 21.17 3.23 2.92
C CYS E 171 22.26 2.49 2.19
N THR E 172 21.98 2.07 0.96
CA THR E 172 22.98 1.42 0.10
C THR E 172 23.49 2.41 -0.96
N ASP E 173 24.76 2.29 -1.34
CA ASP E 173 25.29 3.10 -2.44
C ASP E 173 24.39 2.89 -3.65
N PRO E 174 23.98 3.97 -4.33
CA PRO E 174 23.08 3.82 -5.46
C PRO E 174 23.76 3.10 -6.61
N GLN E 175 24.94 3.60 -6.99
CA GLN E 175 25.74 2.97 -8.03
C GLN E 175 27.16 2.74 -7.47
N PRO E 176 27.81 1.64 -7.88
CA PRO E 176 29.08 1.31 -7.26
C PRO E 176 30.23 2.00 -7.95
N LEU E 177 31.39 2.01 -7.28
CA LEU E 177 32.59 2.66 -7.81
C LEU E 177 33.62 1.65 -8.31
N LYS E 178 34.48 2.08 -9.23
CA LYS E 178 35.52 1.23 -9.80
C LYS E 178 36.74 1.15 -8.89
N GLU E 179 37.35 -0.04 -8.80
CA GLU E 179 38.55 -0.20 -7.98
C GLU E 179 39.76 0.41 -8.70
N GLN E 180 39.96 0.04 -9.96
CA GLN E 180 41.04 0.59 -10.79
C GLN E 180 40.44 1.33 -11.99
N PRO E 181 39.88 2.53 -11.75
CA PRO E 181 38.97 3.18 -12.69
C PRO E 181 39.57 3.49 -14.06
N ALA E 182 40.89 3.53 -14.14
CA ALA E 182 41.59 3.80 -15.40
C ALA E 182 41.66 2.58 -16.33
N LEU E 183 41.02 1.48 -15.94
CA LEU E 183 40.97 0.28 -16.77
C LEU E 183 39.57 0.10 -17.38
N ASN E 184 39.51 -0.47 -18.59
CA ASN E 184 38.24 -0.69 -19.29
C ASN E 184 37.38 -1.80 -18.66
N ASP E 185 38.04 -2.78 -18.07
CA ASP E 185 37.37 -3.92 -17.42
C ASP E 185 37.57 -3.92 -15.89
N SER E 186 37.70 -2.73 -15.32
CA SER E 186 37.94 -2.57 -13.89
C SER E 186 36.83 -3.23 -13.10
N ARG E 187 37.20 -3.86 -12.00
CA ARG E 187 36.24 -4.51 -11.11
C ARG E 187 35.66 -3.46 -10.18
N TYR E 188 34.45 -3.73 -9.69
CA TYR E 188 33.65 -2.72 -8.97
C TYR E 188 33.68 -2.95 -7.46
N ALA E 189 32.96 -2.11 -6.73
CA ALA E 189 32.88 -2.21 -5.27
C ALA E 189 31.74 -1.35 -4.73
N LEU E 190 30.93 -1.93 -3.83
CA LEU E 190 29.68 -1.31 -3.36
C LEU E 190 29.60 -1.27 -1.83
N SER E 191 29.18 -0.13 -1.28
CA SER E 191 29.08 0.06 0.18
C SER E 191 27.63 0.19 0.65
N SER E 192 27.39 -0.15 1.91
CA SER E 192 26.04 -0.05 2.50
C SER E 192 26.07 0.15 4.02
N ARG E 193 24.99 0.70 4.56
CA ARG E 193 24.86 0.97 5.99
C ARG E 193 23.54 0.42 6.52
N LEU E 194 23.58 -0.25 7.67
CA LEU E 194 22.39 -0.59 8.42
C LEU E 194 22.56 -0.01 9.80
N ARG E 195 21.60 0.80 10.24
CA ARG E 195 21.72 1.48 11.53
C ARG E 195 20.60 1.09 12.50
N VAL E 196 21.00 0.70 13.71
CA VAL E 196 20.07 0.23 14.74
C VAL E 196 20.43 0.81 16.09
N SER E 197 19.52 0.68 17.05
CA SER E 197 19.75 1.20 18.39
C SER E 197 20.93 0.49 19.03
N ALA E 198 21.69 1.22 19.84
CA ALA E 198 22.85 0.66 20.52
C ALA E 198 22.45 -0.55 21.36
N THR E 199 21.29 -0.46 22.01
CA THR E 199 20.80 -1.54 22.88
C THR E 199 20.31 -2.78 22.12
N PHE E 200 19.97 -2.61 20.84
CA PHE E 200 19.63 -3.73 19.96
C PHE E 200 20.88 -4.45 19.49
N TRP E 201 21.92 -3.70 19.16
CA TRP E 201 23.21 -4.29 18.83
C TRP E 201 23.86 -4.88 20.07
N GLN E 202 23.73 -4.18 21.19
CA GLN E 202 24.29 -4.65 22.46
C GLN E 202 23.65 -5.95 22.97
N ASN E 203 22.55 -6.37 22.37
CA ASN E 203 21.95 -7.67 22.64
C ASN E 203 22.61 -8.78 21.80
N PRO E 204 23.39 -9.68 22.45
CA PRO E 204 24.20 -10.64 21.68
C PRO E 204 23.47 -11.82 21.00
N ARG E 205 22.14 -11.87 21.07
CA ARG E 205 21.38 -12.89 20.34
C ARG E 205 20.89 -12.37 18.99
N ASN E 206 20.91 -11.05 18.79
CA ASN E 206 20.52 -10.46 17.52
C ASN E 206 21.54 -10.71 16.41
N HIS E 207 21.07 -11.23 15.29
CA HIS E 207 21.93 -11.58 14.16
C HIS E 207 21.78 -10.60 13.00
N PHE E 208 22.87 -10.39 12.26
CA PHE E 208 22.91 -9.49 11.10
C PHE E 208 23.60 -10.12 9.88
N ARG E 209 22.91 -10.17 8.75
CA ARG E 209 23.49 -10.70 7.52
C ARG E 209 23.39 -9.67 6.43
N CYS E 210 24.53 -9.34 5.83
CA CYS E 210 24.57 -8.53 4.63
C CYS E 210 24.67 -9.48 3.42
N GLN E 211 23.65 -9.43 2.57
CA GLN E 211 23.53 -10.34 1.43
C GLN E 211 23.78 -9.58 0.13
N VAL E 212 24.42 -10.26 -0.83
CA VAL E 212 24.67 -9.68 -2.15
C VAL E 212 24.33 -10.70 -3.24
N GLN E 213 23.26 -10.44 -3.97
CA GLN E 213 22.90 -11.23 -5.15
C GLN E 213 23.81 -10.81 -6.29
N PHE E 214 24.49 -11.77 -6.88
CA PHE E 214 25.31 -11.52 -8.05
C PHE E 214 24.68 -12.19 -9.24
N TYR E 215 24.48 -11.45 -10.32
CA TYR E 215 24.01 -12.02 -11.57
C TYR E 215 25.21 -12.20 -12.48
N GLY E 216 25.52 -13.44 -12.82
CA GLY E 216 26.78 -13.78 -13.51
C GLY E 216 26.62 -14.72 -14.69
N LEU E 217 27.47 -15.74 -14.74
CA LEU E 217 27.50 -16.68 -15.86
C LEU E 217 26.46 -17.76 -15.73
N SER E 218 26.20 -18.43 -16.84
CA SER E 218 25.25 -19.54 -16.90
C SER E 218 25.94 -20.82 -16.41
N GLU E 219 25.15 -21.79 -15.98
CA GLU E 219 25.65 -23.15 -15.78
C GLU E 219 26.15 -23.65 -17.13
N ASN E 220 25.36 -23.35 -18.15
CA ASN E 220 25.68 -23.56 -19.56
C ASN E 220 27.10 -23.15 -19.98
N ASP E 221 27.57 -22.00 -19.49
CA ASP E 221 28.75 -21.35 -20.08
C ASP E 221 30.07 -22.09 -19.91
N GLU E 222 30.98 -21.83 -20.84
CA GLU E 222 32.23 -22.58 -20.95
C GLU E 222 33.31 -21.93 -20.10
N TRP E 223 33.50 -22.45 -18.89
CA TRP E 223 34.53 -21.96 -17.99
C TRP E 223 35.80 -22.79 -18.11
N THR E 224 36.93 -22.13 -17.96
CA THR E 224 38.23 -22.76 -18.24
C THR E 224 39.22 -22.73 -17.05
N GLN E 225 39.18 -21.66 -16.26
CA GLN E 225 40.29 -21.34 -15.32
C GLN E 225 40.22 -22.02 -13.95
N ASP E 226 41.39 -22.08 -13.30
CA ASP E 226 41.61 -22.91 -12.11
C ASP E 226 40.68 -22.59 -10.95
N ARG E 227 40.32 -21.33 -10.79
CA ARG E 227 39.47 -20.92 -9.69
C ARG E 227 38.02 -21.36 -9.93
N ALA E 228 37.17 -21.10 -8.93
CA ALA E 228 35.75 -21.45 -8.99
C ALA E 228 35.09 -20.78 -10.19
N LYS E 229 33.88 -21.20 -10.51
CA LYS E 229 33.11 -20.62 -11.61
C LYS E 229 32.30 -19.42 -11.11
N PRO E 230 32.22 -18.32 -11.90
CA PRO E 230 31.45 -17.18 -11.45
C PRO E 230 30.00 -17.25 -11.90
N VAL E 231 29.26 -18.22 -11.39
CA VAL E 231 27.85 -18.37 -11.73
C VAL E 231 26.97 -17.45 -10.90
N THR E 232 25.84 -17.04 -11.48
CA THR E 232 24.86 -16.22 -10.78
C THR E 232 24.64 -16.80 -9.39
N GLN E 233 25.23 -16.16 -8.38
CA GLN E 233 25.21 -16.69 -7.02
C GLN E 233 24.86 -15.60 -6.02
N ILE E 234 24.84 -15.97 -4.73
CA ILE E 234 24.58 -15.05 -3.63
C ILE E 234 25.68 -15.14 -2.56
N VAL E 235 26.55 -14.13 -2.52
CA VAL E 235 27.59 -14.04 -1.49
C VAL E 235 27.07 -13.26 -0.31
N SER E 236 27.45 -13.68 0.90
CA SER E 236 26.95 -13.07 2.13
C SER E 236 27.99 -13.08 3.25
N ALA E 237 27.87 -12.13 4.16
CA ALA E 237 28.68 -12.08 5.36
C ALA E 237 27.78 -11.91 6.59
N GLU E 238 28.11 -12.63 7.66
CA GLU E 238 27.35 -12.57 8.91
C GLU E 238 27.99 -11.63 9.89
N ALA E 239 27.22 -11.27 10.90
CA ALA E 239 27.72 -10.59 12.09
C ALA E 239 26.67 -10.73 13.16
N TRP E 240 27.11 -10.97 14.40
CA TRP E 240 26.21 -11.15 15.52
C TRP E 240 26.31 -9.98 16.48
N GLY E 241 25.34 -9.87 17.37
CA GLY E 241 25.38 -8.86 18.42
C GLY E 241 26.57 -9.10 19.33
N ARG E 242 27.13 -8.00 19.85
CA ARG E 242 28.16 -8.04 20.87
C ARG E 242 27.54 -7.55 22.17
N ALA E 243 27.94 -8.13 23.29
CA ALA E 243 27.46 -7.68 24.60
C ALA E 243 28.07 -6.31 24.97
N ASP E 244 29.13 -5.94 24.26
CA ASP E 244 29.94 -4.75 24.58
C ASP E 244 29.31 -3.46 24.04
N GLY F 1 16.76 -46.74 49.85
CA GLY F 1 15.32 -47.04 49.61
C GLY F 1 14.83 -46.59 48.25
N SER F 2 15.44 -45.51 47.74
CA SER F 2 14.99 -44.85 46.51
C SER F 2 15.80 -45.30 45.29
N HIS F 3 15.44 -44.76 44.12
CA HIS F 3 16.17 -45.00 42.87
C HIS F 3 16.35 -43.71 42.07
N SER F 4 17.14 -43.79 40.99
CA SER F 4 17.46 -42.64 40.15
C SER F 4 17.50 -43.02 38.66
N MET F 5 17.35 -42.02 37.80
CA MET F 5 17.62 -42.15 36.37
C MET F 5 18.37 -40.92 35.90
N ARG F 6 19.40 -41.14 35.09
CA ARG F 6 20.29 -40.07 34.66
C ARG F 6 20.77 -40.32 33.24
N TYR F 7 20.49 -39.38 32.34
CA TYR F 7 21.13 -39.39 31.03
C TYR F 7 22.29 -38.41 31.12
N PHE F 8 23.36 -38.70 30.40
CA PHE F 8 24.55 -37.85 30.35
C PHE F 8 24.91 -37.54 28.91
N TYR F 9 25.23 -36.28 28.63
CA TYR F 9 25.67 -35.89 27.29
C TYR F 9 27.13 -35.44 27.30
N THR F 10 27.83 -35.72 26.21
CA THR F 10 29.19 -35.23 26.02
C THR F 10 29.40 -34.74 24.58
N ALA F 11 29.47 -33.42 24.42
CA ALA F 11 29.71 -32.80 23.12
C ALA F 11 31.15 -32.33 23.11
N MET F 12 31.87 -32.58 22.02
CA MET F 12 33.33 -32.41 21.98
C MET F 12 33.80 -31.92 20.59
N SER F 13 33.98 -30.61 20.45
CA SER F 13 34.49 -30.04 19.20
C SER F 13 35.94 -30.46 19.05
N ARG F 14 36.40 -30.61 17.81
CA ARG F 14 37.70 -31.23 17.56
C ARG F 14 38.22 -30.96 16.16
N PRO F 15 38.60 -29.70 15.92
CA PRO F 15 38.60 -29.17 14.57
C PRO F 15 39.82 -29.65 13.78
N GLY F 16 39.60 -29.99 12.51
CA GLY F 16 40.63 -30.63 11.70
C GLY F 16 40.42 -32.13 11.71
N ARG F 17 40.31 -32.72 12.89
CA ARG F 17 40.03 -34.15 13.04
C ARG F 17 38.52 -34.49 13.08
N GLY F 18 37.70 -33.76 12.32
CA GLY F 18 36.26 -34.01 12.30
C GLY F 18 35.40 -32.81 12.63
N GLU F 19 34.18 -32.83 12.11
CA GLU F 19 33.02 -32.33 12.85
C GLU F 19 32.93 -32.96 14.24
N PRO F 20 32.31 -32.24 15.20
CA PRO F 20 32.28 -32.67 16.60
C PRO F 20 31.63 -34.01 16.84
N ARG F 21 32.09 -34.67 17.90
CA ARG F 21 31.50 -35.91 18.38
C ARG F 21 30.49 -35.59 19.49
N PHE F 22 29.42 -36.39 19.52
CA PHE F 22 28.37 -36.27 20.53
C PHE F 22 28.05 -37.67 21.06
N ILE F 23 28.22 -37.87 22.37
CA ILE F 23 27.95 -39.15 23.00
C ILE F 23 26.84 -39.02 24.03
N THR F 24 25.94 -40.00 24.09
CA THR F 24 24.94 -40.05 25.16
C THR F 24 24.99 -41.40 25.84
N VAL F 25 25.01 -41.38 27.17
CA VAL F 25 24.92 -42.59 28.00
C VAL F 25 23.78 -42.45 29.01
N GLY F 26 23.10 -43.55 29.27
CA GLY F 26 21.95 -43.56 30.15
C GLY F 26 22.13 -44.57 31.25
N TYR F 27 22.02 -44.11 32.50
CA TYR F 27 22.10 -44.97 33.67
C TYR F 27 20.76 -45.05 34.38
N VAL F 28 20.55 -46.15 35.09
CA VAL F 28 19.56 -46.25 36.15
C VAL F 28 20.37 -46.76 37.29
N ASP F 29 20.30 -46.08 38.43
CA ASP F 29 21.21 -46.35 39.56
C ASP F 29 22.64 -46.35 39.00
N ASP F 30 23.38 -47.45 39.22
CA ASP F 30 24.72 -47.62 38.68
C ASP F 30 24.74 -48.64 37.53
N THR F 31 23.60 -48.79 36.85
CA THR F 31 23.46 -49.71 35.72
C THR F 31 23.40 -48.93 34.43
N LEU F 32 24.41 -49.06 33.57
CA LEU F 32 24.38 -48.43 32.25
C LEU F 32 23.44 -49.26 31.36
N PHE F 33 22.48 -48.59 30.71
CA PHE F 33 21.46 -49.30 29.91
C PHE F 33 21.27 -48.83 28.46
N VAL F 34 21.70 -47.61 28.13
CA VAL F 34 21.55 -47.12 26.77
C VAL F 34 22.70 -46.20 26.33
N ARG F 35 23.18 -46.38 25.10
CA ARG F 35 24.37 -45.71 24.59
C ARG F 35 24.12 -45.13 23.20
N PHE F 36 24.66 -43.94 22.96
CA PHE F 36 24.64 -43.33 21.63
C PHE F 36 25.99 -42.65 21.34
N ASP F 37 26.49 -42.85 20.12
CA ASP F 37 27.76 -42.27 19.68
C ASP F 37 27.74 -41.90 18.19
N SER F 38 27.89 -40.61 17.90
CA SER F 38 27.75 -40.10 16.54
C SER F 38 29.01 -40.31 15.68
N ASP F 39 29.54 -41.53 15.67
CA ASP F 39 30.77 -41.84 14.93
C ASP F 39 30.63 -43.23 14.37
N ALA F 40 29.51 -43.45 13.74
CA ALA F 40 28.60 -44.45 14.24
C ALA F 40 29.07 -45.92 14.30
N THR F 41 29.25 -46.60 13.17
CA THR F 41 29.30 -46.03 11.82
C THR F 41 27.95 -45.59 11.23
N SER F 42 26.88 -46.33 11.52
CA SER F 42 25.51 -45.86 11.31
C SER F 42 24.83 -45.77 12.68
N PRO F 43 24.62 -44.53 13.18
CA PRO F 43 24.37 -44.36 14.61
C PRO F 43 22.94 -44.61 14.99
N ARG F 44 22.76 -44.96 16.27
CA ARG F 44 21.44 -45.07 16.88
C ARG F 44 21.61 -45.49 18.32
N LYS F 45 20.58 -45.25 19.13
CA LYS F 45 20.57 -45.68 20.53
C LYS F 45 20.72 -47.20 20.61
N GLU F 46 21.72 -47.65 21.35
CA GLU F 46 22.02 -49.07 21.50
C GLU F 46 21.73 -49.54 22.93
N PRO F 47 21.30 -50.80 23.08
CA PRO F 47 20.92 -51.33 24.39
C PRO F 47 22.08 -52.00 25.11
N ARG F 48 22.40 -51.52 26.31
CA ARG F 48 23.51 -52.09 27.09
C ARG F 48 23.07 -52.86 28.34
N ALA F 49 21.79 -52.75 28.70
CA ALA F 49 21.19 -53.57 29.77
C ALA F 49 20.28 -54.59 29.13
N PRO F 50 20.14 -55.77 29.75
CA PRO F 50 19.31 -56.81 29.16
C PRO F 50 17.81 -56.53 29.28
N TRP F 51 17.42 -55.78 30.31
CA TRP F 51 16.00 -55.48 30.56
C TRP F 51 15.46 -54.36 29.68
N ILE F 52 16.34 -53.62 29.02
CA ILE F 52 15.90 -52.59 28.08
C ILE F 52 15.73 -53.14 26.66
N GLU F 53 16.52 -54.16 26.32
CA GLU F 53 16.44 -54.84 25.02
C GLU F 53 14.98 -55.13 24.65
N GLN F 54 14.20 -55.55 25.65
CA GLN F 54 12.78 -55.84 25.46
C GLN F 54 11.95 -54.56 25.42
N GLU F 55 12.01 -53.86 24.28
CA GLU F 55 11.19 -52.67 24.06
C GLU F 55 10.74 -52.65 22.62
N GLY F 56 9.75 -51.79 22.31
CA GLY F 56 9.27 -51.64 20.94
C GLY F 56 10.35 -51.05 20.04
N PRO F 57 10.27 -51.30 18.73
CA PRO F 57 11.21 -50.65 17.81
C PRO F 57 10.91 -49.15 17.69
N GLU F 58 9.64 -48.81 17.91
CA GLU F 58 9.18 -47.43 17.91
C GLU F 58 9.76 -46.67 19.10
N TYR F 59 10.10 -47.38 20.18
CA TYR F 59 10.85 -46.79 21.30
C TYR F 59 12.25 -46.36 20.84
N TRP F 60 12.89 -47.23 20.08
CA TRP F 60 14.26 -46.97 19.65
C TRP F 60 14.33 -45.84 18.63
N ASP F 61 13.35 -45.76 17.73
CA ASP F 61 13.26 -44.65 16.77
C ASP F 61 13.15 -43.30 17.46
N ARG F 62 12.20 -43.18 18.39
CA ARG F 62 12.09 -41.97 19.19
C ARG F 62 13.47 -41.62 19.67
N GLU F 63 14.10 -42.59 20.32
CA GLU F 63 15.34 -42.35 21.06
C GLU F 63 16.52 -42.01 20.16
N THR F 64 16.62 -42.66 19.01
CA THR F 64 17.65 -42.32 18.05
C THR F 64 17.45 -40.89 17.56
N GLN F 65 16.29 -40.64 17.00
CA GLN F 65 15.97 -39.35 16.42
C GLN F 65 16.18 -38.22 17.43
N ILE F 66 16.04 -38.52 18.70
CA ILE F 66 16.36 -37.54 19.74
C ILE F 66 17.84 -37.23 19.73
N SER F 67 18.67 -38.26 19.80
CA SER F 67 20.11 -38.05 19.86
C SER F 67 20.68 -37.58 18.52
N LYS F 68 20.10 -38.07 17.41
CA LYS F 68 20.49 -37.59 16.07
C LYS F 68 20.18 -36.10 15.94
N THR F 69 19.03 -35.69 16.46
CA THR F 69 18.69 -34.28 16.53
C THR F 69 19.76 -33.59 17.35
N ASN F 70 19.96 -34.07 18.58
CA ASN F 70 20.92 -33.45 19.49
C ASN F 70 22.35 -33.40 18.94
N THR F 71 22.69 -34.29 18.01
CA THR F 71 23.98 -34.20 17.34
C THR F 71 24.14 -32.80 16.78
N GLN F 72 23.19 -32.38 15.95
CA GLN F 72 23.28 -31.07 15.33
C GLN F 72 23.13 -29.97 16.38
N THR F 73 22.07 -30.04 17.18
CA THR F 73 21.78 -28.97 18.14
C THR F 73 23.02 -28.53 18.92
N TYR F 74 23.85 -29.50 19.32
CA TYR F 74 25.02 -29.20 20.14
C TYR F 74 26.21 -28.70 19.32
N ARG F 75 26.38 -29.24 18.12
CA ARG F 75 27.39 -28.70 17.19
C ARG F 75 27.19 -27.20 17.02
N GLU F 76 25.92 -26.80 17.02
CA GLU F 76 25.55 -25.40 17.04
C GLU F 76 25.93 -24.79 18.39
N ASN F 77 25.51 -25.44 19.47
CA ASN F 77 25.76 -24.95 20.84
C ASN F 77 27.23 -24.75 21.17
N LEU F 78 28.08 -25.61 20.62
CA LEU F 78 29.53 -25.48 20.78
C LEU F 78 30.03 -24.19 20.13
N ARG F 79 29.43 -23.80 19.00
CA ARG F 79 29.83 -22.61 18.25
C ARG F 79 29.21 -21.35 18.84
N THR F 80 28.00 -21.47 19.36
CA THR F 80 27.37 -20.34 20.03
C THR F 80 28.19 -19.99 21.27
N ALA F 81 28.83 -21.00 21.86
CA ALA F 81 29.75 -20.80 22.98
C ALA F 81 30.96 -19.97 22.59
N LEU F 82 31.58 -20.34 21.47
CA LEU F 82 32.78 -19.64 20.99
C LEU F 82 32.56 -18.13 20.90
N ARG F 83 31.35 -17.72 20.46
CA ARG F 83 31.00 -16.29 20.35
C ARG F 83 30.88 -15.62 21.72
N TYR F 84 30.22 -16.31 22.65
CA TYR F 84 30.03 -15.78 24.00
C TYR F 84 31.38 -15.55 24.69
N TYR F 85 32.27 -16.53 24.60
CA TYR F 85 33.58 -16.48 25.27
C TYR F 85 34.71 -15.90 24.41
N ASN F 86 34.39 -15.50 23.17
CA ASN F 86 35.38 -14.93 22.23
C ASN F 86 36.51 -15.87 21.89
N GLN F 87 36.23 -17.17 21.85
CA GLN F 87 37.26 -18.20 21.76
C GLN F 87 37.74 -18.48 20.33
N SER F 88 39.02 -18.86 20.22
CA SER F 88 39.66 -19.18 18.95
C SER F 88 39.02 -20.40 18.28
N GLU F 89 39.04 -20.43 16.96
CA GLU F 89 38.43 -21.54 16.21
C GLU F 89 39.18 -22.87 16.32
N ALA F 90 40.51 -22.79 16.39
CA ALA F 90 41.37 -23.96 16.44
C ALA F 90 41.23 -24.74 17.75
N GLY F 91 40.80 -24.06 18.81
CA GLY F 91 40.64 -24.68 20.11
C GLY F 91 39.60 -25.80 20.13
N SER F 92 39.86 -26.81 20.95
CA SER F 92 38.92 -27.93 21.14
C SER F 92 38.23 -27.78 22.49
N HIS F 93 36.90 -27.89 22.49
CA HIS F 93 36.10 -27.64 23.68
C HIS F 93 35.10 -28.78 23.92
N ILE F 94 34.45 -28.73 25.08
CA ILE F 94 33.51 -29.77 25.51
C ILE F 94 32.27 -29.19 26.20
N ILE F 95 31.07 -29.63 25.78
CA ILE F 95 29.85 -29.37 26.54
C ILE F 95 29.39 -30.66 27.21
N GLN F 96 28.92 -30.54 28.44
CA GLN F 96 28.51 -31.69 29.24
C GLN F 96 27.19 -31.42 29.90
N ARG F 97 26.23 -32.31 29.71
CA ARG F 97 24.92 -32.16 30.33
C ARG F 97 24.56 -33.39 31.13
N MET F 98 23.82 -33.17 32.20
CA MET F 98 23.22 -34.25 32.97
C MET F 98 21.83 -33.86 33.40
N TYR F 99 20.85 -34.69 33.07
CA TYR F 99 19.50 -34.48 33.53
C TYR F 99 18.92 -35.82 33.91
N GLY F 100 17.88 -35.78 34.74
CA GLY F 100 17.28 -36.97 35.29
C GLY F 100 16.42 -36.70 36.50
N CYS F 101 16.04 -37.76 37.21
CA CYS F 101 15.10 -37.65 38.31
C CYS F 101 15.32 -38.71 39.39
N ASP F 102 14.93 -38.38 40.62
CA ASP F 102 14.96 -39.32 41.75
C ASP F 102 13.53 -39.59 42.24
N VAL F 103 13.24 -40.86 42.59
CA VAL F 103 11.84 -41.29 42.77
C VAL F 103 11.25 -41.05 44.20
N GLY F 104 11.42 -41.91 45.22
CA GLY F 104 12.10 -43.20 45.20
C GLY F 104 11.19 -44.33 45.66
N PRO F 105 11.16 -44.63 46.97
CA PRO F 105 10.70 -45.96 47.46
C PRO F 105 9.21 -46.21 47.29
N ASP F 106 8.39 -45.24 47.69
CA ASP F 106 7.15 -44.95 46.97
C ASP F 106 7.47 -44.00 45.84
N GLY F 107 6.63 -44.07 44.82
CA GLY F 107 7.11 -44.05 43.45
C GLY F 107 6.90 -42.72 42.78
N ARG F 108 7.02 -41.66 43.57
CA ARG F 108 6.72 -40.30 43.12
C ARG F 108 8.00 -39.60 42.62
N LEU F 109 7.99 -38.27 42.58
CA LEU F 109 9.21 -37.50 42.38
C LEU F 109 9.79 -37.12 43.74
N LEU F 110 11.10 -36.93 43.79
CA LEU F 110 11.78 -36.42 44.99
C LEU F 110 12.49 -35.11 44.65
N ARG F 111 13.37 -35.15 43.65
CA ARG F 111 13.93 -33.91 43.08
C ARG F 111 14.36 -34.10 41.63
N GLY F 112 14.51 -32.97 40.96
CA GLY F 112 14.89 -32.94 39.54
C GLY F 112 16.31 -32.44 39.32
N TYR F 113 16.92 -32.94 38.25
CA TYR F 113 18.25 -32.49 37.84
C TYR F 113 18.21 -32.09 36.37
N ASP F 114 18.86 -30.97 36.05
CA ASP F 114 19.15 -30.59 34.68
C ASP F 114 20.30 -29.57 34.72
N GLN F 115 21.48 -30.02 34.32
CA GLN F 115 22.72 -29.30 34.58
C GLN F 115 23.64 -29.34 33.37
N TYR F 116 24.08 -28.17 32.91
CA TYR F 116 24.99 -28.09 31.78
C TYR F 116 26.34 -27.57 32.25
N ALA F 117 27.39 -27.86 31.49
CA ALA F 117 28.77 -27.47 31.83
C ALA F 117 29.69 -27.33 30.62
N TYR F 118 30.54 -26.31 30.64
CA TYR F 118 31.43 -25.98 29.53
C TYR F 118 32.88 -26.14 29.92
N ASP F 119 33.63 -26.92 29.14
CA ASP F 119 35.04 -27.20 29.39
C ASP F 119 35.29 -27.56 30.85
N GLY F 120 34.40 -28.39 31.41
CA GLY F 120 34.49 -28.82 32.80
C GLY F 120 34.28 -27.70 33.82
N LYS F 121 33.34 -26.81 33.54
CA LYS F 121 32.95 -25.72 34.44
C LYS F 121 31.43 -25.59 34.46
N ASP F 122 30.86 -25.36 35.64
CA ASP F 122 29.42 -25.12 35.75
C ASP F 122 29.05 -23.97 34.82
N TYR F 123 28.08 -24.22 33.94
CA TYR F 123 27.59 -23.20 33.00
C TYR F 123 26.20 -22.73 33.42
N ILE F 124 25.19 -23.58 33.27
CA ILE F 124 23.83 -23.26 33.71
C ILE F 124 23.28 -24.47 34.47
N ALA F 125 22.35 -24.20 35.38
CA ALA F 125 21.77 -25.26 36.19
C ALA F 125 20.29 -25.00 36.41
N LEU F 126 19.49 -26.07 36.30
CA LEU F 126 18.08 -26.02 36.70
C LEU F 126 18.02 -26.25 38.21
N ASN F 127 17.43 -25.28 38.91
CA ASN F 127 17.35 -25.32 40.37
C ASN F 127 16.41 -26.43 40.81
N GLU F 128 16.38 -26.70 42.11
CA GLU F 128 15.55 -27.78 42.66
C GLU F 128 14.06 -27.40 42.78
N ASP F 129 13.72 -26.15 42.51
CA ASP F 129 12.32 -25.72 42.42
C ASP F 129 11.74 -25.87 41.00
N LEU F 130 12.57 -26.29 40.04
CA LEU F 130 12.11 -26.70 38.71
C LEU F 130 11.33 -25.62 37.95
N SER F 131 11.69 -24.36 38.18
CA SER F 131 11.03 -23.21 37.51
C SER F 131 11.95 -21.98 37.27
N SER F 132 13.17 -22.05 37.77
CA SER F 132 14.15 -20.99 37.60
C SER F 132 15.54 -21.60 37.40
N TRP F 133 16.48 -20.78 36.93
CA TRP F 133 17.80 -21.25 36.56
C TRP F 133 18.92 -20.55 37.33
N THR F 134 20.07 -21.23 37.40
CA THR F 134 21.28 -20.65 37.99
C THR F 134 22.30 -20.40 36.89
N ALA F 135 22.68 -19.13 36.72
CA ALA F 135 23.68 -18.73 35.75
C ALA F 135 25.04 -18.65 36.44
N ALA F 136 26.01 -19.42 35.95
CA ALA F 136 27.34 -19.49 36.57
C ALA F 136 28.18 -18.26 36.26
N ASP F 137 28.29 -17.94 34.98
CA ASP F 137 29.07 -16.79 34.52
C ASP F 137 28.18 -15.88 33.69
N THR F 138 28.73 -14.74 33.26
CA THR F 138 27.98 -13.77 32.45
C THR F 138 27.61 -14.29 31.03
N ALA F 139 28.30 -15.34 30.59
CA ALA F 139 27.98 -16.01 29.32
C ALA F 139 26.72 -16.85 29.44
N ALA F 140 26.59 -17.57 30.55
CA ALA F 140 25.41 -18.41 30.80
C ALA F 140 24.13 -17.58 30.92
N GLN F 141 24.27 -16.34 31.40
CA GLN F 141 23.13 -15.44 31.56
C GLN F 141 22.40 -15.14 30.25
N ILE F 142 23.16 -15.06 29.16
CA ILE F 142 22.55 -15.00 27.83
C ILE F 142 21.57 -16.16 27.70
N THR F 143 22.05 -17.35 28.03
CA THR F 143 21.39 -18.58 27.67
C THR F 143 20.30 -18.86 28.69
N GLN F 144 20.39 -18.20 29.84
CA GLN F 144 19.31 -18.18 30.80
C GLN F 144 18.14 -17.36 30.23
N ARG F 145 18.40 -16.12 29.85
CA ARG F 145 17.35 -15.22 29.34
C ARG F 145 16.67 -15.78 28.13
N LYS F 146 17.40 -16.59 27.36
CA LYS F 146 16.81 -17.35 26.24
C LYS F 146 15.72 -18.30 26.73
N TRP F 147 16.04 -19.08 27.75
CA TRP F 147 15.14 -20.12 28.26
C TRP F 147 14.05 -19.53 29.13
N GLU F 148 14.36 -18.46 29.85
CA GLU F 148 13.35 -17.73 30.61
C GLU F 148 12.17 -17.39 29.71
N ALA F 149 12.45 -16.67 28.62
CA ALA F 149 11.41 -16.18 27.70
C ALA F 149 10.77 -17.30 26.89
N ALA F 150 11.52 -18.38 26.67
CA ALA F 150 11.01 -19.54 25.92
C ALA F 150 10.23 -20.51 26.81
N ARG F 151 10.05 -20.17 28.09
CA ARG F 151 9.34 -21.00 29.04
C ARG F 151 9.82 -22.45 29.00
N VAL F 152 11.14 -22.62 29.06
CA VAL F 152 11.74 -23.96 29.05
C VAL F 152 11.55 -24.60 30.42
N ALA F 153 11.46 -23.76 31.45
CA ALA F 153 11.22 -24.24 32.81
C ALA F 153 10.19 -25.37 32.83
N GLU F 154 8.97 -25.05 32.42
CA GLU F 154 7.81 -25.97 32.57
C GLU F 154 7.99 -27.26 31.78
N GLN F 155 8.55 -27.13 30.57
CA GLN F 155 8.92 -28.29 29.75
C GLN F 155 10.37 -28.71 30.04
N ASP F 156 10.70 -28.70 31.33
CA ASP F 156 11.26 -29.87 31.99
C ASP F 156 10.22 -30.38 32.97
N ARG F 157 9.84 -29.54 33.91
CA ARG F 157 8.99 -29.93 35.03
C ARG F 157 7.90 -30.93 34.61
N ALA F 158 7.24 -30.67 33.48
CA ALA F 158 6.20 -31.57 32.98
C ALA F 158 6.77 -32.96 32.72
N TYR F 159 7.94 -32.99 32.10
CA TYR F 159 8.60 -34.25 31.81
C TYR F 159 9.13 -34.91 33.07
N LEU F 160 9.84 -34.14 33.89
CA LEU F 160 10.49 -34.68 35.08
C LEU F 160 9.49 -35.25 36.09
N GLU F 161 8.32 -34.61 36.20
CA GLU F 161 7.21 -35.10 37.03
C GLU F 161 6.38 -36.16 36.30
N GLY F 162 6.51 -36.21 34.97
CA GLY F 162 5.77 -37.16 34.15
C GLY F 162 6.61 -38.30 33.62
N LEU F 163 6.96 -38.22 32.34
CA LEU F 163 7.63 -39.30 31.62
C LEU F 163 8.91 -39.82 32.30
N CYS F 164 9.61 -38.97 33.05
CA CYS F 164 10.86 -39.37 33.71
C CYS F 164 10.57 -40.45 34.74
N VAL F 165 9.73 -40.13 35.71
CA VAL F 165 9.37 -41.08 36.77
C VAL F 165 8.51 -42.21 36.21
N GLU F 166 7.69 -41.91 35.21
CA GLU F 166 6.83 -42.91 34.56
C GLU F 166 7.69 -44.01 33.94
N SER F 167 8.63 -43.61 33.09
CA SER F 167 9.49 -44.57 32.42
C SER F 167 10.40 -45.30 33.41
N LEU F 168 10.87 -44.59 34.43
CA LEU F 168 11.76 -45.18 35.43
C LEU F 168 11.07 -46.32 36.15
N ARG F 169 9.88 -46.05 36.68
CA ARG F 169 9.08 -47.08 37.32
C ARG F 169 8.92 -48.30 36.40
N ARG F 170 8.76 -48.04 35.10
CA ARG F 170 8.66 -49.11 34.10
C ARG F 170 9.97 -49.89 33.99
N TYR F 171 11.09 -49.17 33.89
CA TYR F 171 12.40 -49.81 33.78
C TYR F 171 12.68 -50.68 35.00
N LEU F 172 12.35 -50.16 36.18
CA LEU F 172 12.59 -50.87 37.43
C LEU F 172 11.87 -52.21 37.47
N GLU F 173 10.55 -52.18 37.35
CA GLU F 173 9.76 -53.41 37.29
C GLU F 173 10.29 -54.39 36.24
N ASN F 174 10.53 -53.90 35.02
CA ASN F 174 10.98 -54.75 33.90
C ASN F 174 12.28 -55.50 34.18
N GLY F 175 13.22 -54.85 34.87
CA GLY F 175 14.48 -55.46 35.24
C GLY F 175 14.65 -55.54 36.74
N LYS F 176 13.55 -55.71 37.46
CA LYS F 176 13.56 -55.65 38.93
C LYS F 176 14.64 -56.55 39.53
N GLU F 177 14.74 -57.77 39.03
CA GLU F 177 15.57 -58.78 39.66
C GLU F 177 17.08 -58.52 39.56
N THR F 178 17.49 -57.53 38.80
CA THR F 178 18.88 -57.09 38.84
C THR F 178 18.99 -55.72 39.51
N LEU F 179 17.97 -54.87 39.33
CA LEU F 179 18.03 -53.49 39.79
C LEU F 179 17.55 -53.32 41.22
N GLN F 180 16.54 -54.09 41.62
CA GLN F 180 16.00 -54.03 42.99
C GLN F 180 16.31 -55.31 43.82
N ARG F 181 17.38 -56.02 43.47
CA ARG F 181 17.80 -57.27 44.12
C ARG F 181 19.29 -57.15 44.41
N ALA F 182 19.60 -56.52 45.54
CA ALA F 182 20.96 -56.25 45.93
C ALA F 182 21.77 -57.53 46.10
N ASP F 183 23.03 -57.49 45.68
CA ASP F 183 23.94 -58.62 45.81
C ASP F 183 24.98 -58.35 46.90
N PRO F 184 25.18 -59.33 47.79
CA PRO F 184 26.18 -59.16 48.83
C PRO F 184 27.60 -59.30 48.27
N PRO F 185 28.58 -58.55 48.85
CA PRO F 185 29.97 -58.72 48.45
C PRO F 185 30.59 -59.96 49.05
N LYS F 186 31.31 -60.71 48.23
CA LYS F 186 32.01 -61.91 48.69
C LYS F 186 33.33 -61.45 49.30
N THR F 187 33.40 -61.51 50.63
CA THR F 187 34.47 -60.87 51.38
C THR F 187 35.52 -61.85 51.88
N HIS F 188 36.79 -61.44 51.80
CA HIS F 188 37.89 -62.16 52.42
C HIS F 188 39.01 -61.21 52.83
N VAL F 189 39.92 -61.69 53.67
CA VAL F 189 41.01 -60.86 54.17
C VAL F 189 42.36 -61.56 53.93
N THR F 190 43.23 -60.89 53.17
CA THR F 190 44.52 -61.45 52.74
C THR F 190 45.71 -60.88 53.52
N HIS F 191 46.79 -61.66 53.57
CA HIS F 191 47.96 -61.33 54.36
C HIS F 191 49.11 -60.93 53.42
N HIS F 192 49.76 -59.79 53.70
CA HIS F 192 50.74 -59.20 52.76
C HIS F 192 51.89 -58.53 53.50
N PRO F 193 53.10 -59.07 53.30
CA PRO F 193 53.65 -59.92 54.35
C PRO F 193 53.85 -59.29 55.73
N ILE F 194 54.72 -58.29 55.95
CA ILE F 194 55.65 -57.70 54.98
C ILE F 194 57.08 -57.67 55.57
N SER F 195 57.26 -56.95 56.66
CA SER F 195 58.43 -56.09 56.84
C SER F 195 59.80 -56.65 57.30
N ASP F 196 59.90 -57.75 58.05
CA ASP F 196 58.80 -58.57 58.53
C ASP F 196 58.13 -58.04 59.80
N HIS F 197 58.88 -57.32 60.63
CA HIS F 197 58.35 -56.80 61.90
C HIS F 197 57.34 -55.67 61.70
N GLU F 198 56.27 -56.01 60.99
CA GLU F 198 55.24 -55.08 60.50
C GLU F 198 54.56 -55.79 59.32
N VAL F 199 53.23 -55.81 59.27
CA VAL F 199 52.51 -56.45 58.17
C VAL F 199 51.48 -55.51 57.55
N THR F 200 50.92 -55.96 56.42
CA THR F 200 49.77 -55.30 55.82
C THR F 200 48.69 -56.36 55.63
N LEU F 201 47.56 -56.19 56.34
CA LEU F 201 46.36 -56.97 56.05
C LEU F 201 45.64 -56.27 54.91
N ARG F 202 44.63 -56.92 54.33
CA ARG F 202 43.85 -56.33 53.25
C ARG F 202 42.45 -56.91 53.19
N CYS F 203 41.46 -56.08 53.52
CA CYS F 203 40.06 -56.50 53.54
C CYS F 203 39.40 -56.34 52.17
N TRP F 204 39.10 -57.46 51.51
CA TRP F 204 38.57 -57.45 50.14
C TRP F 204 37.05 -57.48 50.09
N ALA F 205 36.46 -56.58 49.29
CA ALA F 205 35.04 -56.63 48.95
C ALA F 205 34.96 -56.83 47.44
N LEU F 206 34.18 -57.82 46.99
CA LEU F 206 34.11 -58.19 45.56
C LEU F 206 32.71 -58.63 45.11
N GLY F 207 32.40 -58.38 43.83
CA GLY F 207 31.20 -58.93 43.18
C GLY F 207 29.88 -58.53 43.80
N PHE F 208 29.70 -57.22 44.03
CA PHE F 208 28.50 -56.69 44.68
C PHE F 208 27.87 -55.52 43.92
N TYR F 209 26.62 -55.21 44.29
CA TYR F 209 25.85 -54.13 43.69
C TYR F 209 24.78 -53.70 44.67
N PRO F 210 24.52 -52.39 44.77
CA PRO F 210 25.12 -51.25 44.05
C PRO F 210 26.51 -50.90 44.53
N ALA F 211 27.05 -49.78 44.06
CA ALA F 211 28.40 -49.35 44.39
C ALA F 211 28.54 -48.85 45.84
N GLU F 212 27.43 -48.39 46.44
CA GLU F 212 27.43 -47.94 47.83
C GLU F 212 27.85 -49.06 48.82
N ILE F 213 28.86 -48.76 49.64
CA ILE F 213 29.47 -49.74 50.53
C ILE F 213 30.40 -48.99 51.51
N THR F 214 30.68 -49.58 52.67
CA THR F 214 31.66 -49.02 53.61
C THR F 214 32.56 -50.09 54.21
N LEU F 215 33.86 -49.94 53.98
CA LEU F 215 34.87 -50.84 54.50
C LEU F 215 35.84 -50.01 55.34
N THR F 216 35.84 -50.25 56.65
CA THR F 216 36.68 -49.47 57.57
C THR F 216 36.57 -50.07 58.94
N TRP F 217 37.72 -50.30 59.55
CA TRP F 217 37.92 -51.53 60.30
C TRP F 217 39.06 -51.48 61.31
N GLN F 218 38.91 -52.33 62.31
CA GLN F 218 39.04 -51.92 63.69
C GLN F 218 40.36 -52.37 64.24
N ARG F 219 40.54 -52.19 65.55
CA ARG F 219 41.18 -53.23 66.36
C ARG F 219 40.34 -53.59 67.59
N ASP F 220 40.17 -52.64 68.50
CA ASP F 220 39.31 -52.86 69.65
C ASP F 220 37.84 -52.50 69.42
N GLY F 221 37.51 -51.40 68.75
CA GLY F 221 38.45 -50.43 68.19
C GLY F 221 37.74 -49.12 67.99
N GLU F 222 38.22 -48.33 67.04
CA GLU F 222 37.31 -47.57 66.17
C GLU F 222 37.26 -48.12 64.73
N ASP F 223 38.37 -48.20 63.98
CA ASP F 223 39.70 -47.73 64.36
C ASP F 223 40.04 -46.47 63.60
N GLN F 224 40.35 -46.66 62.32
CA GLN F 224 41.75 -46.70 61.86
C GLN F 224 42.63 -45.44 61.85
N THR F 225 42.11 -44.25 61.62
CA THR F 225 40.82 -43.96 60.94
C THR F 225 41.18 -43.34 59.61
N GLN F 226 42.41 -43.60 59.20
CA GLN F 226 43.34 -42.56 58.78
C GLN F 226 44.61 -43.12 58.13
N ASP F 227 44.92 -44.41 58.38
CA ASP F 227 46.11 -45.04 57.81
C ASP F 227 46.22 -44.98 56.26
N THR F 228 45.24 -45.46 55.48
CA THR F 228 44.12 -46.32 55.92
C THR F 228 44.45 -47.79 55.61
N GLU F 229 44.49 -48.23 54.35
CA GLU F 229 44.41 -47.40 53.13
C GLU F 229 43.18 -47.78 52.31
N LEU F 230 42.28 -46.82 52.09
CA LEU F 230 41.08 -47.07 51.30
C LEU F 230 41.46 -46.94 49.83
N VAL F 231 40.65 -47.51 48.94
CA VAL F 231 40.84 -47.35 47.49
C VAL F 231 39.51 -47.05 46.79
N GLU F 232 39.57 -46.32 45.67
CA GLU F 232 38.37 -45.91 44.94
C GLU F 232 37.51 -47.11 44.57
N THR F 233 36.20 -47.03 44.80
CA THR F 233 35.29 -48.14 44.48
C THR F 233 35.23 -48.34 42.98
N ARG F 234 35.84 -49.42 42.51
CA ARG F 234 36.05 -49.64 41.09
C ARG F 234 35.06 -50.66 40.54
N PRO F 235 34.70 -50.54 39.25
CA PRO F 235 33.75 -51.45 38.61
C PRO F 235 34.41 -52.73 38.13
N ALA F 236 33.83 -53.87 38.48
CA ALA F 236 34.39 -55.18 38.12
C ALA F 236 34.33 -55.39 36.62
N GLY F 237 33.25 -54.92 35.99
CA GLY F 237 33.03 -55.08 34.56
C GLY F 237 31.76 -55.85 34.25
N ASP F 238 31.33 -56.68 35.19
CA ASP F 238 30.11 -57.47 35.05
C ASP F 238 28.94 -56.84 35.80
N ARG F 239 28.89 -55.51 35.79
CA ARG F 239 27.88 -54.74 36.54
C ARG F 239 27.92 -55.05 38.05
N THR F 240 29.10 -55.45 38.55
CA THR F 240 29.36 -55.60 39.98
C THR F 240 30.54 -54.71 40.27
N PHE F 241 30.86 -54.53 41.54
CA PHE F 241 31.88 -53.56 41.95
C PHE F 241 32.87 -54.15 42.93
N GLN F 242 33.94 -53.41 43.19
CA GLN F 242 35.05 -53.87 44.04
C GLN F 242 35.53 -52.77 44.97
N LYS F 243 36.23 -53.15 46.04
CA LYS F 243 36.84 -52.21 46.99
C LYS F 243 37.71 -52.94 48.03
N TRP F 244 38.71 -52.24 48.56
CA TRP F 244 39.41 -52.68 49.80
C TRP F 244 39.93 -51.51 50.64
N ALA F 245 39.74 -51.63 51.95
CA ALA F 245 40.67 -51.12 52.96
C ALA F 245 41.90 -52.02 53.15
N ALA F 246 42.99 -51.43 53.64
CA ALA F 246 44.22 -52.16 53.96
C ALA F 246 43.98 -53.03 55.20
N VAL F 247 44.67 -52.89 56.35
CA VAL F 247 45.55 -51.79 56.80
C VAL F 247 46.97 -52.30 57.10
N VAL F 248 47.82 -51.42 57.62
CA VAL F 248 49.19 -51.78 58.04
C VAL F 248 49.28 -51.90 59.55
N VAL F 249 49.61 -53.10 60.04
CA VAL F 249 49.69 -53.38 61.47
C VAL F 249 50.95 -54.18 61.82
N PRO F 250 51.42 -54.09 63.08
CA PRO F 250 52.63 -54.82 63.48
C PRO F 250 52.46 -56.34 63.42
N SER F 251 53.56 -57.05 63.19
CA SER F 251 53.50 -58.50 62.91
C SER F 251 53.36 -59.33 64.17
N GLY F 252 52.61 -60.41 64.07
CA GLY F 252 52.32 -61.27 65.20
C GLY F 252 51.38 -60.65 66.23
N GLU F 253 50.70 -59.56 65.85
CA GLU F 253 49.80 -58.86 66.78
C GLU F 253 48.66 -59.75 67.27
N GLU F 254 47.61 -60.04 66.50
CA GLU F 254 47.36 -59.62 65.10
C GLU F 254 45.89 -59.86 64.74
N GLN F 255 45.31 -60.89 65.35
CA GLN F 255 43.87 -61.11 65.40
C GLN F 255 43.12 -60.04 66.21
N ARG F 256 43.80 -58.93 66.55
CA ARG F 256 43.13 -57.77 67.11
C ARG F 256 42.23 -57.11 66.06
N TYR F 257 42.70 -57.04 64.83
CA TYR F 257 42.09 -56.19 63.81
C TYR F 257 40.92 -56.88 63.12
N THR F 258 39.76 -56.24 63.15
CA THR F 258 38.49 -56.84 62.71
C THR F 258 37.84 -56.00 61.61
N CYS F 259 37.37 -56.65 60.54
CA CYS F 259 36.80 -55.95 59.37
C CYS F 259 35.28 -55.89 59.36
N HIS F 260 34.74 -55.05 58.49
CA HIS F 260 33.59 -54.22 58.84
C HIS F 260 33.07 -53.48 57.62
N VAL F 261 31.90 -53.92 57.17
CA VAL F 261 31.67 -54.23 55.77
C VAL F 261 30.22 -53.96 55.44
N GLN F 262 29.80 -52.72 55.57
CA GLN F 262 28.38 -52.37 55.47
C GLN F 262 27.90 -52.35 54.02
N HIS F 263 26.88 -53.16 53.74
CA HIS F 263 26.24 -53.17 52.44
C HIS F 263 24.75 -53.41 52.63
N GLU F 264 23.95 -52.94 51.68
CA GLU F 264 22.48 -53.12 51.71
C GLU F 264 22.05 -54.47 51.17
N GLY F 265 22.94 -55.14 50.45
CA GLY F 265 22.73 -56.53 50.08
C GLY F 265 22.67 -57.40 51.31
N LEU F 266 23.69 -57.28 52.14
CA LEU F 266 23.76 -58.02 53.40
C LEU F 266 22.71 -57.61 54.40
N PRO F 267 22.11 -58.60 55.06
CA PRO F 267 21.96 -58.51 56.49
C PRO F 267 23.18 -59.09 57.16
N LYS F 268 24.01 -58.20 57.67
CA LYS F 268 24.45 -58.29 59.06
C LYS F 268 24.56 -56.88 59.66
N PRO F 269 25.60 -56.10 59.34
CA PRO F 269 26.74 -56.26 58.44
C PRO F 269 27.93 -57.01 59.06
N LEU F 270 28.71 -57.64 58.17
CA LEU F 270 29.67 -58.69 58.55
C LEU F 270 30.82 -58.23 59.43
N THR F 271 31.54 -59.20 59.99
CA THR F 271 32.81 -58.96 60.69
C THR F 271 33.82 -60.06 60.32
N LEU F 272 34.91 -59.66 59.67
CA LEU F 272 35.95 -60.61 59.23
C LEU F 272 37.30 -60.37 59.90
N ARG F 273 38.16 -61.38 59.82
CA ARG F 273 39.51 -61.32 60.37
C ARG F 273 40.45 -62.13 59.49
N TRP F 274 41.75 -61.99 59.71
CA TRP F 274 42.72 -62.90 59.11
C TRP F 274 42.44 -64.30 59.68
N GLU F 275 42.52 -65.32 58.81
CA GLU F 275 41.91 -66.63 59.10
C GLU F 275 42.83 -67.65 59.85
N PRO F 276 43.95 -68.13 59.24
CA PRO F 276 44.59 -67.89 57.95
C PRO F 276 43.98 -68.68 56.79
N ILE G 1 39.02 -27.93 31.66
CA ILE G 1 40.22 -27.30 32.29
C ILE G 1 40.25 -27.67 33.78
N GLN G 2 41.15 -28.56 34.21
CA GLN G 2 41.99 -29.43 33.37
C GLN G 2 42.66 -30.52 34.22
N ARG G 3 41.93 -31.59 34.51
CA ARG G 3 42.36 -32.62 35.47
C ARG G 3 43.21 -33.74 34.88
N THR G 4 44.13 -34.26 35.69
CA THR G 4 44.94 -35.42 35.32
C THR G 4 44.24 -36.68 35.87
N PRO G 5 44.41 -37.82 35.18
CA PRO G 5 43.64 -39.01 35.55
C PRO G 5 44.20 -39.79 36.72
N LYS G 6 43.34 -40.63 37.28
CA LYS G 6 43.70 -41.57 38.33
C LYS G 6 43.49 -42.99 37.79
N ILE G 7 44.38 -43.90 38.16
CA ILE G 7 44.44 -45.22 37.54
C ILE G 7 44.44 -46.35 38.56
N GLN G 8 43.66 -47.39 38.26
CA GLN G 8 43.70 -48.66 39.00
C GLN G 8 43.75 -49.82 38.00
N VAL G 9 44.62 -50.79 38.24
CA VAL G 9 44.72 -51.97 37.38
C VAL G 9 44.48 -53.24 38.19
N TYR G 10 43.59 -54.09 37.69
CA TYR G 10 43.09 -55.20 38.48
C TYR G 10 42.32 -56.23 37.65
N SER G 11 41.98 -57.36 38.28
CA SER G 11 41.24 -58.45 37.65
C SER G 11 39.80 -58.49 38.15
N ARG G 12 38.88 -58.83 37.25
CA ARG G 12 37.45 -58.87 37.55
C ARG G 12 37.18 -59.82 38.70
N HIS G 13 37.67 -61.04 38.55
CA HIS G 13 37.64 -62.03 39.62
C HIS G 13 39.09 -62.19 40.08
N PRO G 14 39.33 -62.38 41.38
CA PRO G 14 40.72 -62.50 41.84
C PRO G 14 41.42 -63.63 41.11
N ALA G 15 42.68 -63.42 40.77
CA ALA G 15 43.43 -64.42 40.04
C ALA G 15 44.20 -65.37 40.96
N GLU G 16 44.20 -66.64 40.57
CA GLU G 16 45.45 -67.34 40.34
C GLU G 16 45.43 -68.05 38.98
N ASN G 17 46.38 -68.95 38.80
CA ASN G 17 47.26 -68.92 37.64
C ASN G 17 46.75 -69.78 36.51
N GLY G 18 46.34 -69.14 35.43
CA GLY G 18 45.74 -69.84 34.30
C GLY G 18 44.38 -70.39 34.61
N LYS G 19 43.67 -69.68 35.48
CA LYS G 19 42.26 -69.39 35.28
C LYS G 19 42.11 -68.25 34.24
N SER G 20 40.94 -67.63 34.22
CA SER G 20 40.15 -67.64 33.00
C SER G 20 40.24 -66.45 32.04
N ASN G 21 40.77 -65.30 32.44
CA ASN G 21 40.26 -64.41 33.48
C ASN G 21 40.08 -63.04 32.78
N PHE G 22 39.71 -62.00 33.53
CA PHE G 22 39.58 -60.62 32.98
C PHE G 22 40.59 -59.66 33.62
N LEU G 23 41.04 -58.68 32.85
CA LEU G 23 41.98 -57.66 33.30
C LEU G 23 41.41 -56.27 33.01
N ASN G 24 41.38 -55.39 34.01
CA ASN G 24 40.77 -54.07 33.89
C ASN G 24 41.74 -52.92 34.11
N CYS G 25 41.48 -51.79 33.44
CA CYS G 25 42.12 -50.51 33.76
C CYS G 25 41.09 -49.39 33.83
N TYR G 26 40.75 -48.99 35.05
CA TYR G 26 39.73 -47.97 35.31
C TYR G 26 40.40 -46.60 35.53
N VAL G 27 40.29 -45.72 34.55
CA VAL G 27 40.76 -44.36 34.66
C VAL G 27 39.58 -43.46 35.04
N SER G 28 39.84 -42.46 35.89
CA SER G 28 38.78 -41.63 36.45
C SER G 28 39.28 -40.25 36.87
N GLY G 29 38.33 -39.32 37.05
CA GLY G 29 38.64 -38.02 37.61
C GLY G 29 39.52 -37.16 36.73
N PHE G 30 39.31 -37.23 35.41
CA PHE G 30 40.15 -36.49 34.45
C PHE G 30 39.35 -35.65 33.48
N HIS G 31 40.02 -34.72 32.82
CA HIS G 31 39.39 -33.76 31.92
C HIS G 31 40.47 -32.95 31.20
N PRO G 32 40.38 -32.79 29.88
CA PRO G 32 39.34 -33.23 28.94
C PRO G 32 39.30 -34.74 28.69
N SER G 33 38.41 -35.17 27.81
CA SER G 33 38.12 -36.59 27.55
C SER G 33 39.12 -37.28 26.64
N ASP G 34 39.98 -36.51 25.98
CA ASP G 34 40.93 -37.08 25.05
C ASP G 34 42.02 -37.85 25.81
N ILE G 35 41.83 -39.16 25.91
CA ILE G 35 42.71 -40.06 26.66
C ILE G 35 43.26 -41.16 25.74
N GLU G 36 44.42 -41.71 26.08
CA GLU G 36 45.02 -42.83 25.34
C GLU G 36 45.50 -43.93 26.29
N VAL G 37 44.70 -44.99 26.41
CA VAL G 37 44.99 -46.12 27.30
C VAL G 37 45.37 -47.37 26.51
N ASP G 38 46.45 -48.03 26.92
CA ASP G 38 46.86 -49.33 26.37
C ASP G 38 47.19 -50.28 27.52
N LEU G 39 46.65 -51.49 27.50
CA LEU G 39 47.04 -52.53 28.47
C LEU G 39 48.25 -53.28 27.92
N LEU G 40 49.34 -53.34 28.68
CA LEU G 40 50.58 -53.93 28.20
C LEU G 40 50.84 -55.37 28.70
N LYS G 41 51.70 -56.09 27.98
CA LYS G 41 52.07 -57.48 28.31
C LYS G 41 53.57 -57.67 28.11
N ASN G 42 54.27 -57.91 29.21
CA ASN G 42 55.73 -58.11 29.20
C ASN G 42 56.47 -57.01 28.44
N GLY G 43 55.87 -55.82 28.39
CA GLY G 43 56.38 -54.73 27.60
C GLY G 43 55.50 -54.40 26.42
N GLU G 44 55.07 -55.43 25.67
CA GLU G 44 54.36 -55.20 24.41
C GLU G 44 52.88 -54.83 24.58
N ARG G 45 52.09 -54.89 23.50
CA ARG G 45 50.90 -54.02 23.35
C ARG G 45 49.56 -54.48 23.93
N ILE G 46 49.48 -55.73 24.37
CA ILE G 46 48.36 -56.62 23.98
C ILE G 46 47.27 -55.97 23.11
N GLU G 47 47.10 -56.54 21.91
CA GLU G 47 46.33 -55.89 20.86
C GLU G 47 44.82 -55.98 21.10
N LYS G 48 44.12 -54.99 20.52
CA LYS G 48 42.66 -54.96 20.41
C LYS G 48 41.92 -55.21 21.74
N VAL G 49 42.10 -54.28 22.68
CA VAL G 49 41.47 -54.33 23.99
C VAL G 49 40.18 -53.53 23.96
N GLU G 50 39.06 -54.16 24.30
CA GLU G 50 37.76 -53.47 24.36
C GLU G 50 37.75 -52.43 25.46
N HIS G 51 36.99 -51.35 25.25
CA HIS G 51 36.82 -50.32 26.26
C HIS G 51 35.35 -49.95 26.38
N SER G 52 34.98 -49.43 27.55
CA SER G 52 33.59 -49.14 27.84
C SER G 52 33.14 -47.82 27.20
N ASP G 53 31.87 -47.50 27.42
CA ASP G 53 31.29 -46.24 26.96
C ASP G 53 31.77 -45.10 27.84
N LEU G 54 31.76 -43.89 27.27
CA LEU G 54 32.24 -42.70 27.96
C LEU G 54 31.15 -42.09 28.83
N SER G 55 31.54 -41.68 30.04
CA SER G 55 30.65 -41.07 31.00
CA SER G 55 30.64 -41.02 30.97
C SER G 55 31.41 -40.09 31.90
N PHE G 56 30.71 -39.47 32.86
CA PHE G 56 31.37 -38.61 33.82
C PHE G 56 30.60 -38.45 35.14
N SER G 57 31.30 -37.90 36.14
CA SER G 57 30.77 -37.77 37.50
C SER G 57 30.29 -36.35 37.81
N LYS G 58 29.73 -36.21 38.99
CA LYS G 58 29.22 -34.93 39.51
C LYS G 58 30.16 -33.75 39.21
N ASP G 59 31.46 -33.94 39.43
CA ASP G 59 32.47 -32.87 39.24
C ASP G 59 32.88 -32.67 37.78
N TRP G 60 32.10 -33.25 36.86
CA TRP G 60 32.31 -33.20 35.40
C TRP G 60 33.51 -34.03 34.93
N SER G 61 34.06 -34.86 35.82
CA SER G 61 35.27 -35.63 35.51
C SER G 61 34.91 -36.93 34.81
N PHE G 62 35.62 -37.23 33.72
CA PHE G 62 35.36 -38.42 32.90
C PHE G 62 35.90 -39.68 33.54
N TYR G 63 35.33 -40.82 33.16
CA TYR G 63 35.83 -42.13 33.58
C TYR G 63 35.49 -43.26 32.61
N LEU G 64 36.49 -44.09 32.31
CA LEU G 64 36.34 -45.22 31.39
C LEU G 64 36.85 -46.50 32.02
N LEU G 65 36.43 -47.64 31.45
CA LEU G 65 36.93 -48.95 31.85
C LEU G 65 37.42 -49.71 30.63
N TYR G 66 38.72 -50.03 30.62
CA TYR G 66 39.33 -50.77 29.50
C TYR G 66 39.52 -52.24 29.92
N TYR G 67 38.79 -53.15 29.29
CA TYR G 67 38.76 -54.54 29.73
C TYR G 67 39.21 -55.53 28.67
N THR G 68 39.95 -56.54 29.12
CA THR G 68 40.39 -57.65 28.27
C THR G 68 40.76 -58.87 29.11
N GLU G 69 41.59 -59.74 28.54
CA GLU G 69 41.33 -61.16 28.55
C GLU G 69 42.62 -61.96 28.58
N PHE G 70 42.84 -62.77 29.60
CA PHE G 70 44.16 -63.35 29.81
C PHE G 70 44.23 -64.52 30.81
N THR G 71 45.45 -65.05 30.95
CA THR G 71 45.77 -66.06 31.94
C THR G 71 46.87 -65.51 32.85
N PRO G 72 46.51 -65.24 34.12
CA PRO G 72 47.46 -64.65 35.09
C PRO G 72 48.50 -65.63 35.65
N THR G 73 49.45 -66.05 34.80
CA THR G 73 50.56 -66.90 35.23
C THR G 73 51.60 -66.06 35.95
N GLU G 74 52.29 -66.66 36.94
CA GLU G 74 53.29 -65.92 37.72
C GLU G 74 54.66 -65.87 37.01
N LYS G 75 54.65 -66.09 35.68
CA LYS G 75 55.83 -65.90 34.85
C LYS G 75 55.60 -64.84 33.77
N ASP G 76 54.45 -64.16 33.82
CA ASP G 76 54.07 -63.13 32.85
C ASP G 76 53.59 -61.88 33.59
N GLU G 77 54.23 -60.74 33.31
CA GLU G 77 53.87 -59.45 33.95
C GLU G 77 52.79 -58.69 33.16
N TYR G 78 52.15 -57.71 33.84
CA TYR G 78 51.12 -56.87 33.21
C TYR G 78 51.19 -55.37 33.55
N ALA G 79 50.07 -54.69 33.40
CA ALA G 79 49.90 -53.79 32.25
C ALA G 79 49.88 -52.27 32.39
N CYS G 80 48.70 -51.72 32.68
CA CYS G 80 48.24 -50.40 32.22
C CYS G 80 49.26 -49.27 31.95
N ARG G 81 49.11 -48.64 30.78
CA ARG G 81 49.89 -47.48 30.37
C ARG G 81 48.97 -46.38 29.83
N VAL G 82 48.90 -45.27 30.57
CA VAL G 82 47.95 -44.20 30.27
C VAL G 82 48.65 -42.88 29.94
N ASN G 83 48.22 -42.25 28.85
CA ASN G 83 48.67 -40.91 28.48
C ASN G 83 47.50 -39.93 28.34
N HIS G 84 47.70 -38.73 28.87
CA HIS G 84 46.69 -37.68 28.81
C HIS G 84 47.36 -36.35 28.46
N VAL G 85 46.56 -35.37 28.06
CA VAL G 85 47.05 -34.03 27.72
C VAL G 85 47.81 -33.34 28.86
N THR G 86 47.45 -33.64 30.11
CA THR G 86 48.14 -33.09 31.27
C THR G 86 49.48 -33.77 31.57
N LEU G 87 49.53 -35.10 31.43
CA LEU G 87 50.76 -35.86 31.63
C LEU G 87 51.71 -35.68 30.46
N SER G 88 52.94 -35.25 30.77
CA SER G 88 53.96 -34.94 29.78
C SER G 88 54.76 -36.16 29.33
N GLN G 89 54.62 -37.27 30.05
CA GLN G 89 55.22 -38.54 29.66
C GLN G 89 54.39 -39.68 30.23
N PRO G 90 54.03 -40.66 29.40
CA PRO G 90 53.09 -41.72 29.80
C PRO G 90 53.36 -42.29 31.19
N LYS G 91 52.32 -42.34 32.01
CA LYS G 91 52.38 -42.96 33.32
C LYS G 91 52.08 -44.45 33.13
N ILE G 92 53.02 -45.31 33.57
CA ILE G 92 52.88 -46.77 33.42
C ILE G 92 52.72 -47.43 34.79
N VAL G 93 51.55 -48.01 35.04
CA VAL G 93 51.23 -48.61 36.35
C VAL G 93 51.14 -50.14 36.26
N LYS G 94 52.00 -50.82 37.00
CA LYS G 94 52.07 -52.30 36.97
C LYS G 94 50.89 -52.92 37.72
N TRP G 95 50.54 -54.15 37.33
CA TRP G 95 49.41 -54.88 37.93
C TRP G 95 49.87 -55.78 39.09
N ASP G 96 49.02 -55.86 40.11
CA ASP G 96 49.26 -56.72 41.26
C ASP G 96 47.93 -57.25 41.78
N ARG G 97 47.78 -58.58 41.79
CA ARG G 97 46.53 -59.22 42.26
C ARG G 97 46.36 -59.13 43.79
N ASP G 98 47.40 -58.67 44.48
CA ASP G 98 47.33 -58.34 45.90
C ASP G 98 46.64 -56.97 46.14
N MET G 99 46.59 -56.13 45.11
CA MET G 99 45.95 -54.82 45.19
C MET G 99 44.83 -54.67 44.15
N GLU H 1 12.75 -43.10 29.42
CA GLU H 1 12.87 -42.42 28.10
C GLU H 1 13.59 -41.09 28.26
N GLU H 2 14.05 -40.53 27.15
CA GLU H 2 14.72 -39.22 27.14
C GLU H 2 13.70 -38.11 26.90
N ASN H 3 14.13 -36.86 27.09
CA ASN H 3 13.31 -35.69 26.78
C ASN H 3 14.03 -34.74 25.85
N LEU H 4 13.50 -34.57 24.64
CA LEU H 4 14.03 -33.59 23.69
C LEU H 4 13.07 -32.43 23.64
N LEU H 5 13.57 -31.20 23.65
CA LEU H 5 12.68 -30.05 23.75
C LEU H 5 11.82 -29.76 22.52
N ASP H 6 12.34 -29.28 21.38
CA ASP H 6 13.74 -29.27 20.96
C ASP H 6 14.44 -27.90 21.04
N PHE H 7 13.71 -26.83 20.71
CA PHE H 7 14.30 -25.48 20.55
C PHE H 7 15.16 -24.92 21.71
N VAL H 8 15.43 -25.73 22.73
CA VAL H 8 16.40 -25.40 23.77
C VAL H 8 17.81 -25.41 23.22
N ARG H 9 18.43 -24.24 23.16
CA ARG H 9 19.77 -24.09 22.58
C ARG H 9 20.62 -23.11 23.37
N PHE H 10 21.92 -23.28 23.30
CA PHE H 10 22.83 -22.24 23.70
C PHE H 10 22.55 -21.00 22.84
N ALA I 1 -3.29 -40.15 15.92
CA ALA I 1 -4.70 -40.36 16.38
C ALA I 1 -5.36 -39.07 16.86
N LYS I 2 -4.58 -38.26 17.55
CA LYS I 2 -4.86 -37.94 18.96
C LYS I 2 -5.72 -36.67 19.18
N THR I 3 -6.67 -36.47 18.27
CA THR I 3 -7.03 -35.14 17.78
C THR I 3 -8.39 -35.21 17.09
N THR I 4 -9.45 -35.22 17.90
CA THR I 4 -10.81 -35.25 17.36
C THR I 4 -11.31 -33.84 17.16
N GLN I 5 -11.64 -33.52 15.91
CA GLN I 5 -12.17 -32.22 15.52
C GLN I 5 -13.51 -32.38 14.79
N PRO I 6 -14.39 -31.36 14.87
CA PRO I 6 -15.57 -31.40 14.02
C PRO I 6 -15.16 -31.16 12.58
N THR I 7 -15.49 -32.11 11.70
CA THR I 7 -15.10 -32.05 10.30
C THR I 7 -15.47 -30.73 9.61
N SER I 8 -16.53 -30.09 10.10
CA SER I 8 -16.84 -28.72 9.74
C SER I 8 -17.85 -28.13 10.71
N MET I 9 -18.35 -26.93 10.42
CA MET I 9 -18.61 -25.89 11.41
C MET I 9 -18.76 -24.55 10.73
N ASP I 10 -19.82 -23.83 11.12
CA ASP I 10 -20.11 -22.49 10.61
C ASP I 10 -20.01 -21.46 11.74
N CYS I 11 -20.03 -20.20 11.34
CA CYS I 11 -19.97 -19.08 12.26
C CYS I 11 -20.43 -17.83 11.52
N ALA I 12 -20.77 -16.79 12.27
CA ALA I 12 -21.25 -15.54 11.68
C ALA I 12 -20.21 -14.43 11.84
N GLU I 13 -19.99 -13.67 10.77
CA GLU I 13 -19.26 -12.41 10.86
C GLU I 13 -20.11 -11.40 11.64
N GLY I 14 -19.66 -10.95 12.81
CA GLY I 14 -18.37 -11.32 13.36
C GLY I 14 -18.27 -11.03 14.83
N ARG I 15 -19.06 -11.76 15.61
CA ARG I 15 -18.53 -12.37 16.83
C ARG I 15 -17.69 -13.63 16.53
N ALA I 16 -18.33 -14.79 16.65
CA ALA I 16 -17.91 -15.84 17.59
C ALA I 16 -16.41 -15.77 17.91
N ALA I 17 -15.57 -16.75 17.56
CA ALA I 17 -15.91 -18.05 16.94
C ALA I 17 -15.02 -19.10 17.59
N ASN I 18 -15.54 -20.31 17.70
CA ASN I 18 -15.35 -21.10 18.91
C ASN I 18 -15.08 -22.55 18.61
N LEU I 19 -13.82 -22.84 18.33
CA LEU I 19 -13.41 -23.93 17.45
C LEU I 19 -12.76 -25.02 18.28
N PRO I 20 -13.52 -26.08 18.62
CA PRO I 20 -13.07 -26.99 19.66
C PRO I 20 -12.12 -28.06 19.15
N CYS I 21 -11.59 -28.84 20.08
CA CYS I 21 -10.65 -29.92 19.78
C CYS I 21 -10.52 -30.81 21.00
N ASN I 22 -10.63 -32.13 20.81
CA ASN I 22 -10.54 -33.07 21.92
C ASN I 22 -9.28 -33.96 21.87
N HIS I 23 -8.38 -33.71 22.81
CA HIS I 23 -7.11 -34.44 22.93
C HIS I 23 -7.12 -35.07 24.31
N SER I 24 -7.56 -36.33 24.36
CA SER I 24 -8.00 -36.93 25.61
C SER I 24 -7.04 -37.97 26.19
N THR I 25 -5.91 -38.20 25.53
CA THR I 25 -4.65 -38.36 26.24
C THR I 25 -3.63 -37.36 25.73
N ILE I 26 -2.92 -36.74 26.65
CA ILE I 26 -1.83 -35.86 26.31
C ILE I 26 -1.05 -35.61 27.61
N SER I 27 0.17 -36.14 27.67
CA SER I 27 0.99 -36.10 28.88
C SER I 27 1.79 -34.81 28.93
N GLY I 28 2.00 -34.32 30.15
CA GLY I 28 2.01 -32.88 30.41
C GLY I 28 3.11 -32.12 29.70
N ASN I 29 4.12 -32.85 29.24
CA ASN I 29 5.20 -32.32 28.44
C ASN I 29 4.87 -32.14 26.95
N GLU I 30 3.60 -32.27 26.59
CA GLU I 30 3.18 -32.10 25.20
C GLU I 30 2.41 -30.80 25.03
N TYR I 31 2.81 -30.01 24.04
CA TYR I 31 2.17 -28.73 23.72
C TYR I 31 0.93 -28.93 22.87
N VAL I 32 -0.01 -28.00 22.96
CA VAL I 32 -1.17 -27.96 22.05
C VAL I 32 -0.93 -26.87 21.01
N TYR I 33 -0.95 -27.25 19.73
CA TYR I 33 -0.64 -26.35 18.64
C TYR I 33 -1.82 -26.23 17.67
N TRP I 34 -2.05 -25.01 17.18
CA TRP I 34 -3.11 -24.73 16.21
C TRP I 34 -2.55 -24.06 14.95
N TYR I 35 -2.83 -24.66 13.79
CA TYR I 35 -2.42 -24.14 12.47
C TYR I 35 -3.66 -23.87 11.63
N ARG I 36 -3.50 -23.00 10.63
CA ARG I 36 -4.59 -22.60 9.76
C ARG I 36 -4.11 -22.65 8.32
N GLN I 37 -4.94 -23.16 7.42
CA GLN I 37 -4.60 -23.21 5.99
C GLN I 37 -5.68 -22.52 5.16
N ILE I 38 -5.37 -21.32 4.69
CA ILE I 38 -6.32 -20.47 3.97
C ILE I 38 -6.40 -20.91 2.52
N HIS I 39 -7.20 -21.95 2.28
CA HIS I 39 -7.50 -22.45 0.93
C HIS I 39 -6.31 -22.59 -0.04
N SER I 40 -6.00 -21.50 -0.74
CA SER I 40 -5.10 -21.54 -1.92
C SER I 40 -3.65 -21.73 -1.51
N GLN I 41 -3.27 -21.12 -0.40
CA GLN I 41 -1.94 -21.31 0.15
C GLN I 41 -1.92 -22.60 0.94
N GLY I 42 -1.41 -22.53 2.16
CA GLY I 42 -0.54 -23.56 2.66
C GLY I 42 -0.10 -23.11 4.03
N PRO I 43 -0.12 -24.02 5.00
CA PRO I 43 -0.43 -23.66 6.37
C PRO I 43 0.44 -22.56 6.92
N GLN I 44 -0.13 -21.70 7.77
CA GLN I 44 0.65 -20.98 8.77
C GLN I 44 0.36 -21.41 10.20
N TYR I 45 1.27 -21.00 11.09
CA TYR I 45 1.09 -21.15 12.52
C TYR I 45 0.10 -20.11 13.00
N ILE I 46 -0.58 -20.41 14.10
CA ILE I 46 -1.52 -19.48 14.72
C ILE I 46 -1.11 -19.18 16.15
N ILE I 47 -1.08 -20.24 16.96
CA ILE I 47 -0.92 -20.15 18.40
C ILE I 47 -0.66 -21.55 18.95
N HIS I 48 0.30 -21.67 19.86
CA HIS I 48 0.27 -22.70 20.88
C HIS I 48 0.25 -22.11 22.28
N GLY I 49 -0.14 -22.93 23.23
CA GLY I 49 0.61 -23.03 24.45
C GLY I 49 0.46 -24.38 25.12
N LEU I 50 0.63 -24.36 26.44
CA LEU I 50 1.60 -25.24 27.10
C LEU I 50 0.90 -26.29 27.94
N LYS I 51 0.23 -25.84 29.00
CA LYS I 51 -1.09 -26.36 29.35
C LYS I 51 -1.97 -25.26 29.98
N ASN I 52 -2.01 -24.09 29.34
CA ASN I 52 -2.31 -22.85 30.05
C ASN I 52 -3.61 -22.17 29.57
N ASN I 53 -3.51 -21.06 28.85
CA ASN I 53 -4.44 -19.95 29.05
C ASN I 53 -4.52 -18.92 27.91
N GLU I 54 -3.69 -19.09 26.89
CA GLU I 54 -2.94 -17.97 26.31
C GLU I 54 -3.50 -17.44 24.99
N THR I 55 -2.86 -16.38 24.48
CA THR I 55 -3.57 -15.28 23.81
C THR I 55 -2.59 -14.35 23.11
N ASN I 56 -2.75 -14.20 21.79
CA ASN I 56 -1.87 -13.37 20.97
C ASN I 56 -2.66 -12.52 19.97
N GLU I 57 -2.03 -12.11 18.87
CA GLU I 57 -2.66 -11.21 17.91
C GLU I 57 -3.79 -11.86 17.09
N MET I 58 -3.58 -13.07 16.59
CA MET I 58 -4.56 -13.74 15.73
C MET I 58 -5.74 -14.36 16.50
N ALA I 59 -5.52 -14.64 17.79
CA ALA I 59 -6.00 -15.87 18.41
C ALA I 59 -5.92 -15.78 19.91
N SER I 60 -6.97 -16.26 20.58
CA SER I 60 -6.86 -16.81 21.94
C SER I 60 -6.99 -18.35 21.96
N LEU I 61 -6.44 -18.97 23.02
CA LEU I 61 -6.45 -20.41 23.19
C LEU I 61 -6.69 -20.74 24.66
N ILE I 62 -7.81 -21.41 24.93
CA ILE I 62 -8.17 -21.77 26.30
C ILE I 62 -8.06 -23.29 26.49
N ILE I 63 -7.13 -23.72 27.35
CA ILE I 63 -6.92 -25.14 27.66
C ILE I 63 -7.61 -25.49 28.99
N THR I 64 -8.02 -26.78 29.17
CA THR I 64 -9.06 -27.21 30.10
C THR I 64 -8.94 -27.06 31.62
N GLU I 65 -7.97 -26.34 32.18
CA GLU I 65 -6.53 -26.57 32.05
C GLU I 65 -6.16 -28.00 32.52
N ASP I 66 -7.08 -28.77 32.90
CA ASP I 66 -6.87 -30.21 33.09
C ASP I 66 -6.43 -30.96 31.82
N ARG I 67 -6.21 -30.21 30.73
CA ARG I 67 -5.38 -30.66 29.59
C ARG I 67 -6.15 -31.60 28.68
N LYS I 68 -7.41 -31.28 28.47
CA LYS I 68 -8.42 -32.28 28.12
C LYS I 68 -9.04 -31.99 26.75
N SER I 69 -9.30 -30.71 26.50
CA SER I 69 -10.20 -30.28 25.45
C SER I 69 -10.06 -28.77 25.23
N SER I 70 -9.10 -28.39 24.40
CA SER I 70 -8.80 -26.99 24.16
C SER I 70 -9.74 -26.37 23.13
N THR I 71 -9.83 -25.04 23.16
CA THR I 71 -10.71 -24.28 22.28
C THR I 71 -10.02 -23.06 21.71
N LEU I 72 -9.92 -22.99 20.39
CA LEU I 72 -9.41 -21.80 19.73
C LEU I 72 -10.55 -20.81 19.58
N ILE I 73 -10.35 -19.62 20.13
CA ILE I 73 -11.14 -18.44 19.77
C ILE I 73 -10.50 -17.55 18.69
N LEU I 74 -11.24 -17.33 17.61
CA LEU I 74 -10.95 -16.28 16.63
C LEU I 74 -11.96 -15.16 16.88
N PRO I 75 -11.48 -13.98 17.34
CA PRO I 75 -12.22 -13.22 18.32
C PRO I 75 -13.35 -12.41 17.70
N HIS I 76 -13.01 -11.60 16.69
CA HIS I 76 -13.98 -11.03 15.75
C HIS I 76 -13.80 -11.73 14.41
N ALA I 77 -14.66 -12.69 14.11
CA ALA I 77 -14.53 -13.49 12.89
C ALA I 77 -14.84 -12.66 11.66
N THR I 78 -14.05 -12.83 10.61
CA THR I 78 -14.28 -12.13 9.33
C THR I 78 -14.21 -13.11 8.16
N LEU I 79 -14.51 -12.62 6.96
CA LEU I 79 -14.46 -13.46 5.78
C LEU I 79 -13.07 -14.04 5.54
N ARG I 80 -12.03 -13.20 5.71
CA ARG I 80 -10.64 -13.63 5.52
C ARG I 80 -10.29 -14.85 6.35
N ASP I 81 -10.92 -14.98 7.52
CA ASP I 81 -10.65 -16.09 8.45
C ASP I 81 -11.21 -17.45 8.01
N THR I 82 -12.10 -17.48 7.02
CA THR I 82 -12.67 -18.74 6.56
C THR I 82 -11.55 -19.62 5.97
N ALA I 83 -11.30 -20.75 6.61
CA ALA I 83 -10.19 -21.64 6.22
C ALA I 83 -10.28 -22.99 6.95
N VAL I 84 -9.37 -23.90 6.60
CA VAL I 84 -9.27 -25.18 7.26
C VAL I 84 -8.33 -24.98 8.44
N TYR I 85 -8.78 -25.37 9.64
CA TYR I 85 -8.00 -25.25 10.88
C TYR I 85 -7.59 -26.60 11.42
N TYR I 86 -6.34 -26.71 11.86
CA TYR I 86 -5.77 -27.97 12.33
C TYR I 86 -5.36 -27.88 13.79
N CYS I 87 -5.85 -28.83 14.59
CA CYS I 87 -5.50 -28.94 16.01
C CYS I 87 -4.60 -30.15 16.24
N ILE I 88 -3.33 -29.88 16.51
CA ILE I 88 -2.31 -30.93 16.60
C ILE I 88 -1.50 -30.84 17.88
N VAL I 89 -1.13 -31.99 18.41
CA VAL I 89 -0.36 -32.09 19.63
C VAL I 89 1.11 -32.32 19.26
N TRP I 90 1.99 -31.50 19.82
CA TRP I 90 3.45 -31.61 19.60
C TRP I 90 4.16 -31.83 20.92
N GLY I 91 4.98 -32.89 20.99
CA GLY I 91 5.67 -33.24 22.21
C GLY I 91 7.12 -32.80 22.19
N GLY I 92 7.46 -31.91 21.26
CA GLY I 92 8.85 -31.56 20.99
C GLY I 92 9.48 -32.51 20.00
N TYR I 93 10.47 -32.04 19.25
CA TYR I 93 11.29 -32.87 18.34
C TYR I 93 10.57 -33.71 17.27
N GLN I 94 9.40 -34.26 17.59
CA GLN I 94 8.65 -35.15 16.69
C GLN I 94 8.11 -34.46 15.43
N LYS I 95 7.53 -35.24 14.53
CA LYS I 95 6.87 -34.69 13.35
C LYS I 95 5.48 -34.18 13.71
N VAL I 96 4.97 -33.24 12.92
CA VAL I 96 3.59 -32.73 13.10
C VAL I 96 2.64 -33.55 12.24
N THR I 97 1.46 -33.84 12.79
CA THR I 97 0.48 -34.67 12.10
C THR I 97 -0.82 -33.89 11.94
N PHE I 98 -0.85 -33.03 10.91
CA PHE I 98 -2.05 -32.26 10.57
C PHE I 98 -3.21 -33.23 10.36
N GLY I 99 -4.32 -32.97 11.04
CA GLY I 99 -5.54 -33.75 10.85
C GLY I 99 -6.33 -33.24 9.66
N THR I 100 -7.65 -33.25 9.80
CA THR I 100 -8.52 -33.31 8.64
C THR I 100 -8.80 -31.93 8.03
N GLY I 101 -9.19 -30.90 8.81
CA GLY I 101 -9.54 -30.97 10.23
C GLY I 101 -10.89 -30.30 10.41
N THR I 102 -10.90 -29.05 10.87
CA THR I 102 -12.13 -28.26 10.97
C THR I 102 -12.18 -27.18 9.89
N LYS I 103 -13.23 -27.20 9.07
CA LYS I 103 -13.44 -26.18 8.03
C LYS I 103 -14.42 -25.14 8.52
N LEU I 104 -13.91 -23.94 8.84
CA LEU I 104 -14.77 -22.88 9.35
C LEU I 104 -15.28 -21.98 8.23
N GLN I 105 -16.59 -21.84 8.17
CA GLN I 105 -17.22 -20.91 7.25
C GLN I 105 -17.73 -19.74 8.06
N VAL I 106 -17.44 -18.53 7.58
CA VAL I 106 -17.93 -17.31 8.22
C VAL I 106 -18.82 -16.60 7.22
N ILE I 107 -20.10 -16.42 7.58
CA ILE I 107 -21.10 -15.90 6.65
C ILE I 107 -21.64 -14.55 7.14
N PRO I 108 -21.78 -13.58 6.22
CA PRO I 108 -22.14 -12.20 6.61
C PRO I 108 -23.63 -11.97 6.82
N ILE I 109 -23.96 -10.89 7.53
CA ILE I 109 -25.29 -10.26 7.48
C ILE I 109 -25.60 -9.70 6.07
N GLN I 110 -26.83 -9.24 5.87
CA GLN I 110 -27.36 -8.94 4.54
C GLN I 110 -28.35 -7.76 4.50
N ASN I 111 -28.81 -7.43 3.29
CA ASN I 111 -30.15 -6.89 3.06
C ASN I 111 -30.79 -7.59 1.83
N PRO I 112 -31.58 -8.66 2.05
CA PRO I 112 -31.70 -9.73 1.06
C PRO I 112 -32.70 -9.47 -0.07
N ASP I 113 -32.57 -10.25 -1.14
CA ASP I 113 -33.36 -10.07 -2.36
C ASP I 113 -33.22 -11.29 -3.29
N PRO I 114 -33.66 -12.48 -2.83
CA PRO I 114 -33.45 -13.72 -3.58
C PRO I 114 -33.98 -13.66 -5.02
N ALA I 115 -33.19 -14.17 -5.97
CA ALA I 115 -33.55 -14.08 -7.39
C ALA I 115 -32.72 -15.06 -8.23
N VAL I 116 -33.28 -15.50 -9.36
CA VAL I 116 -32.59 -16.41 -10.27
C VAL I 116 -32.67 -15.88 -11.69
N TYR I 117 -31.60 -15.23 -12.15
CA TYR I 117 -31.60 -14.57 -13.46
C TYR I 117 -30.97 -15.44 -14.56
N GLN I 118 -31.27 -15.09 -15.82
CA GLN I 118 -30.63 -15.70 -16.99
C GLN I 118 -29.78 -14.70 -17.75
N LEU I 119 -28.55 -15.10 -18.04
CA LEU I 119 -27.47 -14.13 -18.21
C LEU I 119 -27.41 -13.74 -19.68
N ARG I 120 -26.57 -14.40 -20.46
CA ARG I 120 -26.74 -14.45 -21.92
C ARG I 120 -25.67 -15.43 -22.45
N ASP I 121 -24.44 -15.02 -22.76
CA ASP I 121 -24.08 -14.17 -23.89
C ASP I 121 -24.32 -15.11 -25.12
N SER I 122 -23.51 -16.15 -25.35
CA SER I 122 -22.11 -16.31 -24.93
C SER I 122 -21.07 -15.54 -25.81
N LYS I 123 -21.23 -15.48 -27.15
CA LYS I 123 -22.30 -16.17 -27.90
C LYS I 123 -21.80 -17.41 -28.64
N SER I 124 -20.70 -17.98 -28.13
CA SER I 124 -20.01 -19.12 -28.72
C SER I 124 -20.35 -20.47 -28.05
N SER I 125 -20.10 -20.56 -26.73
CA SER I 125 -20.12 -21.84 -25.97
C SER I 125 -21.08 -22.95 -26.48
N ASP I 126 -22.41 -22.75 -26.43
CA ASP I 126 -23.11 -21.64 -25.75
C ASP I 126 -23.96 -22.35 -24.65
N LYS I 127 -24.94 -21.72 -23.97
CA LYS I 127 -25.29 -20.29 -24.00
C LYS I 127 -25.73 -19.85 -22.58
N SER I 128 -26.81 -20.49 -22.10
CA SER I 128 -27.48 -20.08 -20.88
C SER I 128 -26.68 -20.47 -19.63
N VAL I 129 -26.61 -19.52 -18.70
CA VAL I 129 -25.93 -19.69 -17.43
C VAL I 129 -26.73 -18.98 -16.32
N CYS I 130 -27.46 -19.73 -15.51
CA CYS I 130 -28.32 -19.14 -14.49
C CYS I 130 -27.53 -18.69 -13.27
N LEU I 131 -27.92 -17.55 -12.71
CA LEU I 131 -27.25 -16.98 -11.54
C LEU I 131 -28.23 -16.77 -10.40
N PHE I 132 -28.33 -17.77 -9.53
CA PHE I 132 -29.06 -17.64 -8.28
C PHE I 132 -28.22 -16.79 -7.35
N THR I 133 -28.76 -15.65 -6.91
CA THR I 133 -27.98 -14.67 -6.15
C THR I 133 -28.84 -13.85 -5.19
N ASP I 134 -28.16 -13.03 -4.38
CA ASP I 134 -28.77 -12.10 -3.42
C ASP I 134 -29.64 -12.80 -2.37
N PHE I 135 -29.23 -13.98 -1.92
CA PHE I 135 -30.02 -14.70 -0.92
C PHE I 135 -29.36 -14.64 0.47
N ASP I 136 -30.19 -14.83 1.50
CA ASP I 136 -29.73 -14.79 2.88
C ASP I 136 -28.91 -16.04 3.20
N SER I 137 -28.03 -15.94 4.18
CA SER I 137 -27.11 -17.02 4.49
C SER I 137 -27.75 -18.23 5.20
N GLN I 138 -29.06 -18.18 5.42
CA GLN I 138 -29.81 -19.35 5.89
C GLN I 138 -30.32 -20.22 4.73
N THR I 139 -29.93 -19.87 3.50
CA THR I 139 -30.24 -20.68 2.33
C THR I 139 -29.03 -21.52 1.98
N ASN I 140 -29.29 -22.78 1.62
CA ASN I 140 -28.26 -23.71 1.18
C ASN I 140 -28.57 -24.16 -0.24
N VAL I 141 -27.61 -23.99 -1.15
CA VAL I 141 -27.74 -24.46 -2.53
C VAL I 141 -27.36 -25.94 -2.60
N SER I 142 -28.00 -26.67 -3.51
CA SER I 142 -27.94 -28.13 -3.53
C SER I 142 -27.18 -28.68 -4.74
N GLN I 143 -27.28 -29.99 -4.97
CA GLN I 143 -26.53 -30.68 -6.01
C GLN I 143 -27.35 -30.98 -7.26
N SER I 144 -26.63 -31.21 -8.36
CA SER I 144 -27.14 -31.07 -9.75
C SER I 144 -28.64 -31.30 -10.04
N LYS I 145 -29.19 -32.52 -9.94
CA LYS I 145 -28.50 -33.77 -9.56
C LYS I 145 -27.97 -34.53 -10.79
N ASP I 146 -28.77 -34.56 -11.86
CA ASP I 146 -28.37 -35.14 -13.14
C ASP I 146 -27.15 -34.41 -13.71
N SER I 147 -26.06 -35.13 -13.94
CA SER I 147 -24.79 -34.48 -14.28
C SER I 147 -24.64 -34.12 -15.77
N ASP I 148 -25.78 -33.89 -16.44
CA ASP I 148 -25.79 -33.12 -17.68
C ASP I 148 -25.75 -31.64 -17.33
N VAL I 149 -26.28 -31.31 -16.15
CA VAL I 149 -26.41 -29.94 -15.67
C VAL I 149 -25.52 -29.70 -14.45
N TYR I 150 -24.68 -28.68 -14.53
CA TYR I 150 -23.69 -28.38 -13.49
C TYR I 150 -24.18 -27.25 -12.59
N ILE I 151 -23.86 -27.34 -11.30
CA ILE I 151 -24.22 -26.30 -10.33
C ILE I 151 -23.10 -26.10 -9.33
N THR I 152 -22.47 -24.93 -9.36
CA THR I 152 -21.36 -24.63 -8.44
C THR I 152 -21.91 -24.32 -7.06
N ASP I 153 -21.10 -24.53 -6.04
CA ASP I 153 -21.51 -24.23 -4.68
C ASP I 153 -21.57 -22.71 -4.54
N LYS I 154 -22.21 -22.24 -3.47
CA LYS I 154 -22.36 -20.80 -3.19
C LYS I 154 -21.04 -20.14 -2.83
N CYS I 155 -20.94 -18.84 -3.09
CA CYS I 155 -19.77 -18.07 -2.69
C CYS I 155 -20.09 -16.57 -2.60
N VAL I 156 -19.31 -15.85 -1.79
CA VAL I 156 -19.62 -14.48 -1.40
C VAL I 156 -18.68 -13.44 -2.03
N LEU I 157 -19.24 -12.53 -2.81
CA LEU I 157 -18.49 -11.40 -3.38
C LEU I 157 -18.65 -10.16 -2.51
N ASP I 158 -17.59 -9.35 -2.41
CA ASP I 158 -17.62 -8.12 -1.62
C ASP I 158 -17.46 -6.93 -2.57
N MET I 159 -18.52 -6.14 -2.72
CA MET I 159 -18.63 -5.16 -3.82
C MET I 159 -17.41 -4.28 -4.20
N ARG I 160 -16.63 -3.77 -3.23
CA ARG I 160 -16.99 -3.63 -1.82
C ARG I 160 -17.15 -2.15 -1.51
N SER I 161 -17.15 -1.33 -2.55
CA SER I 161 -17.13 0.11 -2.41
C SER I 161 -18.44 0.66 -1.88
N MET I 162 -19.52 -0.09 -2.10
CA MET I 162 -20.82 0.23 -1.48
C MET I 162 -20.72 -0.25 -0.02
N ASP I 163 -21.73 -0.97 0.47
CA ASP I 163 -21.60 -1.70 1.74
C ASP I 163 -20.47 -2.73 1.66
N PHE I 164 -20.57 -3.86 0.94
CA PHE I 164 -21.80 -4.50 0.42
C PHE I 164 -21.42 -5.94 0.04
N LYS I 165 -22.26 -6.90 0.42
CA LYS I 165 -21.97 -8.32 0.20
C LYS I 165 -23.16 -9.07 -0.39
N SER I 166 -22.88 -10.22 -1.02
CA SER I 166 -23.93 -11.03 -1.64
C SER I 166 -23.50 -12.47 -1.87
N ASN I 167 -24.28 -13.40 -1.35
CA ASN I 167 -24.12 -14.81 -1.67
C ASN I 167 -24.56 -15.05 -3.13
N SER I 168 -23.75 -15.77 -3.91
CA SER I 168 -24.11 -16.11 -5.28
C SER I 168 -23.73 -17.55 -5.63
N ALA I 169 -24.49 -18.16 -6.53
CA ALA I 169 -24.23 -19.52 -6.99
C ALA I 169 -24.60 -19.63 -8.47
N VAL I 170 -23.73 -20.26 -9.25
CA VAL I 170 -23.91 -20.37 -10.70
C VAL I 170 -24.30 -21.79 -11.12
N ALA I 171 -25.11 -21.90 -12.16
CA ALA I 171 -25.48 -23.19 -12.70
C ALA I 171 -25.64 -23.06 -14.21
N TRP I 172 -25.25 -24.09 -14.95
CA TRP I 172 -25.35 -24.06 -16.40
C TRP I 172 -25.46 -25.47 -17.02
N SER I 173 -25.74 -25.51 -18.32
CA SER I 173 -25.73 -26.76 -19.09
C SER I 173 -25.70 -26.47 -20.59
N ASN I 174 -25.82 -27.52 -21.41
CA ASN I 174 -25.87 -27.35 -22.86
C ASN I 174 -26.98 -28.18 -23.51
N LYS I 175 -28.23 -27.76 -23.31
CA LYS I 175 -29.41 -28.49 -23.82
C LYS I 175 -30.54 -27.51 -24.17
N SER I 176 -31.71 -28.07 -24.51
CA SER I 176 -32.98 -27.31 -24.61
C SER I 176 -33.81 -27.51 -23.35
N ASP I 177 -33.90 -28.76 -22.90
CA ASP I 177 -34.49 -29.11 -21.61
C ASP I 177 -34.18 -28.07 -20.53
N PHE I 178 -32.92 -27.66 -20.48
CA PHE I 178 -32.43 -26.75 -19.45
C PHE I 178 -32.96 -25.32 -19.59
N ALA I 179 -33.59 -24.84 -18.52
CA ALA I 179 -33.99 -23.45 -18.39
C ALA I 179 -33.84 -23.05 -16.93
N CYS I 180 -33.88 -21.75 -16.66
CA CYS I 180 -33.60 -21.24 -15.31
C CYS I 180 -34.75 -21.43 -14.32
N ALA I 181 -35.95 -21.68 -14.83
CA ALA I 181 -37.08 -22.03 -13.99
C ALA I 181 -36.87 -23.36 -13.26
N ASN I 182 -36.10 -24.27 -13.87
CA ASN I 182 -35.91 -25.63 -13.32
C ASN I 182 -34.44 -25.99 -12.99
N ALA I 183 -33.63 -24.98 -12.73
CA ALA I 183 -32.21 -25.19 -12.46
C ALA I 183 -31.96 -25.70 -11.03
N PHE I 184 -32.72 -25.18 -10.07
CA PHE I 184 -32.47 -25.43 -8.65
C PHE I 184 -33.67 -26.11 -8.00
N ASN I 185 -34.32 -27.00 -8.71
CA ASN I 185 -35.56 -27.60 -8.23
C ASN I 185 -35.37 -28.73 -7.22
N ASN I 186 -34.15 -29.25 -7.13
CA ASN I 186 -33.78 -30.13 -6.01
C ASN I 186 -32.85 -29.39 -5.02
N SER I 187 -32.98 -28.07 -5.00
CA SER I 187 -32.40 -27.23 -3.96
C SER I 187 -33.54 -26.50 -3.27
N ILE I 188 -33.58 -26.53 -1.95
CA ILE I 188 -34.70 -25.91 -1.22
C ILE I 188 -34.56 -24.39 -1.24
N ILE I 189 -35.32 -23.78 -2.13
CA ILE I 189 -35.25 -22.35 -2.40
C ILE I 189 -36.26 -21.58 -1.54
N PRO I 190 -35.91 -20.37 -1.08
CA PRO I 190 -36.90 -19.52 -0.40
C PRO I 190 -38.17 -19.33 -1.23
N GLU I 191 -39.32 -19.60 -0.63
CA GLU I 191 -40.60 -19.58 -1.35
C GLU I 191 -41.12 -18.15 -1.58
N ASP I 192 -40.27 -17.29 -2.14
CA ASP I 192 -40.70 -15.93 -2.54
C ASP I 192 -39.71 -15.29 -3.52
N THR I 193 -39.00 -16.13 -4.28
CA THR I 193 -37.89 -15.67 -5.09
C THR I 193 -38.35 -15.04 -6.40
N PHE I 194 -37.51 -14.15 -6.93
CA PHE I 194 -37.79 -13.46 -8.19
C PHE I 194 -37.38 -14.33 -9.38
N PHE I 195 -38.29 -14.45 -10.36
CA PHE I 195 -38.10 -15.29 -11.53
C PHE I 195 -38.63 -14.62 -12.80
N PRO I 196 -37.75 -13.92 -13.53
CA PRO I 196 -38.12 -13.29 -14.80
C PRO I 196 -37.75 -14.13 -16.03
N SER I 197 -38.41 -13.86 -17.15
CA SER I 197 -37.98 -14.38 -18.47
C SER I 197 -37.72 -13.21 -19.45
N PRO I 198 -36.45 -12.76 -19.55
CA PRO I 198 -36.05 -11.76 -20.55
C PRO I 198 -35.88 -12.37 -21.95
N GLU I 199 -35.59 -13.66 -22.00
CA GLU I 199 -35.43 -14.36 -23.26
C GLU I 199 -34.55 -13.56 -24.22
N THR J 1 6.11 -16.73 3.44
CA THR J 1 6.36 -16.63 1.97
C THR J 1 7.87 -16.69 1.67
N GLY J 2 8.69 -16.21 2.62
CA GLY J 2 10.09 -16.61 2.76
C GLY J 2 10.55 -17.77 1.88
N VAL J 3 9.97 -18.94 2.11
CA VAL J 3 10.33 -20.15 1.38
C VAL J 3 9.94 -20.05 -0.09
N SER J 4 10.86 -20.43 -0.99
CA SER J 4 10.59 -20.49 -2.42
C SER J 4 10.88 -21.90 -2.97
N GLN J 5 10.14 -22.31 -4.00
CA GLN J 5 10.29 -23.65 -4.57
C GLN J 5 10.30 -23.64 -6.10
N ASN J 6 10.94 -24.67 -6.68
CA ASN J 6 11.16 -24.76 -8.12
C ASN J 6 10.89 -26.17 -8.64
N PRO J 7 9.94 -26.35 -9.56
CA PRO J 7 9.03 -25.37 -10.18
C PRO J 7 7.66 -25.29 -9.49
N ARG J 8 6.79 -24.44 -10.02
CA ARG J 8 5.40 -24.33 -9.53
C ARG J 8 4.58 -25.54 -9.91
N HIS J 9 4.95 -26.19 -11.01
CA HIS J 9 4.19 -27.34 -11.49
C HIS J 9 5.02 -28.25 -12.39
N LYS J 10 4.60 -29.50 -12.48
CA LYS J 10 5.25 -30.45 -13.37
C LYS J 10 4.29 -31.55 -13.76
N ILE J 11 4.47 -32.06 -14.98
CA ILE J 11 3.63 -33.11 -15.54
C ILE J 11 4.53 -34.07 -16.32
N THR J 12 4.35 -35.37 -16.10
CA THR J 12 5.17 -36.40 -16.78
C THR J 12 4.41 -37.68 -17.10
N LYS J 13 5.00 -38.48 -17.98
CA LYS J 13 4.51 -39.82 -18.29
C LYS J 13 4.76 -40.73 -17.06
N ARG J 14 4.63 -42.04 -17.22
CA ARG J 14 4.75 -42.97 -16.08
C ARG J 14 6.21 -43.13 -15.63
N GLY J 15 6.89 -44.17 -16.08
CA GLY J 15 8.21 -44.54 -15.52
C GLY J 15 9.30 -43.51 -15.75
N GLN J 16 9.13 -42.32 -15.15
CA GLN J 16 10.00 -41.17 -15.41
C GLN J 16 10.55 -40.55 -14.13
N ASN J 17 11.65 -39.82 -14.28
CA ASN J 17 12.28 -39.08 -13.18
C ASN J 17 11.84 -37.62 -13.13
N VAL J 18 11.96 -37.00 -11.97
CA VAL J 18 11.66 -35.58 -11.81
C VAL J 18 12.17 -35.11 -10.46
N THR J 19 12.77 -33.93 -10.43
CA THR J 19 13.35 -33.42 -9.18
C THR J 19 12.83 -32.03 -8.87
N PHE J 20 12.43 -31.83 -7.61
CA PHE J 20 11.98 -30.53 -7.12
C PHE J 20 13.07 -29.84 -6.32
N ARG J 21 12.79 -28.61 -5.87
CA ARG J 21 13.72 -27.85 -5.06
C ARG J 21 13.03 -26.91 -4.10
N CYS J 22 13.73 -26.62 -3.02
CA CYS J 22 13.26 -25.73 -1.97
C CYS J 22 14.42 -24.90 -1.47
N ASP J 23 14.34 -23.60 -1.68
CA ASP J 23 15.31 -22.66 -1.14
C ASP J 23 14.65 -21.93 0.02
N PRO J 24 14.99 -22.31 1.26
CA PRO J 24 14.37 -21.68 2.40
C PRO J 24 15.13 -20.41 2.75
N ILE J 25 14.62 -19.67 3.72
CA ILE J 25 15.28 -18.44 4.18
C ILE J 25 16.62 -18.86 4.76
N SER J 26 17.70 -18.27 4.29
CA SER J 26 19.00 -18.54 4.91
C SER J 26 18.86 -18.25 6.41
N GLU J 27 19.65 -18.95 7.21
CA GLU J 27 19.53 -18.86 8.66
C GLU J 27 18.22 -19.49 9.12
N HIS J 28 17.74 -20.45 8.34
CA HIS J 28 16.71 -21.35 8.80
C HIS J 28 17.38 -22.71 9.02
N ASN J 29 17.19 -23.25 10.21
CA ASN J 29 17.92 -24.42 10.65
C ASN J 29 17.34 -25.67 10.03
N ARG J 30 16.02 -25.82 10.17
CA ARG J 30 15.31 -27.04 9.85
C ARG J 30 14.44 -26.84 8.61
N LEU J 31 14.31 -27.91 7.81
CA LEU J 31 13.50 -27.90 6.61
C LEU J 31 12.71 -29.20 6.53
N TYR J 32 11.43 -29.07 6.19
CA TYR J 32 10.49 -30.19 6.18
C TYR J 32 9.93 -30.40 4.78
N TRP J 33 9.59 -31.64 4.44
CA TRP J 33 8.89 -31.92 3.20
C TRP J 33 7.55 -32.55 3.50
N TYR J 34 6.52 -32.08 2.79
CA TYR J 34 5.16 -32.63 2.90
C TYR J 34 4.56 -32.88 1.51
N ARG J 35 3.62 -33.83 1.45
CA ARG J 35 2.77 -34.02 0.27
C ARG J 35 1.33 -33.78 0.69
N GLN J 36 0.52 -33.27 -0.22
CA GLN J 36 -0.87 -32.95 0.09
C GLN J 36 -1.79 -33.25 -1.08
N THR J 37 -2.59 -34.30 -0.95
CA THR J 37 -3.68 -34.58 -1.88
C THR J 37 -4.82 -33.68 -1.49
N LEU J 38 -5.60 -33.26 -2.48
CA LEU J 38 -6.72 -32.34 -2.25
C LEU J 38 -7.83 -33.06 -1.48
N GLY J 39 -8.10 -32.59 -0.27
CA GLY J 39 -9.09 -33.19 0.62
C GLY J 39 -8.54 -33.44 2.01
N GLN J 40 -7.28 -33.86 2.09
CA GLN J 40 -6.62 -34.15 3.39
C GLN J 40 -5.72 -32.99 3.82
N GLY J 41 -5.18 -33.12 5.04
CA GLY J 41 -4.14 -32.21 5.49
C GLY J 41 -2.84 -32.63 4.84
N PRO J 42 -1.78 -31.81 4.99
CA PRO J 42 -0.46 -32.25 4.55
C PRO J 42 0.04 -33.48 5.31
N GLU J 43 0.58 -34.46 4.57
CA GLU J 43 1.18 -35.64 5.16
C GLU J 43 2.67 -35.40 5.25
N PHE J 44 3.31 -35.90 6.29
CA PHE J 44 4.74 -35.70 6.49
C PHE J 44 5.55 -36.61 5.60
N LEU J 45 6.63 -36.06 5.02
CA LEU J 45 7.57 -36.84 4.23
C LEU J 45 8.91 -37.01 4.96
N THR J 46 9.75 -35.97 4.94
CA THR J 46 11.05 -36.02 5.58
C THR J 46 11.32 -34.74 6.32
N TYR J 47 12.39 -34.73 7.12
CA TYR J 47 12.75 -33.58 7.95
C TYR J 47 14.26 -33.52 8.10
N PHE J 48 14.84 -32.35 7.83
CA PHE J 48 16.29 -32.14 7.94
C PHE J 48 16.63 -31.16 9.02
N GLN J 49 17.72 -31.38 9.73
CA GLN J 49 18.32 -30.33 10.55
C GLN J 49 19.69 -30.05 10.00
N ASN J 50 20.01 -28.77 9.80
CA ASN J 50 21.18 -28.38 9.07
C ASN J 50 21.27 -29.23 7.80
N GLU J 51 22.21 -30.17 7.74
CA GLU J 51 22.47 -30.94 6.52
C GLU J 51 22.17 -32.43 6.66
N ALA J 52 21.52 -32.78 7.76
CA ALA J 52 21.31 -34.18 8.14
C ALA J 52 19.83 -34.53 8.14
N GLN J 53 19.52 -35.72 7.64
CA GLN J 53 18.14 -36.18 7.52
C GLN J 53 17.73 -36.99 8.74
N LEU J 54 17.14 -36.31 9.73
CA LEU J 54 16.86 -36.88 11.06
C LEU J 54 15.73 -37.92 11.08
N GLU J 55 14.59 -37.56 10.48
CA GLU J 55 13.38 -38.39 10.48
C GLU J 55 12.84 -38.58 9.05
N LYS J 56 12.19 -39.71 8.83
CA LYS J 56 11.45 -39.96 7.60
C LYS J 56 10.43 -41.08 7.73
N SER J 57 9.19 -40.79 7.33
CA SER J 57 8.06 -41.71 7.52
C SER J 57 8.01 -42.81 6.45
N ARG J 58 7.13 -43.78 6.68
CA ARG J 58 6.99 -44.95 5.81
C ARG J 58 6.27 -44.60 4.50
N LEU J 59 5.85 -43.34 4.38
CA LEU J 59 5.32 -42.80 3.13
C LEU J 59 6.43 -42.65 2.09
N LEU J 60 7.66 -42.40 2.54
CA LEU J 60 8.82 -42.35 1.66
C LEU J 60 9.16 -43.73 1.13
N SER J 61 8.66 -44.03 -0.07
CA SER J 61 9.13 -45.17 -0.82
C SER J 61 10.62 -44.99 -1.10
N ASP J 62 11.30 -46.08 -1.46
CA ASP J 62 12.71 -46.00 -1.90
C ASP J 62 12.87 -45.08 -3.11
N ARG J 63 11.86 -45.06 -3.97
CA ARG J 63 11.85 -44.21 -5.16
C ARG J 63 12.05 -42.74 -4.80
N PHE J 64 11.47 -42.30 -3.68
CA PHE J 64 11.72 -40.96 -3.20
C PHE J 64 13.12 -40.87 -2.55
N SER J 65 13.77 -39.73 -2.75
CA SER J 65 15.03 -39.42 -2.06
C SER J 65 15.23 -37.91 -1.88
N ALA J 66 15.11 -37.47 -0.63
CA ALA J 66 15.43 -36.11 -0.25
C ALA J 66 16.93 -36.00 0.03
N GLU J 67 17.48 -34.81 -0.20
CA GLU J 67 18.89 -34.56 0.03
C GLU J 67 19.09 -33.07 0.27
N ARG J 68 20.01 -32.74 1.17
CA ARG J 68 20.29 -31.35 1.54
C ARG J 68 21.78 -31.24 1.90
N PRO J 69 22.62 -30.99 0.88
CA PRO J 69 24.05 -31.23 1.01
C PRO J 69 24.76 -30.18 1.84
N LYS J 70 24.59 -28.91 1.49
CA LYS J 70 25.24 -27.81 2.20
C LYS J 70 24.36 -27.33 3.34
N GLY J 71 23.22 -27.97 3.55
CA GLY J 71 22.32 -27.60 4.64
C GLY J 71 21.65 -26.28 4.39
N SER J 72 21.33 -26.02 3.12
CA SER J 72 20.66 -24.80 2.70
C SER J 72 19.43 -25.14 1.90
N PHE J 73 19.63 -25.45 0.62
CA PHE J 73 18.56 -25.87 -0.27
C PHE J 73 18.36 -27.37 -0.20
N SER J 74 17.19 -27.86 -0.59
CA SER J 74 16.97 -29.30 -0.62
C SER J 74 16.35 -29.75 -1.95
N THR J 75 16.80 -30.89 -2.45
CA THR J 75 16.27 -31.48 -3.67
C THR J 75 15.48 -32.72 -3.30
N LEU J 76 14.24 -32.79 -3.78
CA LEU J 76 13.40 -33.97 -3.56
C LEU J 76 13.21 -34.66 -4.90
N GLU J 77 13.71 -35.88 -5.04
CA GLU J 77 13.73 -36.58 -6.32
C GLU J 77 12.85 -37.81 -6.27
N ILE J 78 12.06 -38.01 -7.33
CA ILE J 78 11.22 -39.20 -7.49
C ILE J 78 11.73 -40.01 -8.67
N GLN J 79 11.91 -41.31 -8.47
CA GLN J 79 12.64 -42.12 -9.45
C GLN J 79 11.77 -42.66 -10.59
N ARG J 80 10.81 -43.53 -10.28
CA ARG J 80 9.91 -44.09 -11.29
C ARG J 80 8.50 -43.64 -10.97
N THR J 81 8.12 -42.51 -11.56
CA THR J 81 6.90 -41.82 -11.20
C THR J 81 5.65 -42.67 -11.37
N GLU J 82 4.77 -42.63 -10.37
CA GLU J 82 3.50 -43.35 -10.39
C GLU J 82 2.34 -42.36 -10.36
N GLN J 83 1.17 -42.85 -10.77
CA GLN J 83 -0.04 -42.04 -10.75
C GLN J 83 -0.42 -41.64 -9.33
N GLY J 84 -0.01 -42.47 -8.36
CA GLY J 84 -0.25 -42.22 -6.94
C GLY J 84 0.67 -41.18 -6.31
N ASP J 85 1.72 -40.80 -7.01
CA ASP J 85 2.60 -39.73 -6.54
C ASP J 85 1.95 -38.37 -6.74
N SER J 86 0.95 -38.33 -7.63
CA SER J 86 0.27 -37.09 -7.97
C SER J 86 -0.22 -36.39 -6.71
N ALA J 87 0.36 -35.24 -6.42
CA ALA J 87 -0.01 -34.43 -5.26
C ALA J 87 0.73 -33.09 -5.23
N MET J 88 0.36 -32.25 -4.27
CA MET J 88 1.06 -30.99 -4.03
C MET J 88 2.21 -31.29 -3.09
N TYR J 89 3.43 -30.95 -3.51
CA TYR J 89 4.62 -31.21 -2.70
C TYR J 89 5.10 -29.93 -2.01
N LEU J 90 4.67 -29.77 -0.77
CA LEU J 90 5.01 -28.58 0.02
C LEU J 90 6.37 -28.72 0.68
N CYS J 91 6.96 -27.58 1.01
CA CYS J 91 8.23 -27.54 1.69
C CYS J 91 8.28 -26.35 2.65
N ALA J 92 8.42 -26.63 3.95
CA ALA J 92 8.47 -25.59 4.95
C ALA J 92 9.81 -25.57 5.65
N SER J 93 10.05 -24.48 6.37
CA SER J 93 11.25 -24.31 7.14
C SER J 93 10.95 -23.64 8.47
N ARG J 94 11.94 -23.68 9.36
CA ARG J 94 11.88 -23.03 10.66
C ARG J 94 13.13 -22.18 10.88
N TYR J 95 12.98 -21.08 11.60
CA TYR J 95 14.12 -20.24 11.99
C TYR J 95 15.06 -21.02 12.91
N ARG J 96 16.26 -20.52 13.09
CA ARG J 96 17.23 -21.17 13.96
C ARG J 96 17.25 -20.59 15.37
N ASP J 97 16.08 -20.60 16.04
CA ASP J 97 16.04 -20.43 17.50
C ASP J 97 15.05 -21.39 18.21
N ASP J 98 13.72 -21.25 18.02
CA ASP J 98 13.08 -20.14 17.32
C ASP J 98 12.64 -18.98 18.22
N SER J 99 11.80 -19.16 19.24
CA SER J 99 11.55 -20.43 19.98
C SER J 99 10.53 -21.43 19.39
N TYR J 100 9.24 -21.19 19.60
CA TYR J 100 8.19 -22.18 19.32
C TYR J 100 8.21 -22.82 17.92
N ASN J 101 7.43 -23.88 17.72
CA ASN J 101 7.42 -24.65 16.44
C ASN J 101 6.65 -23.94 15.29
N GLU J 102 7.27 -22.91 14.74
CA GLU J 102 6.64 -22.08 13.72
C GLU J 102 7.19 -22.46 12.36
N GLN J 103 6.44 -23.31 11.64
CA GLN J 103 6.86 -23.78 10.32
C GLN J 103 6.37 -22.82 9.25
N PHE J 104 7.30 -22.36 8.39
CA PHE J 104 6.99 -21.43 7.32
C PHE J 104 6.98 -22.16 5.98
N PHE J 105 5.82 -22.28 5.36
CA PHE J 105 5.66 -23.06 4.12
C PHE J 105 5.91 -22.25 2.86
N GLY J 106 6.14 -22.97 1.77
CA GLY J 106 6.35 -22.37 0.44
C GLY J 106 5.14 -22.59 -0.46
N PRO J 107 5.26 -22.20 -1.76
CA PRO J 107 4.12 -22.24 -2.67
C PRO J 107 3.74 -23.67 -3.05
N GLY J 108 4.72 -24.56 -3.10
CA GLY J 108 4.51 -25.98 -3.37
C GLY J 108 4.59 -26.31 -4.84
N THR J 109 5.42 -27.29 -5.18
CA THR J 109 5.49 -27.82 -6.53
C THR J 109 4.33 -28.76 -6.73
N ARG J 110 3.63 -28.59 -7.86
CA ARG J 110 2.43 -29.34 -8.17
C ARG J 110 2.72 -30.44 -9.21
N LEU J 111 2.80 -31.68 -8.74
CA LEU J 111 3.06 -32.81 -9.61
C LEU J 111 1.74 -33.43 -10.05
N THR J 112 1.69 -33.84 -11.30
CA THR J 112 0.57 -34.60 -11.82
C THR J 112 1.17 -35.59 -12.79
N VAL J 113 1.20 -36.87 -12.39
CA VAL J 113 1.73 -37.93 -13.24
C VAL J 113 0.58 -38.56 -14.00
N LEU J 114 0.76 -38.78 -15.30
CA LEU J 114 -0.30 -39.31 -16.17
C LEU J 114 0.09 -40.58 -16.92
N GLU J 115 -0.93 -41.39 -17.21
CA GLU J 115 -0.76 -42.59 -18.01
C GLU J 115 -0.05 -42.21 -19.32
N ASP J 116 -0.72 -41.36 -20.11
CA ASP J 116 -0.11 -40.69 -21.27
C ASP J 116 -0.61 -39.24 -21.33
N LEU J 117 0.07 -38.42 -22.14
CA LEU J 117 -0.19 -36.98 -22.17
C LEU J 117 -1.42 -36.56 -22.99
N LYS J 118 -2.00 -37.50 -23.73
CA LYS J 118 -3.21 -37.23 -24.51
C LYS J 118 -4.39 -36.73 -23.59
N ASN J 119 -4.31 -36.96 -22.24
CA ASN J 119 -5.31 -36.47 -21.23
C ASN J 119 -5.20 -34.98 -20.87
N VAL J 120 -4.03 -34.39 -21.09
CA VAL J 120 -3.79 -32.99 -20.71
C VAL J 120 -4.52 -32.05 -21.66
N PHE J 121 -5.53 -31.35 -21.15
CA PHE J 121 -6.29 -30.39 -21.94
C PHE J 121 -6.13 -29.00 -21.37
N PRO J 122 -6.18 -27.97 -22.25
CA PRO J 122 -6.21 -26.59 -21.80
C PRO J 122 -7.64 -26.22 -21.39
N PRO J 123 -7.86 -24.97 -20.96
CA PRO J 123 -9.22 -24.50 -20.76
C PRO J 123 -9.73 -23.78 -21.99
N GLU J 124 -11.05 -23.68 -22.10
CA GLU J 124 -11.70 -22.82 -23.09
C GLU J 124 -12.55 -21.83 -22.29
N VAL J 125 -12.27 -20.54 -22.43
CA VAL J 125 -12.92 -19.55 -21.59
C VAL J 125 -13.96 -18.77 -22.36
N ALA J 126 -15.11 -18.54 -21.71
CA ALA J 126 -16.14 -17.65 -22.23
C ALA J 126 -16.82 -16.91 -21.07
N VAL J 127 -17.27 -15.69 -21.35
CA VAL J 127 -17.93 -14.84 -20.34
C VAL J 127 -19.36 -14.49 -20.79
N PHE J 128 -20.25 -14.37 -19.81
CA PHE J 128 -21.69 -14.18 -20.04
C PHE J 128 -22.15 -12.84 -19.48
N GLU J 129 -22.77 -12.02 -20.34
CA GLU J 129 -23.26 -10.70 -19.97
C GLU J 129 -24.27 -10.80 -18.84
N PRO J 130 -24.40 -9.74 -18.00
CA PRO J 130 -25.39 -9.73 -16.93
C PRO J 130 -26.82 -9.56 -17.46
N SER J 131 -27.81 -9.84 -16.63
CA SER J 131 -29.22 -9.81 -17.05
C SER J 131 -29.83 -8.42 -16.98
N GLU J 132 -30.75 -8.15 -17.90
CA GLU J 132 -31.42 -6.86 -17.93
C GLU J 132 -32.36 -6.74 -16.74
N ALA J 133 -32.92 -7.87 -16.31
CA ALA J 133 -33.79 -7.89 -15.14
C ALA J 133 -33.01 -7.47 -13.91
N GLU J 134 -31.82 -8.04 -13.73
CA GLU J 134 -30.96 -7.72 -12.58
C GLU J 134 -30.61 -6.25 -12.53
N ILE J 135 -30.26 -5.68 -13.68
CA ILE J 135 -29.92 -4.26 -13.79
C ILE J 135 -31.06 -3.38 -13.28
N SER J 136 -32.23 -3.54 -13.88
CA SER J 136 -33.39 -2.69 -13.59
C SER J 136 -34.02 -2.97 -12.24
N HIS J 137 -33.68 -4.11 -11.65
CA HIS J 137 -34.12 -4.46 -10.31
C HIS J 137 -33.07 -4.00 -9.30
N THR J 138 -31.92 -4.67 -9.29
CA THR J 138 -30.93 -4.48 -8.24
C THR J 138 -30.03 -3.25 -8.41
N GLN J 139 -30.11 -2.58 -9.56
CA GLN J 139 -29.20 -1.50 -9.92
C GLN J 139 -27.73 -1.95 -9.91
N LYS J 140 -27.51 -3.21 -10.27
CA LYS J 140 -26.18 -3.81 -10.32
C LYS J 140 -26.02 -4.65 -11.59
N ALA J 141 -24.82 -5.19 -11.82
CA ALA J 141 -24.57 -6.06 -12.97
C ALA J 141 -23.58 -7.17 -12.62
N THR J 142 -24.06 -8.40 -12.57
CA THR J 142 -23.21 -9.52 -12.20
C THR J 142 -22.72 -10.23 -13.46
N LEU J 143 -21.45 -10.02 -13.80
CA LEU J 143 -20.81 -10.77 -14.88
C LEU J 143 -20.38 -12.12 -14.34
N VAL J 144 -20.39 -13.13 -15.21
CA VAL J 144 -19.98 -14.47 -14.83
C VAL J 144 -19.02 -15.02 -15.84
N CYS J 145 -18.10 -15.86 -15.37
CA CYS J 145 -17.13 -16.50 -16.24
C CYS J 145 -17.09 -18.00 -15.98
N LEU J 146 -17.19 -18.80 -17.04
CA LEU J 146 -17.01 -20.24 -16.95
C LEU J 146 -15.82 -20.65 -17.80
N ALA J 147 -14.79 -21.17 -17.14
CA ALA J 147 -13.60 -21.69 -17.81
C ALA J 147 -13.66 -23.21 -17.77
N THR J 148 -13.76 -23.83 -18.94
CA THR J 148 -13.95 -25.28 -19.05
C THR J 148 -13.59 -25.72 -20.48
N GLY J 149 -13.16 -26.97 -20.69
CA GLY J 149 -12.94 -28.00 -19.67
C GLY J 149 -11.49 -28.43 -19.73
N PHE J 150 -10.84 -28.45 -18.57
CA PHE J 150 -9.39 -28.48 -18.52
C PHE J 150 -8.88 -29.57 -17.60
N TYR J 151 -7.70 -30.08 -17.93
CA TYR J 151 -7.07 -31.13 -17.14
C TYR J 151 -5.55 -30.99 -17.22
N PRO J 152 -4.87 -30.98 -16.06
CA PRO J 152 -5.40 -31.14 -14.71
C PRO J 152 -5.89 -29.82 -14.17
N ASP J 153 -6.41 -29.82 -12.93
CA ASP J 153 -7.13 -28.66 -12.41
C ASP J 153 -6.23 -27.56 -11.86
N HIS J 154 -4.98 -27.51 -12.30
CA HIS J 154 -4.08 -26.46 -11.88
C HIS J 154 -4.19 -25.24 -12.80
N VAL J 155 -5.13 -24.35 -12.47
CA VAL J 155 -5.37 -23.13 -13.23
C VAL J 155 -5.78 -22.01 -12.30
N GLU J 156 -5.48 -20.77 -12.69
CA GLU J 156 -5.75 -19.60 -11.84
C GLU J 156 -6.48 -18.53 -12.63
N LEU J 157 -7.58 -18.04 -12.06
CA LEU J 157 -8.49 -17.15 -12.76
C LEU J 157 -8.38 -15.73 -12.19
N SER J 158 -8.57 -14.73 -13.05
CA SER J 158 -8.44 -13.33 -12.65
C SER J 158 -9.21 -12.41 -13.59
N TRP J 159 -9.80 -11.35 -13.03
CA TRP J 159 -10.59 -10.39 -13.80
C TRP J 159 -9.77 -9.15 -14.14
N TRP J 160 -10.10 -8.50 -15.26
CA TRP J 160 -9.38 -7.29 -15.68
C TRP J 160 -10.34 -6.25 -16.28
N VAL J 161 -10.74 -5.29 -15.46
CA VAL J 161 -11.63 -4.22 -15.87
C VAL J 161 -10.79 -3.09 -16.45
N ASN J 162 -11.11 -2.71 -17.68
CA ASN J 162 -10.36 -1.68 -18.39
C ASN J 162 -8.85 -1.95 -18.33
N GLY J 163 -8.47 -3.13 -18.81
CA GLY J 163 -7.07 -3.55 -18.85
C GLY J 163 -6.29 -3.32 -17.56
N LYS J 164 -6.93 -3.60 -16.42
CA LYS J 164 -6.30 -3.46 -15.11
C LYS J 164 -6.96 -4.42 -14.15
N GLU J 165 -6.16 -5.19 -13.42
CA GLU J 165 -6.69 -6.27 -12.59
C GLU J 165 -7.55 -5.72 -11.46
N VAL J 166 -8.55 -6.50 -11.07
CA VAL J 166 -9.52 -6.11 -10.04
C VAL J 166 -9.80 -7.25 -9.07
N HIS J 167 -9.83 -6.92 -7.79
CA HIS J 167 -10.17 -7.87 -6.74
C HIS J 167 -11.45 -7.47 -5.97
N SER J 168 -11.92 -6.26 -6.21
CA SER J 168 -13.12 -5.78 -5.57
C SER J 168 -14.33 -6.33 -6.31
N GLY J 169 -15.23 -6.99 -5.59
CA GLY J 169 -16.47 -7.53 -6.17
C GLY J 169 -16.29 -8.84 -6.92
N VAL J 170 -15.20 -9.54 -6.62
CA VAL J 170 -14.86 -10.79 -7.28
C VAL J 170 -15.09 -11.96 -6.34
N CYS J 171 -15.80 -12.98 -6.82
CA CYS J 171 -15.90 -14.26 -6.14
C CYS J 171 -15.66 -15.37 -7.13
N THR J 172 -14.55 -16.08 -6.98
CA THR J 172 -14.25 -17.22 -7.84
C THR J 172 -14.51 -18.51 -7.07
N ASP J 173 -14.94 -19.56 -7.78
CA ASP J 173 -15.08 -20.87 -7.17
C ASP J 173 -13.76 -21.22 -6.53
N PRO J 174 -13.79 -21.72 -5.27
CA PRO J 174 -12.54 -22.04 -4.60
C PRO J 174 -11.84 -23.24 -5.25
N GLN J 175 -12.59 -24.32 -5.42
CA GLN J 175 -12.09 -25.50 -6.11
C GLN J 175 -13.09 -25.88 -7.21
N PRO J 176 -12.59 -26.39 -8.35
CA PRO J 176 -13.47 -26.59 -9.48
C PRO J 176 -14.15 -27.95 -9.42
N LEU J 177 -15.18 -28.13 -10.23
CA LEU J 177 -15.95 -29.37 -10.25
C LEU J 177 -15.64 -30.19 -11.51
N LYS J 178 -15.88 -31.50 -11.42
CA LYS J 178 -15.65 -32.43 -12.53
C LYS J 178 -16.82 -32.46 -13.52
N GLU J 179 -16.50 -32.51 -14.81
CA GLU J 179 -17.54 -32.57 -15.82
C GLU J 179 -18.18 -33.94 -15.83
N GLN J 180 -17.35 -34.98 -15.94
CA GLN J 180 -17.81 -36.37 -15.91
C GLN J 180 -17.23 -37.09 -14.69
N PRO J 181 -17.75 -36.78 -13.48
CA PRO J 181 -17.08 -37.09 -12.21
C PRO J 181 -16.82 -38.58 -11.94
N ALA J 182 -17.55 -39.44 -12.65
CA ALA J 182 -17.39 -40.88 -12.51
C ALA J 182 -16.17 -41.44 -13.28
N LEU J 183 -15.39 -40.56 -13.90
CA LEU J 183 -14.15 -40.94 -14.61
C LEU J 183 -12.90 -40.51 -13.82
N ASN J 184 -11.85 -41.33 -13.91
CA ASN J 184 -10.59 -41.10 -13.20
C ASN J 184 -9.81 -39.90 -13.73
N ASP J 185 -9.96 -39.65 -15.03
CA ASP J 185 -9.26 -38.55 -15.70
C ASP J 185 -10.25 -37.49 -16.18
N SER J 186 -11.36 -37.34 -15.47
CA SER J 186 -12.40 -36.38 -15.85
C SER J 186 -11.86 -34.97 -15.94
N ARG J 187 -12.31 -34.23 -16.95
CA ARG J 187 -11.89 -32.85 -17.14
C ARG J 187 -12.70 -31.96 -16.20
N TYR J 188 -12.13 -30.80 -15.86
CA TYR J 188 -12.68 -29.93 -14.81
C TYR J 188 -13.44 -28.72 -15.39
N ALA J 189 -13.96 -27.88 -14.51
CA ALA J 189 -14.70 -26.69 -14.91
C ALA J 189 -14.86 -25.73 -13.73
N LEU J 190 -14.56 -24.45 -13.94
CA LEU J 190 -14.48 -23.45 -12.86
C LEU J 190 -15.33 -22.23 -13.16
N SER J 191 -16.07 -21.74 -12.16
CA SER J 191 -16.96 -20.58 -12.33
C SER J 191 -16.51 -19.36 -11.51
N SER J 192 -16.87 -18.16 -11.97
CA SER J 192 -16.52 -16.92 -11.29
C SER J 192 -17.51 -15.79 -11.55
N ARG J 193 -17.54 -14.81 -10.64
CA ARG J 193 -18.44 -13.67 -10.73
C ARG J 193 -17.66 -12.37 -10.54
N LEU J 194 -17.95 -11.38 -11.38
CA LEU J 194 -17.49 -10.02 -11.17
C LEU J 194 -18.72 -9.13 -11.17
N ARG J 195 -18.89 -8.34 -10.11
CA ARG J 195 -20.09 -7.53 -9.95
C ARG J 195 -19.76 -6.03 -9.87
N VAL J 196 -20.46 -5.26 -10.69
CA VAL J 196 -20.25 -3.81 -10.80
C VAL J 196 -21.59 -3.08 -10.90
N SER J 197 -21.53 -1.76 -10.73
CA SER J 197 -22.75 -0.94 -10.78
C SER J 197 -23.37 -1.03 -12.16
N ALA J 198 -24.70 -1.01 -12.22
CA ALA J 198 -25.39 -1.09 -13.48
C ALA J 198 -24.92 0.02 -14.42
N THR J 199 -24.71 1.21 -13.87
CA THR J 199 -24.29 2.39 -14.64
C THR J 199 -22.85 2.31 -15.16
N PHE J 200 -22.02 1.48 -14.52
CA PHE J 200 -20.65 1.23 -14.99
C PHE J 200 -20.65 0.23 -16.15
N TRP J 201 -21.51 -0.78 -16.05
CA TRP J 201 -21.72 -1.72 -17.16
C TRP J 201 -22.46 -1.03 -18.31
N GLN J 202 -23.43 -0.20 -17.97
CA GLN J 202 -24.22 0.54 -18.97
C GLN J 202 -23.38 1.54 -19.78
N ASN J 203 -22.15 1.82 -19.34
CA ASN J 203 -21.20 2.63 -20.09
C ASN J 203 -20.45 1.78 -21.13
N PRO J 204 -20.73 1.98 -22.43
CA PRO J 204 -20.19 1.06 -23.43
C PRO J 204 -18.71 1.19 -23.77
N ARG J 205 -17.96 2.05 -23.09
CA ARG J 205 -16.50 2.11 -23.28
C ARG J 205 -15.75 1.23 -22.28
N ASN J 206 -16.43 0.83 -21.20
CA ASN J 206 -15.82 -0.02 -20.18
C ASN J 206 -15.62 -1.44 -20.69
N HIS J 207 -14.39 -1.95 -20.52
CA HIS J 207 -14.00 -3.26 -20.99
C HIS J 207 -13.82 -4.28 -19.84
N PHE J 208 -14.16 -5.54 -20.11
CA PHE J 208 -14.06 -6.62 -19.12
C PHE J 208 -13.40 -7.88 -19.71
N ARG J 209 -12.32 -8.34 -19.08
CA ARG J 209 -11.64 -9.55 -19.52
C ARG J 209 -11.55 -10.55 -18.38
N CYS J 210 -12.08 -11.73 -18.61
CA CYS J 210 -11.87 -12.84 -17.70
C CYS J 210 -10.68 -13.66 -18.20
N GLN J 211 -9.64 -13.74 -17.38
CA GLN J 211 -8.38 -14.41 -17.73
C GLN J 211 -8.23 -15.70 -16.95
N VAL J 212 -7.65 -16.71 -17.60
CA VAL J 212 -7.38 -17.99 -16.94
C VAL J 212 -5.97 -18.46 -17.26
N GLN J 213 -5.11 -18.45 -16.25
CA GLN J 213 -3.76 -19.01 -16.39
C GLN J 213 -3.88 -20.52 -16.30
N PHE J 214 -3.34 -21.21 -17.29
CA PHE J 214 -3.28 -22.66 -17.27
C PHE J 214 -1.83 -23.07 -17.16
N TYR J 215 -1.53 -23.93 -16.18
CA TYR J 215 -0.20 -24.53 -16.04
C TYR J 215 -0.23 -25.94 -16.60
N GLY J 216 0.48 -26.16 -17.70
CA GLY J 216 0.34 -27.39 -18.50
C GLY J 216 1.65 -28.05 -18.87
N LEU J 217 1.79 -28.42 -20.14
CA LEU J 217 2.97 -29.12 -20.62
C LEU J 217 4.13 -28.19 -20.92
N SER J 218 5.31 -28.79 -21.03
CA SER J 218 6.52 -28.08 -21.35
C SER J 218 6.59 -27.87 -22.86
N GLU J 219 7.38 -26.90 -23.30
CA GLU J 219 7.80 -26.81 -24.71
C GLU J 219 8.57 -28.11 -25.03
N ASN J 220 9.44 -28.46 -24.10
CA ASN J 220 10.20 -29.72 -24.08
C ASN J 220 9.39 -30.96 -24.47
N ASP J 221 8.17 -31.06 -23.96
CA ASP J 221 7.43 -32.33 -23.94
C ASP J 221 7.04 -32.84 -25.31
N GLU J 222 6.91 -34.17 -25.40
CA GLU J 222 6.69 -34.87 -26.67
C GLU J 222 5.20 -35.00 -26.97
N TRP J 223 4.71 -34.06 -27.76
CA TRP J 223 3.30 -34.06 -28.18
C TRP J 223 3.15 -34.75 -29.53
N THR J 224 2.03 -35.45 -29.69
CA THR J 224 1.80 -36.32 -30.83
C THR J 224 0.55 -35.99 -31.65
N GLN J 225 -0.52 -35.56 -31.00
CA GLN J 225 -1.85 -35.55 -31.62
C GLN J 225 -2.18 -34.32 -32.47
N ASP J 226 -3.20 -34.50 -33.32
CA ASP J 226 -3.52 -33.55 -34.39
C ASP J 226 -3.83 -32.13 -33.89
N ARG J 227 -4.48 -32.02 -32.74
CA ARG J 227 -4.88 -30.72 -32.23
C ARG J 227 -3.67 -29.95 -31.73
N ALA J 228 -3.91 -28.72 -31.26
CA ALA J 228 -2.85 -27.87 -30.71
C ALA J 228 -2.20 -28.53 -29.49
N LYS J 229 -1.06 -27.96 -29.07
CA LYS J 229 -0.32 -28.47 -27.92
C LYS J 229 -0.85 -27.81 -26.66
N PRO J 230 -0.98 -28.57 -25.55
CA PRO J 230 -1.48 -27.96 -24.33
C PRO J 230 -0.34 -27.44 -23.44
N VAL J 231 0.37 -26.41 -23.93
CA VAL J 231 1.47 -25.84 -23.18
C VAL J 231 0.94 -24.82 -22.17
N THR J 232 1.64 -24.67 -21.05
CA THR J 232 1.29 -23.68 -20.03
C THR J 232 0.98 -22.37 -20.72
N GLN J 233 -0.31 -22.04 -20.79
CA GLN J 233 -0.77 -20.87 -21.54
C GLN J 233 -1.80 -20.07 -20.74
N ILE J 234 -2.29 -18.99 -21.35
CA ILE J 234 -3.30 -18.13 -20.75
C ILE J 234 -4.47 -17.97 -21.71
N VAL J 235 -5.59 -18.62 -21.42
CA VAL J 235 -6.82 -18.44 -22.21
C VAL J 235 -7.65 -17.32 -21.59
N SER J 236 -8.32 -16.55 -22.43
CA SER J 236 -9.13 -15.42 -21.96
C SER J 236 -10.35 -15.18 -22.84
N ALA J 237 -11.37 -14.55 -22.24
CA ALA J 237 -12.55 -14.10 -22.98
C ALA J 237 -12.82 -12.63 -22.65
N GLU J 238 -13.19 -11.86 -23.68
CA GLU J 238 -13.52 -10.45 -23.52
C GLU J 238 -15.01 -10.23 -23.41
N ALA J 239 -15.36 -9.05 -22.91
CA ALA J 239 -16.74 -8.54 -22.96
C ALA J 239 -16.66 -7.04 -22.74
N TRP J 240 -17.48 -6.30 -23.47
CA TRP J 240 -17.50 -4.86 -23.39
C TRP J 240 -18.78 -4.37 -22.76
N GLY J 241 -18.80 -3.11 -22.36
CA GLY J 241 -20.02 -2.50 -21.86
C GLY J 241 -21.09 -2.46 -22.94
N ARG J 242 -22.35 -2.57 -22.52
CA ARG J 242 -23.50 -2.39 -23.39
C ARG J 242 -24.17 -1.10 -22.98
N ALA J 243 -24.70 -0.36 -23.96
CA ALA J 243 -25.45 0.87 -23.67
C ALA J 243 -26.81 0.54 -23.03
N ASP J 244 -27.23 -0.72 -23.16
CA ASP J 244 -28.57 -1.16 -22.77
C ASP J 244 -28.65 -1.45 -21.26
N GLY K 1 -17.76 24.98 -22.46
CA GLY K 1 -17.96 23.55 -22.12
C GLY K 1 -17.96 23.27 -20.62
N SER K 2 -17.17 24.06 -19.89
CA SER K 2 -16.92 23.85 -18.45
C SER K 2 -17.80 24.72 -17.57
N HIS K 3 -17.68 24.53 -16.26
CA HIS K 3 -18.41 25.33 -15.27
C HIS K 3 -17.48 25.78 -14.13
N SER K 4 -18.01 26.63 -13.26
CA SER K 4 -17.26 27.20 -12.13
C SER K 4 -18.11 27.32 -10.86
N MET K 5 -17.44 27.40 -9.72
CA MET K 5 -18.09 27.79 -8.47
C MET K 5 -17.17 28.77 -7.73
N ARG K 6 -17.76 29.82 -7.18
CA ARG K 6 -17.00 30.90 -6.54
C ARG K 6 -17.78 31.46 -5.36
N TYR K 7 -17.17 31.42 -4.18
CA TYR K 7 -17.69 32.17 -3.06
C TYR K 7 -16.87 33.45 -2.97
N PHE K 8 -17.51 34.54 -2.55
CA PHE K 8 -16.85 35.83 -2.39
C PHE K 8 -17.10 36.39 -1.00
N TYR K 9 -16.05 36.90 -0.36
CA TYR K 9 -16.17 37.52 0.95
C TYR K 9 -15.90 39.02 0.88
N THR K 10 -16.59 39.77 1.71
CA THR K 10 -16.36 41.22 1.85
C THR K 10 -16.42 41.61 3.34
N ALA K 11 -15.24 41.89 3.90
CA ALA K 11 -15.11 42.37 5.28
C ALA K 11 -14.79 43.86 5.29
N MET K 12 -15.51 44.63 6.09
CA MET K 12 -15.51 46.07 5.96
C MET K 12 -15.56 46.77 7.32
N SER K 13 -14.40 47.16 7.85
CA SER K 13 -14.33 47.86 9.14
C SER K 13 -14.93 49.23 8.94
N ARG K 14 -15.54 49.79 9.99
CA ARG K 14 -16.34 51.01 9.83
C ARG K 14 -16.61 51.71 11.15
N PRO K 15 -15.56 52.27 11.76
CA PRO K 15 -15.52 52.46 13.20
C PRO K 15 -16.37 53.66 13.60
N GLY K 16 -17.07 53.53 14.73
CA GLY K 16 -18.06 54.52 15.13
C GLY K 16 -19.44 54.09 14.68
N ARG K 17 -19.58 53.80 13.39
CA ARG K 17 -20.85 53.31 12.80
C ARG K 17 -21.01 51.76 12.86
N GLY K 18 -20.48 51.13 13.91
CA GLY K 18 -20.57 49.68 14.04
C GLY K 18 -19.24 48.98 14.26
N GLU K 19 -19.33 47.82 14.91
CA GLU K 19 -18.49 46.67 14.57
C GLU K 19 -18.60 46.37 13.08
N PRO K 20 -17.54 45.78 12.50
CA PRO K 20 -17.45 45.56 11.06
C PRO K 20 -18.55 44.70 10.49
N ARG K 21 -18.88 44.96 9.22
CA ARG K 21 -19.80 44.15 8.46
C ARG K 21 -19.03 43.08 7.66
N PHE K 22 -19.66 41.92 7.51
CA PHE K 22 -19.09 40.81 6.75
C PHE K 22 -20.17 40.24 5.85
N ILE K 23 -19.92 40.26 4.54
CA ILE K 23 -20.88 39.74 3.55
C ILE K 23 -20.29 38.56 2.79
N THR K 24 -21.10 37.53 2.55
CA THR K 24 -20.70 36.42 1.68
C THR K 24 -21.73 36.20 0.58
N VAL K 25 -21.25 36.09 -0.65
CA VAL K 25 -22.10 35.75 -1.80
C VAL K 25 -21.50 34.55 -2.51
N GLY K 26 -22.38 33.70 -3.03
CA GLY K 26 -21.97 32.48 -3.73
C GLY K 26 -22.56 32.39 -5.12
N TYR K 27 -21.68 32.22 -6.12
CA TYR K 27 -22.11 32.07 -7.49
C TYR K 27 -21.81 30.67 -7.99
N VAL K 28 -22.59 30.24 -8.98
CA VAL K 28 -22.22 29.15 -9.87
C VAL K 28 -22.37 29.75 -11.26
N ASP K 29 -21.33 29.69 -12.07
CA ASP K 29 -21.28 30.43 -13.33
C ASP K 29 -21.64 31.89 -13.01
N ASP K 30 -22.67 32.43 -13.64
CA ASP K 30 -23.14 33.79 -13.37
C ASP K 30 -24.49 33.77 -12.62
N THR K 31 -24.76 32.69 -11.90
CA THR K 31 -26.00 32.56 -11.13
C THR K 31 -25.74 32.72 -9.65
N LEU K 32 -26.23 33.80 -9.05
CA LEU K 32 -26.09 33.98 -7.59
C LEU K 32 -27.06 33.02 -6.91
N PHE K 33 -26.55 32.23 -5.95
CA PHE K 33 -27.38 31.20 -5.30
C PHE K 33 -27.39 31.23 -3.76
N VAL K 34 -26.40 31.85 -3.12
CA VAL K 34 -26.40 31.92 -1.66
C VAL K 34 -25.80 33.23 -1.13
N ARG K 35 -26.44 33.79 -0.10
CA ARG K 35 -26.10 35.11 0.45
C ARG K 35 -26.01 35.09 1.96
N PHE K 36 -25.04 35.81 2.51
CA PHE K 36 -24.92 35.98 3.97
C PHE K 36 -24.52 37.41 4.31
N ASP K 37 -25.20 38.01 5.29
CA ASP K 37 -24.93 39.40 5.69
C ASP K 37 -25.09 39.60 7.20
N SER K 38 -24.00 39.94 7.87
CA SER K 38 -23.97 40.01 9.33
C SER K 38 -24.60 41.28 9.92
N ASP K 39 -25.78 41.66 9.43
CA ASP K 39 -26.43 42.90 9.85
C ASP K 39 -27.90 42.63 9.92
N ALA K 40 -28.23 41.55 10.60
CA ALA K 40 -28.91 40.46 9.93
C ALA K 40 -30.31 40.71 9.35
N THR K 41 -31.34 40.90 10.17
CA THR K 41 -31.27 41.17 11.62
C THR K 41 -30.90 39.97 12.51
N SER K 42 -31.41 38.79 12.13
CA SER K 42 -30.90 37.51 12.67
C SER K 42 -30.27 36.71 11.51
N PRO K 43 -28.93 36.63 11.48
CA PRO K 43 -28.27 36.26 10.24
C PRO K 43 -28.24 34.77 9.99
N ARG K 44 -28.11 34.42 8.72
CA ARG K 44 -27.85 33.05 8.30
C ARG K 44 -27.78 33.02 6.77
N LYS K 45 -27.17 31.97 6.24
CA LYS K 45 -27.09 31.77 4.79
C LYS K 45 -28.50 31.69 4.20
N GLU K 46 -28.77 32.54 3.20
CA GLU K 46 -30.08 32.62 2.58
C GLU K 46 -30.01 32.14 1.13
N PRO K 47 -31.08 31.51 0.63
CA PRO K 47 -31.09 30.91 -0.71
C PRO K 47 -31.58 31.87 -1.78
N ARG K 48 -30.75 32.16 -2.77
CA ARG K 48 -31.12 33.09 -3.85
C ARG K 48 -31.35 32.42 -5.21
N ALA K 49 -31.01 31.14 -5.33
CA ALA K 49 -31.36 30.35 -6.52
C ALA K 49 -32.45 29.35 -6.13
N PRO K 50 -33.31 28.97 -7.07
CA PRO K 50 -34.43 28.07 -6.74
C PRO K 50 -33.98 26.62 -6.56
N TRP K 51 -32.89 26.25 -7.21
CA TRP K 51 -32.39 24.88 -7.14
C TRP K 51 -31.60 24.58 -5.86
N ILE K 52 -31.22 25.63 -5.12
CA ILE K 52 -30.52 25.45 -3.84
C ILE K 52 -31.50 25.35 -2.68
N GLU K 53 -32.65 26.02 -2.81
CA GLU K 53 -33.71 25.96 -1.80
C GLU K 53 -33.95 24.51 -1.34
N GLN K 54 -33.94 23.59 -2.31
CA GLN K 54 -34.12 22.16 -2.03
C GLN K 54 -32.85 21.52 -1.46
N GLU K 55 -32.59 21.78 -0.19
CA GLU K 55 -31.49 21.18 0.54
C GLU K 55 -31.92 20.86 1.95
N GLY K 56 -31.12 20.08 2.66
CA GLY K 56 -31.39 19.75 4.06
C GLY K 56 -31.24 20.98 4.94
N PRO K 57 -31.91 20.99 6.11
CA PRO K 57 -31.71 22.11 7.04
C PRO K 57 -30.33 22.02 7.69
N GLU K 58 -29.81 20.80 7.77
CA GLU K 58 -28.47 20.55 8.26
C GLU K 58 -27.41 21.13 7.31
N TYR K 59 -27.74 21.25 6.03
CA TYR K 59 -26.89 21.94 5.08
C TYR K 59 -26.79 23.41 5.46
N TRP K 60 -27.93 24.01 5.81
CA TRP K 60 -27.97 25.44 6.10
C TRP K 60 -27.26 25.78 7.41
N ASP K 61 -27.39 24.91 8.40
CA ASP K 61 -26.68 25.06 9.66
C ASP K 61 -25.17 25.08 9.46
N ARG K 62 -24.65 24.07 8.78
CA ARG K 62 -23.25 24.06 8.42
C ARG K 62 -22.88 25.43 7.91
N GLU K 63 -23.62 25.86 6.89
CA GLU K 63 -23.26 27.04 6.10
C GLU K 63 -23.39 28.32 6.90
N THR K 64 -24.41 28.43 7.74
CA THR K 64 -24.51 29.60 8.59
C THR K 64 -23.33 29.66 9.54
N GLN K 65 -23.17 28.60 10.33
CA GLN K 65 -22.10 28.53 11.34
C GLN K 65 -20.72 28.79 10.74
N ILE K 66 -20.54 28.48 9.47
CA ILE K 66 -19.32 28.83 8.77
C ILE K 66 -19.19 30.36 8.69
N SER K 67 -20.21 31.01 8.16
CA SER K 67 -20.14 32.47 7.97
C SER K 67 -20.24 33.23 9.29
N LYS K 68 -20.98 32.69 10.25
CA LYS K 68 -21.03 33.26 11.61
C LYS K 68 -19.67 33.17 12.28
N THR K 69 -18.97 32.07 12.05
CA THR K 69 -17.59 31.93 12.49
C THR K 69 -16.75 32.99 11.80
N ASN K 70 -16.81 33.01 10.47
CA ASN K 70 -16.03 33.96 9.70
C ASN K 70 -16.32 35.42 10.03
N THR K 71 -17.50 35.72 10.55
CA THR K 71 -17.78 37.08 11.02
C THR K 71 -16.70 37.51 12.01
N GLN K 72 -16.47 36.72 13.04
CA GLN K 72 -15.46 37.04 14.05
C GLN K 72 -14.06 36.94 13.46
N THR K 73 -13.75 35.81 12.83
CA THR K 73 -12.40 35.58 12.29
C THR K 73 -11.85 36.78 11.52
N TYR K 74 -12.71 37.42 10.71
CA TYR K 74 -12.28 38.55 9.89
C TYR K 74 -12.23 39.86 10.66
N ARG K 75 -13.16 40.07 11.59
CA ARG K 75 -13.08 41.22 12.48
C ARG K 75 -11.70 41.26 13.13
N GLU K 76 -11.19 40.06 13.45
CA GLU K 76 -9.82 39.89 13.93
C GLU K 76 -8.83 40.24 12.83
N ASN K 77 -9.02 39.63 11.66
CA ASN K 77 -8.12 39.80 10.49
C ASN K 77 -7.99 41.26 10.05
N LEU K 78 -9.07 42.02 10.19
CA LEU K 78 -9.04 43.45 9.88
C LEU K 78 -8.12 44.20 10.84
N ARG K 79 -8.09 43.75 12.10
CA ARG K 79 -7.26 44.38 13.12
C ARG K 79 -5.83 43.90 13.09
N THR K 80 -5.62 42.64 12.71
CA THR K 80 -4.26 42.13 12.54
C THR K 80 -3.60 42.87 11.38
N ALA K 81 -4.41 43.29 10.41
CA ALA K 81 -3.94 44.12 9.30
C ALA K 81 -3.42 45.47 9.76
N LEU K 82 -4.21 46.14 10.60
CA LEU K 82 -3.84 47.45 11.12
C LEU K 82 -2.43 47.47 11.72
N ARG K 83 -2.06 46.39 12.43
CA ARG K 83 -0.74 46.27 13.04
C ARG K 83 0.36 46.11 11.99
N TYR K 84 0.10 45.26 11.00
CA TYR K 84 1.08 45.02 9.94
C TYR K 84 1.39 46.30 9.16
N TYR K 85 0.35 47.05 8.82
CA TYR K 85 0.48 48.29 8.02
C TYR K 85 0.60 49.56 8.87
N ASN K 86 0.61 49.42 10.20
CA ASN K 86 0.73 50.56 11.12
C ASN K 86 -0.39 51.60 10.96
N GLN K 87 -1.58 51.13 10.60
CA GLN K 87 -2.67 52.02 10.21
C GLN K 87 -3.46 52.59 11.39
N SER K 88 -3.99 53.80 11.19
CA SER K 88 -4.81 54.51 12.18
C SER K 88 -6.12 53.76 12.49
N GLU K 89 -6.61 53.88 13.73
CA GLU K 89 -7.84 53.19 14.15
C GLU K 89 -9.10 53.74 13.51
N ALA K 90 -9.13 55.05 13.30
CA ALA K 90 -10.31 55.72 12.75
C ALA K 90 -10.57 55.35 11.29
N GLY K 91 -9.53 54.93 10.58
CA GLY K 91 -9.65 54.57 9.17
C GLY K 91 -10.57 53.40 8.95
N SER K 92 -11.27 53.42 7.81
CA SER K 92 -12.15 52.34 7.40
C SER K 92 -11.49 51.54 6.28
N HIS K 93 -11.45 50.21 6.45
CA HIS K 93 -10.72 49.33 5.53
C HIS K 93 -11.59 48.16 5.07
N ILE K 94 -11.10 47.42 4.08
CA ILE K 94 -11.85 46.29 3.47
C ILE K 94 -10.96 45.08 3.17
N ILE K 95 -11.36 43.89 3.62
CA ILE K 95 -10.74 42.64 3.17
C ILE K 95 -11.67 41.93 2.19
N GLN K 96 -11.09 41.38 1.12
CA GLN K 96 -11.86 40.74 0.08
C GLN K 96 -11.24 39.40 -0.24
N ARG K 97 -12.05 38.35 -0.23
CA ARG K 97 -11.57 37.02 -0.58
C ARG K 97 -12.39 36.43 -1.69
N MET K 98 -11.75 35.62 -2.52
CA MET K 98 -12.44 34.79 -3.50
C MET K 98 -11.78 33.43 -3.55
N TYR K 99 -12.58 32.38 -3.39
CA TYR K 99 -12.10 31.03 -3.58
C TYR K 99 -13.14 30.23 -4.31
N GLY K 100 -12.72 29.13 -4.90
CA GLY K 100 -13.59 28.32 -5.74
C GLY K 100 -12.84 27.39 -6.67
N CYS K 101 -13.56 26.80 -7.61
CA CYS K 101 -13.01 25.76 -8.47
C CYS K 101 -13.66 25.73 -9.85
N ASP K 102 -12.89 25.28 -10.84
CA ASP K 102 -13.37 25.07 -12.22
C ASP K 102 -13.33 23.58 -12.55
N VAL K 103 -14.35 23.07 -13.26
CA VAL K 103 -14.53 21.62 -13.39
C VAL K 103 -13.76 20.93 -14.55
N GLY K 104 -14.25 20.86 -15.79
CA GLY K 104 -15.55 21.34 -16.28
C GLY K 104 -16.37 20.25 -16.97
N PRO K 105 -16.17 20.06 -18.29
CA PRO K 105 -17.20 19.37 -19.11
C PRO K 105 -17.33 17.88 -18.80
N ASP K 106 -16.21 17.16 -18.75
CA ASP K 106 -16.06 16.04 -17.83
C ASP K 106 -15.60 16.61 -16.51
N GLY K 107 -15.92 15.88 -15.45
CA GLY K 107 -16.41 16.47 -14.23
C GLY K 107 -15.38 16.55 -13.12
N ARG K 108 -14.12 16.73 -13.53
CA ARG K 108 -12.98 16.66 -12.62
C ARG K 108 -12.63 18.06 -12.11
N LEU K 109 -11.39 18.25 -11.66
CA LEU K 109 -10.85 19.59 -11.41
C LEU K 109 -10.09 20.07 -12.64
N LEU K 110 -10.05 21.40 -12.82
CA LEU K 110 -9.22 22.02 -13.86
C LEU K 110 -8.18 22.93 -13.20
N ARG K 111 -8.65 23.89 -12.40
CA ARG K 111 -7.75 24.67 -11.55
C ARG K 111 -8.46 25.21 -10.32
N GLY K 112 -7.66 25.61 -9.33
CA GLY K 112 -8.17 26.11 -8.05
C GLY K 112 -7.91 27.59 -7.87
N TYR K 113 -8.80 28.23 -7.11
CA TYR K 113 -8.64 29.64 -6.78
C TYR K 113 -8.73 29.82 -5.27
N ASP K 114 -7.87 30.66 -4.72
CA ASP K 114 -8.01 31.13 -3.34
C ASP K 114 -7.16 32.40 -3.19
N GLN K 115 -7.84 33.54 -3.16
CA GLN K 115 -7.19 34.84 -3.34
C GLN K 115 -7.74 35.84 -2.34
N TYR K 116 -6.86 36.49 -1.59
CA TYR K 116 -7.28 37.51 -0.63
C TYR K 116 -6.79 38.88 -1.09
N ALA K 117 -7.42 39.94 -0.59
CA ALA K 117 -7.07 41.31 -1.00
C ALA K 117 -7.43 42.36 0.05
N TYR K 118 -6.54 43.35 0.23
CA TYR K 118 -6.71 44.38 1.25
C TYR K 118 -6.89 45.75 0.61
N ASP K 119 -7.96 46.45 1.00
CA ASP K 119 -8.28 47.78 0.47
C ASP K 119 -8.16 47.82 -1.05
N GLY K 120 -8.65 46.78 -1.70
CA GLY K 120 -8.58 46.67 -3.16
C GLY K 120 -7.16 46.51 -3.70
N LYS K 121 -6.33 45.74 -3.00
CA LYS K 121 -4.97 45.44 -3.45
C LYS K 121 -4.68 43.96 -3.20
N ASP K 122 -4.01 43.30 -4.17
CA ASP K 122 -3.59 41.91 -3.99
C ASP K 122 -2.79 41.78 -2.71
N TYR K 123 -3.23 40.90 -1.82
CA TYR K 123 -2.55 40.65 -0.54
C TYR K 123 -1.81 39.32 -0.58
N ILE K 124 -2.56 38.22 -0.59
CA ILE K 124 -1.99 36.89 -0.72
C ILE K 124 -2.78 36.12 -1.76
N ALA K 125 -2.13 35.14 -2.40
CA ALA K 125 -2.79 34.34 -3.41
C ALA K 125 -2.34 32.89 -3.34
N LEU K 126 -3.28 31.96 -3.46
CA LEU K 126 -2.97 30.54 -3.61
C LEU K 126 -2.67 30.27 -5.09
N ASN K 127 -1.47 29.77 -5.34
CA ASN K 127 -0.99 29.54 -6.71
C ASN K 127 -1.77 28.42 -7.35
N GLU K 128 -1.56 28.22 -8.64
CA GLU K 128 -2.32 27.22 -9.37
C GLU K 128 -1.79 25.80 -9.15
N ASP K 129 -0.68 25.67 -8.43
CA ASP K 129 -0.17 24.34 -8.05
C ASP K 129 -0.75 23.86 -6.73
N LEU K 130 -1.52 24.71 -6.04
CA LEU K 130 -2.30 24.32 -4.86
C LEU K 130 -1.48 23.78 -3.68
N SER K 131 -0.26 24.30 -3.52
CA SER K 131 0.65 23.89 -2.44
C SER K 131 1.62 24.99 -1.96
N SER K 132 1.60 26.15 -2.62
CA SER K 132 2.44 27.29 -2.27
C SER K 132 1.68 28.60 -2.49
N TRP K 133 2.18 29.68 -1.89
CA TRP K 133 1.47 30.96 -1.88
C TRP K 133 2.26 32.07 -2.54
N THR K 134 1.55 33.10 -2.98
CA THR K 134 2.18 34.32 -3.53
C THR K 134 1.94 35.48 -2.56
N ALA K 135 3.03 36.05 -2.05
CA ALA K 135 2.96 37.19 -1.13
C ALA K 135 3.14 38.47 -1.93
N ALA K 136 2.15 39.35 -1.86
CA ALA K 136 2.16 40.58 -2.67
C ALA K 136 3.10 41.64 -2.10
N ASP K 137 2.96 41.91 -0.80
CA ASP K 137 3.80 42.87 -0.09
C ASP K 137 4.47 42.21 1.12
N THR K 138 5.31 42.96 1.81
CA THR K 138 6.03 42.45 2.98
C THR K 138 5.10 42.14 4.15
N ALA K 139 3.90 42.73 4.15
CA ALA K 139 2.89 42.44 5.17
C ALA K 139 2.26 41.06 4.96
N ALA K 140 1.98 40.71 3.72
CA ALA K 140 1.40 39.41 3.39
C ALA K 140 2.34 38.27 3.75
N GLN K 141 3.64 38.53 3.67
CA GLN K 141 4.65 37.52 3.95
C GLN K 141 4.54 36.97 5.37
N ILE K 142 4.18 37.84 6.32
CA ILE K 142 3.87 37.39 7.66
C ILE K 142 2.86 36.25 7.54
N THR K 143 1.81 36.52 6.78
CA THR K 143 0.57 35.73 6.81
C THR K 143 0.76 34.50 5.93
N GLN K 144 1.76 34.58 5.06
CA GLN K 144 2.23 33.43 4.31
C GLN K 144 2.91 32.46 5.27
N ARG K 145 3.94 32.93 5.98
CA ARG K 145 4.70 32.08 6.89
C ARG K 145 3.82 31.44 7.96
N LYS K 146 2.73 32.13 8.31
CA LYS K 146 1.72 31.55 9.18
C LYS K 146 1.10 30.30 8.57
N TRP K 147 0.69 30.41 7.31
CA TRP K 147 -0.03 29.31 6.65
C TRP K 147 0.92 28.21 6.17
N GLU K 148 2.14 28.60 5.79
CA GLU K 148 3.19 27.64 5.48
C GLU K 148 3.31 26.61 6.59
N ALA K 149 3.60 27.10 7.80
CA ALA K 149 3.84 26.24 8.95
C ALA K 149 2.59 25.53 9.43
N ALA K 150 1.43 26.13 9.17
CA ALA K 150 0.13 25.55 9.57
C ALA K 150 -0.41 24.58 8.53
N ARG K 151 0.38 24.31 7.48
CA ARG K 151 0.00 23.39 6.42
C ARG K 151 -1.44 23.67 5.96
N VAL K 152 -1.70 24.93 5.64
CA VAL K 152 -3.00 25.34 5.12
C VAL K 152 -3.13 24.94 3.64
N ALA K 153 -1.98 24.86 2.96
CA ALA K 153 -1.94 24.42 1.57
C ALA K 153 -2.88 23.24 1.32
N GLU K 154 -2.59 22.11 1.97
CA GLU K 154 -3.28 20.84 1.72
C GLU K 154 -4.78 20.91 2.01
N GLN K 155 -5.12 21.58 3.10
CA GLN K 155 -6.52 21.83 3.44
C GLN K 155 -6.98 23.17 2.83
N ASP K 156 -6.55 23.38 1.59
CA ASP K 156 -7.48 23.71 0.52
C ASP K 156 -7.52 22.52 -0.43
N ARG K 157 -6.36 22.17 -0.96
CA ARG K 157 -6.27 21.17 -2.02
C ARG K 157 -7.21 20.00 -1.81
N ALA K 158 -7.28 19.50 -0.58
CA ALA K 158 -8.19 18.39 -0.26
C ALA K 158 -9.64 18.77 -0.52
N TYR K 159 -10.02 19.98 -0.13
CA TYR K 159 -11.37 20.49 -0.36
C TYR K 159 -11.60 20.81 -1.84
N LEU K 160 -10.67 21.52 -2.45
CA LEU K 160 -10.83 21.98 -3.85
C LEU K 160 -10.91 20.82 -4.85
N GLU K 161 -10.17 19.74 -4.56
CA GLU K 161 -10.24 18.50 -5.33
C GLU K 161 -11.39 17.60 -4.86
N GLY K 162 -11.89 17.84 -3.66
CA GLY K 162 -12.98 17.04 -3.08
C GLY K 162 -14.32 17.76 -3.06
N LEU K 163 -14.71 18.26 -1.89
CA LEU K 163 -16.04 18.84 -1.68
C LEU K 163 -16.43 19.98 -2.65
N CYS K 164 -15.44 20.71 -3.19
CA CYS K 164 -15.72 21.81 -4.12
C CYS K 164 -16.36 21.29 -5.41
N VAL K 165 -15.65 20.39 -6.08
CA VAL K 165 -16.13 19.80 -7.33
C VAL K 165 -17.29 18.85 -7.06
N GLU K 166 -17.26 18.15 -5.92
CA GLU K 166 -18.34 17.25 -5.52
C GLU K 166 -19.66 18.00 -5.42
N SER K 167 -19.69 19.06 -4.62
CA SER K 167 -20.89 19.85 -4.41
C SER K 167 -21.34 20.54 -5.71
N LEU K 168 -20.37 21.01 -6.49
CA LEU K 168 -20.66 21.70 -7.76
C LEU K 168 -21.42 20.79 -8.71
N ARG K 169 -20.87 19.59 -8.93
CA ARG K 169 -21.55 18.58 -9.75
C ARG K 169 -22.97 18.32 -9.25
N ARG K 170 -23.16 18.36 -7.93
CA ARG K 170 -24.48 18.21 -7.34
C ARG K 170 -25.37 19.41 -7.66
N TYR K 171 -24.84 20.62 -7.48
CA TYR K 171 -25.61 21.83 -7.80
C TYR K 171 -26.03 21.85 -9.27
N LEU K 172 -25.10 21.52 -10.16
CA LEU K 172 -25.38 21.53 -11.58
C LEU K 172 -26.55 20.62 -11.90
N GLU K 173 -26.43 19.34 -11.61
CA GLU K 173 -27.51 18.37 -11.85
C GLU K 173 -28.84 18.85 -11.26
N ASN K 174 -28.83 19.28 -10.01
CA ASN K 174 -30.05 19.73 -9.31
C ASN K 174 -30.78 20.89 -9.97
N GLY K 175 -30.02 21.82 -10.54
CA GLY K 175 -30.59 22.93 -11.28
C GLY K 175 -30.15 22.94 -12.74
N LYS K 176 -30.02 21.76 -13.33
CA LYS K 176 -29.47 21.63 -14.68
C LYS K 176 -30.21 22.51 -15.68
N GLU K 177 -31.53 22.48 -15.61
CA GLU K 177 -32.34 23.09 -16.65
C GLU K 177 -32.30 24.63 -16.69
N THR K 178 -31.66 25.24 -15.71
CA THR K 178 -31.37 26.67 -15.80
C THR K 178 -29.86 26.92 -16.00
N LEU K 179 -29.03 26.06 -15.41
CA LEU K 179 -27.58 26.27 -15.39
C LEU K 179 -26.88 25.68 -16.62
N GLN K 180 -27.34 24.52 -17.07
CA GLN K 180 -26.80 23.87 -18.26
C GLN K 180 -27.78 23.97 -19.42
N ARG K 181 -28.70 24.95 -19.36
CA ARG K 181 -29.59 25.19 -20.48
C ARG K 181 -29.30 26.59 -21.01
N ALA K 182 -28.20 26.67 -21.75
CA ALA K 182 -27.70 27.93 -22.29
C ALA K 182 -28.75 28.55 -23.22
N ASP K 183 -28.86 29.87 -23.18
CA ASP K 183 -29.79 30.60 -24.03
C ASP K 183 -29.03 31.38 -25.09
N PRO K 184 -29.46 31.26 -26.36
CA PRO K 184 -28.80 31.98 -27.45
C PRO K 184 -29.14 33.48 -27.43
N PRO K 185 -28.18 34.34 -27.82
CA PRO K 185 -28.47 35.76 -27.90
C PRO K 185 -29.28 36.10 -29.13
N LYS K 186 -30.30 36.93 -28.95
CA LYS K 186 -31.12 37.39 -30.06
C LYS K 186 -30.41 38.57 -30.72
N THR K 187 -29.82 38.30 -31.89
CA THR K 187 -28.88 39.21 -32.52
C THR K 187 -29.50 40.02 -33.66
N HIS K 188 -29.14 41.30 -33.72
CA HIS K 188 -29.46 42.14 -34.88
C HIS K 188 -28.40 43.21 -35.07
N VAL K 189 -28.39 43.85 -36.23
CA VAL K 189 -27.40 44.86 -36.57
C VAL K 189 -28.08 46.15 -37.02
N THR K 190 -27.81 47.24 -36.29
CA THR K 190 -28.47 48.54 -36.50
C THR K 190 -27.57 49.56 -37.20
N HIS K 191 -28.20 50.51 -37.90
CA HIS K 191 -27.52 51.50 -38.73
C HIS K 191 -27.54 52.88 -38.05
N HIS K 192 -26.39 53.55 -37.96
CA HIS K 192 -26.27 54.77 -37.14
C HIS K 192 -25.25 55.84 -37.52
N PRO K 193 -25.70 56.95 -38.14
CA PRO K 193 -26.14 57.06 -39.52
C PRO K 193 -24.92 56.99 -40.49
N ILE K 194 -23.90 57.87 -40.44
CA ILE K 194 -23.77 59.07 -39.60
C ILE K 194 -23.43 60.31 -40.48
N SER K 195 -22.26 60.29 -41.10
CA SER K 195 -21.38 61.48 -41.14
C SER K 195 -21.65 62.66 -42.11
N ASP K 196 -22.27 62.47 -43.28
CA ASP K 196 -22.82 61.20 -43.80
C ASP K 196 -21.77 60.30 -44.46
N HIS K 197 -20.72 60.90 -45.05
CA HIS K 197 -19.67 60.13 -45.76
C HIS K 197 -18.79 59.31 -44.79
N GLU K 198 -19.46 58.42 -44.07
CA GLU K 198 -18.90 57.62 -42.97
C GLU K 198 -20.09 57.20 -42.12
N VAL K 199 -20.18 55.92 -41.75
CA VAL K 199 -21.27 55.43 -40.92
C VAL K 199 -20.76 54.69 -39.69
N THR K 200 -21.69 54.36 -38.79
CA THR K 200 -21.43 53.46 -37.68
C THR K 200 -22.48 52.35 -37.70
N LEU K 201 -22.05 51.11 -37.96
CA LEU K 201 -22.91 49.95 -37.77
C LEU K 201 -22.87 49.61 -36.28
N ARG K 202 -23.75 48.70 -35.84
CA ARG K 202 -23.73 48.26 -34.44
C ARG K 202 -24.31 46.86 -34.28
N CYS K 203 -23.46 45.90 -33.93
CA CYS K 203 -23.86 44.51 -33.80
C CYS K 203 -24.36 44.26 -32.38
N TRP K 204 -25.66 43.99 -32.25
CA TRP K 204 -26.32 43.81 -30.95
C TRP K 204 -26.42 42.34 -30.52
N ALA K 205 -26.01 42.06 -29.28
CA ALA K 205 -26.27 40.77 -28.64
C ALA K 205 -27.14 41.02 -27.42
N LEU K 206 -28.24 40.28 -27.30
CA LEU K 206 -29.23 40.52 -26.24
C LEU K 206 -29.87 39.24 -25.70
N GLY K 207 -30.25 39.26 -24.43
CA GLY K 207 -31.07 38.22 -23.81
C GLY K 207 -30.46 36.82 -23.80
N PHE K 208 -29.21 36.71 -23.37
CA PHE K 208 -28.46 35.43 -23.37
C PHE K 208 -27.80 35.11 -22.04
N TYR K 209 -27.40 33.85 -21.90
CA TYR K 209 -26.75 33.35 -20.69
C TYR K 209 -25.93 32.12 -21.06
N PRO K 210 -24.73 31.97 -20.48
CA PRO K 210 -24.05 32.83 -19.52
C PRO K 210 -23.46 34.12 -20.13
N ALA K 211 -22.68 34.86 -19.35
CA ALA K 211 -22.09 36.13 -19.78
C ALA K 211 -20.96 35.97 -20.81
N GLU K 212 -20.32 34.79 -20.82
CA GLU K 212 -19.28 34.48 -21.80
C GLU K 212 -19.80 34.54 -23.25
N ILE K 213 -19.14 35.36 -24.07
CA ILE K 213 -19.57 35.65 -25.44
C ILE K 213 -18.44 36.41 -26.17
N THR K 214 -18.41 36.30 -27.51
CA THR K 214 -17.45 37.06 -28.30
C THR K 214 -18.09 37.69 -29.52
N LEU K 215 -18.03 39.01 -29.58
CA LEU K 215 -18.53 39.80 -30.71
C LEU K 215 -17.38 40.61 -31.29
N THR K 216 -16.96 40.26 -32.51
CA THR K 216 -15.83 40.94 -33.16
C THR K 216 -15.74 40.44 -34.57
N TRP K 217 -15.63 41.39 -35.50
CA TRP K 217 -16.37 41.28 -36.75
C TRP K 217 -15.84 42.14 -37.88
N GLN K 218 -16.14 41.67 -39.08
CA GLN K 218 -15.12 41.51 -40.09
C GLN K 218 -15.20 42.63 -41.11
N ARG K 219 -14.45 42.49 -42.20
CA ARG K 219 -14.98 42.81 -43.53
C ARG K 219 -14.75 41.66 -44.50
N ASP K 220 -13.50 41.36 -44.81
CA ASP K 220 -13.19 40.23 -45.68
C ASP K 220 -13.00 38.89 -44.95
N GLY K 221 -12.35 38.83 -43.79
CA GLY K 221 -11.70 39.97 -43.12
C GLY K 221 -10.66 39.45 -42.17
N GLU K 222 -10.39 40.22 -41.11
CA GLU K 222 -10.17 39.64 -39.79
C GLU K 222 -11.35 39.92 -38.81
N ASP K 223 -11.73 41.16 -38.52
CA ASP K 223 -11.08 42.42 -38.95
C ASP K 223 -10.30 42.86 -37.70
N GLN K 224 -10.87 43.63 -36.76
CA GLN K 224 -11.28 45.02 -36.92
C GLN K 224 -10.13 46.00 -36.57
N THR K 225 -9.18 45.67 -35.67
CA THR K 225 -9.26 44.64 -34.62
C THR K 225 -9.32 45.36 -33.28
N GLN K 226 -9.72 46.63 -33.36
CA GLN K 226 -8.97 47.74 -32.76
C GLN K 226 -9.74 49.07 -32.78
N ASP K 227 -10.75 49.18 -33.65
CA ASP K 227 -11.53 50.42 -33.78
C ASP K 227 -12.18 50.89 -32.46
N THR K 228 -12.99 50.09 -31.76
CA THR K 228 -13.58 48.82 -32.23
C THR K 228 -15.03 49.07 -32.73
N GLU K 229 -16.01 49.37 -31.87
CA GLU K 229 -15.86 49.65 -30.42
C GLU K 229 -16.61 48.62 -29.58
N LEU K 230 -15.89 47.90 -28.73
CA LEU K 230 -16.50 46.91 -27.85
C LEU K 230 -17.06 47.65 -26.64
N VAL K 231 -18.00 47.03 -25.94
CA VAL K 231 -18.52 47.58 -24.69
C VAL K 231 -18.62 46.47 -23.62
N GLU K 232 -18.50 46.88 -22.35
CA GLU K 232 -18.53 45.93 -21.22
C GLU K 232 -19.81 45.08 -21.24
N THR K 233 -19.65 43.77 -21.06
CA THR K 233 -20.80 42.86 -21.06
C THR K 233 -21.67 43.16 -19.85
N ARG K 234 -22.82 43.77 -20.10
CA ARG K 234 -23.68 44.28 -19.02
C ARG K 234 -24.87 43.35 -18.77
N PRO K 235 -25.36 43.30 -17.53
CA PRO K 235 -26.49 42.45 -17.16
C PRO K 235 -27.83 43.09 -17.50
N ALA K 236 -28.70 42.33 -18.17
CA ALA K 236 -30.00 42.83 -18.60
C ALA K 236 -30.91 43.10 -17.40
N GLY K 237 -30.79 42.27 -16.38
CA GLY K 237 -31.61 42.39 -15.17
C GLY K 237 -32.47 41.16 -14.93
N ASP K 238 -32.79 40.44 -16.01
CA ASP K 238 -33.60 39.22 -15.93
C ASP K 238 -32.72 37.96 -15.98
N ARG K 239 -31.54 38.04 -15.36
CA ARG K 239 -30.55 36.97 -15.41
C ARG K 239 -30.13 36.62 -16.85
N THR K 240 -30.21 37.61 -17.73
CA THR K 240 -29.67 37.51 -19.08
C THR K 240 -28.71 38.68 -19.24
N PHE K 241 -27.94 38.69 -20.33
CA PHE K 241 -26.86 39.67 -20.49
C PHE K 241 -26.90 40.34 -21.85
N GLN K 242 -26.09 41.39 -22.01
CA GLN K 242 -26.08 42.19 -23.23
C GLN K 242 -24.65 42.56 -23.65
N LYS K 243 -24.49 42.92 -24.92
CA LYS K 243 -23.19 43.37 -25.45
C LYS K 243 -23.32 43.88 -26.89
N TRP K 244 -22.42 44.79 -27.28
CA TRP K 244 -22.20 45.14 -28.70
C TRP K 244 -20.78 45.57 -29.02
N ALA K 245 -20.27 45.05 -30.14
CA ALA K 245 -19.31 45.76 -30.99
C ALA K 245 -20.00 46.80 -31.87
N ALA K 246 -19.21 47.79 -32.33
CA ALA K 246 -19.69 48.83 -33.26
C ALA K 246 -19.88 48.22 -34.66
N VAL K 247 -19.21 48.63 -35.75
CA VAL K 247 -18.00 49.47 -35.84
C VAL K 247 -18.27 50.72 -36.69
N VAL K 248 -17.22 51.51 -36.93
CA VAL K 248 -17.29 52.68 -37.80
C VAL K 248 -16.69 52.39 -39.19
N VAL K 249 -17.52 52.49 -40.23
CA VAL K 249 -17.09 52.20 -41.61
C VAL K 249 -17.60 53.27 -42.58
N PRO K 250 -16.93 53.42 -43.75
CA PRO K 250 -17.37 54.42 -44.74
C PRO K 250 -18.76 54.12 -45.33
N SER K 251 -19.47 55.17 -45.72
CA SER K 251 -20.88 55.05 -46.12
C SER K 251 -21.02 54.53 -47.55
N GLY K 252 -22.05 53.71 -47.77
CA GLY K 252 -22.29 53.09 -49.07
C GLY K 252 -21.27 52.02 -49.42
N GLU K 253 -20.51 51.54 -48.43
CA GLU K 253 -19.49 50.51 -48.67
C GLU K 253 -20.07 49.20 -49.21
N GLU K 254 -20.74 48.34 -48.42
CA GLU K 254 -21.03 48.49 -46.97
C GLU K 254 -21.44 47.12 -46.41
N GLN K 255 -22.09 46.32 -47.25
CA GLN K 255 -22.30 44.89 -47.02
C GLN K 255 -21.00 44.07 -47.01
N ARG K 256 -19.84 44.75 -46.97
CA ARG K 256 -18.57 44.07 -46.74
C ARG K 256 -18.49 43.52 -45.31
N TYR K 257 -19.00 44.28 -44.35
CA TYR K 257 -18.75 44.02 -42.94
C TYR K 257 -19.73 42.99 -42.36
N THR K 258 -19.18 41.91 -41.81
CA THR K 258 -19.95 40.73 -41.38
C THR K 258 -19.73 40.44 -39.90
N CYS K 259 -20.82 40.19 -39.16
CA CYS K 259 -20.76 39.99 -37.69
C CYS K 259 -20.76 38.53 -37.27
N HIS K 260 -20.44 38.31 -36.00
CA HIS K 260 -19.58 37.20 -35.62
C HIS K 260 -19.50 37.07 -34.10
N VAL K 261 -20.12 36.00 -33.63
CA VAL K 261 -21.05 36.07 -32.53
C VAL K 261 -21.01 34.76 -31.74
N GLN K 262 -19.85 34.45 -31.18
CA GLN K 262 -19.62 33.14 -30.57
C GLN K 262 -20.31 33.05 -29.22
N HIS K 263 -21.19 32.05 -29.08
CA HIS K 263 -21.83 31.72 -27.81
C HIS K 263 -21.99 30.21 -27.70
N GLU K 264 -22.01 29.71 -26.46
CA GLU K 264 -22.21 28.28 -26.20
C GLU K 264 -23.67 27.86 -26.25
N GLY K 265 -24.57 28.83 -26.16
CA GLY K 265 -25.99 28.57 -26.42
C GLY K 265 -26.19 28.15 -27.87
N LEU K 266 -25.67 28.96 -28.78
CA LEU K 266 -25.74 28.66 -30.19
C LEU K 266 -24.94 27.41 -30.55
N PRO K 267 -25.52 26.58 -31.43
CA PRO K 267 -24.79 26.12 -32.59
C PRO K 267 -24.96 27.09 -33.76
N LYS K 268 -23.92 27.86 -34.00
CA LYS K 268 -23.36 27.94 -35.34
C LYS K 268 -21.83 28.01 -35.23
N PRO K 269 -21.25 29.17 -34.84
CA PRO K 269 -21.77 30.47 -34.44
C PRO K 269 -22.11 31.39 -35.60
N LEU K 270 -23.05 32.31 -35.35
CA LEU K 270 -23.76 33.06 -36.41
C LEU K 270 -22.91 34.01 -37.24
N THR K 271 -23.48 34.47 -38.35
CA THR K 271 -22.92 35.55 -39.17
C THR K 271 -24.02 36.51 -39.61
N LEU K 272 -23.94 37.76 -39.17
CA LEU K 272 -24.96 38.77 -39.49
C LEU K 272 -24.40 39.92 -40.32
N ARG K 273 -25.30 40.68 -40.92
CA ARG K 273 -24.96 41.87 -41.70
C ARG K 273 -26.08 42.90 -41.55
N TRP K 274 -25.81 44.14 -42.00
CA TRP K 274 -26.86 45.14 -42.14
C TRP K 274 -27.85 44.62 -43.18
N GLU K 275 -29.15 44.80 -42.93
CA GLU K 275 -30.18 44.01 -43.63
C GLU K 275 -30.73 44.60 -44.96
N PRO K 276 -31.40 45.78 -44.96
CA PRO K 276 -31.77 46.74 -43.92
C PRO K 276 -33.04 46.36 -43.15
N ILE L 1 -8.23 51.01 -2.80
CA ILE L 1 -7.41 52.10 -3.37
C ILE L 1 -7.11 51.81 -4.86
N GLN L 2 -7.75 52.50 -5.81
CA GLN L 2 -8.90 53.41 -5.59
C GLN L 2 -9.53 53.78 -6.95
N ARG L 3 -10.39 52.90 -7.48
CA ARG L 3 -10.92 53.05 -8.84
C ARG L 3 -12.19 53.89 -8.95
N THR L 4 -12.34 54.57 -10.09
CA THR L 4 -13.55 55.32 -10.41
C THR L 4 -14.46 54.41 -11.24
N PRO L 5 -15.80 54.59 -11.12
CA PRO L 5 -16.72 53.66 -11.76
C PRO L 5 -16.93 53.88 -13.24
N LYS L 6 -17.47 52.86 -13.89
CA LYS L 6 -17.89 52.92 -15.28
C LYS L 6 -19.39 52.71 -15.33
N ILE L 7 -20.08 53.40 -16.22
CA ILE L 7 -21.54 53.46 -16.22
C ILE L 7 -22.16 53.14 -17.58
N GLN L 8 -23.20 52.33 -17.57
CA GLN L 8 -24.06 52.10 -18.74
C GLN L 8 -25.53 52.23 -18.32
N VAL L 9 -26.31 52.94 -19.13
CA VAL L 9 -27.75 53.11 -18.87
C VAL L 9 -28.55 52.59 -20.05
N TYR L 10 -29.54 51.74 -19.76
CA TYR L 10 -30.20 50.98 -20.81
C TYR L 10 -31.49 50.32 -20.33
N SER L 11 -32.25 49.77 -21.27
CA SER L 11 -33.49 49.07 -20.97
C SER L 11 -33.31 47.55 -21.10
N ARG L 12 -34.02 46.80 -20.24
CA ARG L 12 -33.92 45.33 -20.20
C ARG L 12 -34.31 44.75 -21.55
N HIS L 13 -35.49 45.13 -22.03
CA HIS L 13 -35.94 44.81 -23.36
C HIS L 13 -35.90 46.13 -24.15
N PRO L 14 -35.51 46.08 -25.43
CA PRO L 14 -35.43 47.33 -26.19
C PRO L 14 -36.77 48.05 -26.15
N ALA L 15 -36.73 49.38 -26.06
CA ALA L 15 -37.96 50.15 -25.98
C ALA L 15 -38.45 50.61 -27.34
N GLU L 16 -39.76 50.56 -27.52
CA GLU L 16 -40.48 51.77 -27.88
C GLU L 16 -41.68 51.96 -26.96
N ASN L 17 -42.58 52.84 -27.38
CA ASN L 17 -43.05 53.92 -26.53
C ASN L 17 -44.30 53.56 -25.77
N GLY L 18 -44.16 53.45 -24.45
CA GLY L 18 -45.26 53.03 -23.61
C GLY L 18 -45.62 51.57 -23.80
N LYS L 19 -44.61 50.78 -24.14
CA LYS L 19 -44.45 49.48 -23.53
C LYS L 19 -43.88 49.67 -22.12
N SER L 20 -43.35 48.60 -21.56
CA SER L 20 -43.87 48.09 -20.29
C SER L 20 -43.02 48.28 -19.05
N ASN L 21 -41.93 49.02 -19.21
CA ASN L 21 -40.63 48.41 -19.42
C ASN L 21 -39.70 48.49 -18.20
N PHE L 22 -38.44 48.07 -18.38
CA PHE L 22 -37.43 48.16 -17.33
C PHE L 22 -36.31 49.11 -17.75
N LEU L 23 -35.73 49.79 -16.76
CA LEU L 23 -34.60 50.72 -16.95
C LEU L 23 -33.47 50.35 -15.98
N ASN L 24 -32.25 50.22 -16.51
CA ASN L 24 -31.10 49.77 -15.74
C ASN L 24 -29.96 50.78 -15.68
N CYS L 25 -29.20 50.76 -14.58
CA CYS L 25 -27.91 51.44 -14.49
C CYS L 25 -26.85 50.52 -13.87
N TYR L 26 -25.99 49.98 -14.73
CA TYR L 26 -24.95 49.05 -14.30
C TYR L 26 -23.63 49.78 -14.10
N VAL L 27 -23.25 49.95 -12.85
CA VAL L 27 -21.94 50.52 -12.51
C VAL L 27 -20.96 49.38 -12.22
N SER L 28 -19.70 49.57 -12.62
CA SER L 28 -18.71 48.51 -12.54
C SER L 28 -17.29 49.04 -12.47
N GLY L 29 -16.37 48.17 -12.06
CA GLY L 29 -14.95 48.49 -12.11
C GLY L 29 -14.53 49.60 -11.17
N PHE L 30 -15.15 49.66 -9.98
CA PHE L 30 -14.88 50.73 -9.01
C PHE L 30 -14.52 50.21 -7.62
N HIS L 31 -13.92 51.09 -6.81
CA HIS L 31 -13.43 50.73 -5.48
C HIS L 31 -13.01 52.01 -4.76
N PRO L 32 -13.41 52.19 -3.49
CA PRO L 32 -14.19 51.32 -2.60
C PRO L 32 -15.67 51.19 -2.99
N SER L 33 -16.42 50.46 -2.17
CA SER L 33 -17.81 50.11 -2.48
C SER L 33 -18.83 51.20 -2.15
N ASP L 34 -18.40 52.24 -1.44
CA ASP L 34 -19.33 53.30 -1.08
C ASP L 34 -19.71 54.13 -2.31
N ILE L 35 -20.87 53.82 -2.87
CA ILE L 35 -21.37 54.43 -4.10
C ILE L 35 -22.76 55.03 -3.85
N GLU L 36 -23.12 56.06 -4.63
CA GLU L 36 -24.44 56.70 -4.55
C GLU L 36 -25.06 56.87 -5.96
N VAL L 37 -25.99 55.98 -6.31
CA VAL L 37 -26.63 55.98 -7.62
C VAL L 37 -28.09 56.39 -7.51
N ASP L 38 -28.51 57.28 -8.41
CA ASP L 38 -29.92 57.67 -8.53
C ASP L 38 -30.32 57.68 -10.00
N LEU L 39 -31.43 57.04 -10.35
CA LEU L 39 -31.96 57.12 -11.71
C LEU L 39 -32.85 58.34 -11.78
N LEU L 40 -32.62 59.24 -12.74
CA LEU L 40 -33.37 60.50 -12.84
C LEU L 40 -34.47 60.51 -13.92
N LYS L 41 -35.43 61.42 -13.75
CA LYS L 41 -36.54 61.59 -14.69
C LYS L 41 -36.83 63.06 -14.94
N ASN L 42 -36.58 63.52 -16.17
CA ASN L 42 -36.77 64.91 -16.56
C ASN L 42 -36.08 65.90 -15.61
N GLY L 43 -35.03 65.43 -14.95
CA GLY L 43 -34.35 66.21 -13.91
C GLY L 43 -34.54 65.63 -12.52
N GLU L 44 -35.77 65.25 -12.20
CA GLU L 44 -36.12 64.82 -10.83
C GLU L 44 -35.69 63.37 -10.51
N ARG L 45 -36.18 62.82 -9.40
CA ARG L 45 -35.46 61.77 -8.64
C ARG L 45 -35.62 60.31 -9.05
N ILE L 46 -36.59 60.01 -9.92
CA ILE L 46 -37.57 58.93 -9.67
C ILE L 46 -37.35 58.09 -8.40
N GLU L 47 -38.35 58.11 -7.53
CA GLU L 47 -38.18 57.64 -6.16
C GLU L 47 -38.14 56.12 -6.06
N LYS L 48 -37.49 55.65 -5.01
CA LYS L 48 -37.50 54.24 -4.57
C LYS L 48 -37.18 53.25 -5.70
N VAL L 49 -35.94 53.31 -6.19
CA VAL L 49 -35.46 52.42 -7.24
C VAL L 49 -34.74 51.24 -6.60
N GLU L 50 -35.17 50.02 -6.93
CA GLU L 50 -34.51 48.81 -6.40
C GLU L 50 -33.09 48.67 -6.96
N HIS L 51 -32.21 48.06 -6.16
CA HIS L 51 -30.85 47.78 -6.60
C HIS L 51 -30.46 46.37 -6.20
N SER L 52 -29.51 45.82 -6.95
CA SER L 52 -29.12 44.43 -6.79
C SER L 52 -28.19 44.24 -5.60
N ASP L 53 -27.80 42.99 -5.39
CA ASP L 53 -26.85 42.63 -4.35
C ASP L 53 -25.44 43.06 -4.78
N LEU L 54 -24.59 43.29 -3.78
CA LEU L 54 -23.23 43.73 -4.02
C LEU L 54 -22.29 42.54 -4.30
N SER L 55 -21.41 42.71 -5.28
CA SER L 55 -20.41 41.70 -5.59
C SER L 55 -19.19 42.35 -6.25
N PHE L 56 -18.23 41.55 -6.68
CA PHE L 56 -17.05 42.09 -7.36
C PHE L 56 -16.36 41.08 -8.29
N SER L 57 -15.45 41.60 -9.12
CA SER L 57 -14.77 40.84 -10.17
C SER L 57 -13.35 40.44 -9.76
N LYS L 58 -12.71 39.65 -10.61
CA LYS L 58 -11.33 39.17 -10.42
C LYS L 58 -10.36 40.27 -9.90
N ASP L 59 -10.48 41.48 -10.45
CA ASP L 59 -9.60 42.60 -10.07
C ASP L 59 -10.05 43.31 -8.79
N TRP L 60 -10.93 42.67 -8.04
CA TRP L 60 -11.47 43.19 -6.78
C TRP L 60 -12.42 44.38 -6.97
N SER L 61 -12.80 44.67 -8.22
CA SER L 61 -13.62 45.84 -8.50
C SER L 61 -15.10 45.52 -8.32
N PHE L 62 -15.82 46.41 -7.64
CA PHE L 62 -17.24 46.19 -7.34
C PHE L 62 -18.14 46.49 -8.53
N TYR L 63 -19.33 45.90 -8.53
CA TYR L 63 -20.34 46.16 -9.55
C TYR L 63 -21.77 45.93 -9.05
N LEU L 64 -22.66 46.88 -9.35
CA LEU L 64 -24.07 46.82 -8.97
C LEU L 64 -24.98 47.07 -10.16
N LEU L 65 -26.24 46.65 -10.02
CA LEU L 65 -27.28 46.92 -11.01
C LEU L 65 -28.48 47.59 -10.34
N TYR L 66 -28.79 48.82 -10.76
CA TYR L 66 -29.93 49.56 -10.22
C TYR L 66 -31.08 49.55 -11.22
N TYR L 67 -32.16 48.85 -10.87
CA TYR L 67 -33.25 48.61 -11.82
C TYR L 67 -34.59 49.16 -11.36
N THR L 68 -35.34 49.70 -12.34
CA THR L 68 -36.68 50.18 -12.13
C THR L 68 -37.44 50.26 -13.45
N GLU L 69 -38.48 51.10 -13.48
CA GLU L 69 -39.77 50.70 -14.02
C GLU L 69 -40.47 51.89 -14.64
N PHE L 70 -40.78 51.81 -15.93
CA PHE L 70 -41.24 53.01 -16.65
C PHE L 70 -41.89 52.77 -18.01
N THR L 71 -42.31 53.88 -18.62
CA THR L 71 -42.84 53.92 -19.98
C THR L 71 -41.94 54.84 -20.84
N PRO L 72 -41.18 54.27 -21.78
CA PRO L 72 -40.24 55.05 -22.59
C PRO L 72 -40.89 55.87 -23.72
N THR L 73 -41.62 56.90 -23.34
CA THR L 73 -42.21 57.82 -24.31
C THR L 73 -41.14 58.77 -24.85
N GLU L 74 -41.29 59.19 -26.11
CA GLU L 74 -40.31 60.09 -26.74
C GLU L 74 -40.56 61.57 -26.38
N LYS L 75 -41.32 61.80 -25.30
CA LYS L 75 -41.49 63.14 -24.74
C LYS L 75 -40.99 63.23 -23.29
N ASP L 76 -40.34 62.16 -22.82
CA ASP L 76 -39.80 62.07 -21.45
C ASP L 76 -38.35 61.57 -21.49
N GLU L 77 -37.42 62.35 -20.94
CA GLU L 77 -35.98 61.99 -20.90
C GLU L 77 -35.63 61.19 -19.65
N TYR L 78 -34.46 60.55 -19.66
CA TYR L 78 -33.95 59.74 -18.51
C TYR L 78 -32.41 59.81 -18.45
N ALA L 79 -31.72 58.97 -17.67
CA ALA L 79 -31.65 59.02 -16.20
C ALA L 79 -30.19 59.13 -15.67
N CYS L 80 -29.54 57.97 -15.48
CA CYS L 80 -28.50 57.74 -14.44
C CYS L 80 -27.59 58.90 -13.98
N ARG L 81 -27.49 59.05 -12.65
CA ARG L 81 -26.60 60.02 -11.99
C ARG L 81 -25.81 59.33 -10.87
N VAL L 82 -24.49 59.21 -11.05
CA VAL L 82 -23.65 58.46 -10.14
C VAL L 82 -22.60 59.34 -9.45
N ASN L 83 -22.48 59.19 -8.13
CA ASN L 83 -21.41 59.83 -7.37
C ASN L 83 -20.59 58.81 -6.60
N HIS L 84 -19.26 59.00 -6.63
CA HIS L 84 -18.32 58.11 -5.93
C HIS L 84 -17.26 58.95 -5.22
N VAL L 85 -16.54 58.35 -4.30
CA VAL L 85 -15.47 59.03 -3.56
C VAL L 85 -14.38 59.61 -4.48
N THR L 86 -14.14 58.97 -5.63
CA THR L 86 -13.14 59.45 -6.58
C THR L 86 -13.64 60.64 -7.40
N LEU L 87 -14.90 60.59 -7.82
CA LEU L 87 -15.51 61.68 -8.60
C LEU L 87 -15.83 62.87 -7.71
N SER L 88 -15.30 64.04 -8.09
CA SER L 88 -15.43 65.27 -7.30
C SER L 88 -16.75 66.00 -7.56
N GLN L 89 -17.44 65.63 -8.63
CA GLN L 89 -18.77 66.18 -8.92
C GLN L 89 -19.56 65.14 -9.71
N PRO L 90 -20.82 64.88 -9.29
CA PRO L 90 -21.61 63.78 -9.87
C PRO L 90 -21.57 63.70 -11.39
N LYS L 91 -21.26 62.51 -11.90
CA LYS L 91 -21.27 62.25 -13.34
C LYS L 91 -22.70 61.84 -13.72
N ILE L 92 -23.30 62.59 -14.64
CA ILE L 92 -24.68 62.36 -15.07
C ILE L 92 -24.70 61.87 -16.52
N VAL L 93 -25.13 60.62 -16.72
CA VAL L 93 -25.14 59.99 -18.05
C VAL L 93 -26.58 59.77 -18.56
N LYS L 94 -26.90 60.41 -19.68
CA LYS L 94 -28.25 60.32 -20.28
C LYS L 94 -28.51 58.98 -20.96
N TRP L 95 -29.79 58.60 -21.02
CA TRP L 95 -30.19 57.31 -21.59
C TRP L 95 -30.52 57.44 -23.08
N ASP L 96 -30.17 56.40 -23.83
CA ASP L 96 -30.47 56.32 -25.26
C ASP L 96 -30.72 54.86 -25.64
N ARG L 97 -31.93 54.59 -26.15
CA ARG L 97 -32.31 53.22 -26.55
C ARG L 97 -31.58 52.75 -27.80
N ASP L 98 -30.89 53.67 -28.49
CA ASP L 98 -29.99 53.34 -29.59
C ASP L 98 -28.66 52.74 -29.11
N MET L 99 -28.33 52.98 -27.84
CA MET L 99 -27.09 52.47 -27.23
C MET L 99 -27.39 51.61 -26.00
N GLU M 1 -20.95 23.61 -1.50
CA GLU M 1 -20.73 23.96 -0.06
C GLU M 1 -19.51 24.86 0.08
N GLU M 2 -19.39 25.51 1.24
CA GLU M 2 -18.24 26.34 1.55
C GLU M 2 -17.14 25.51 2.22
N ASN M 3 -15.96 26.11 2.35
CA ASN M 3 -14.85 25.52 3.11
C ASN M 3 -14.31 26.46 4.17
N LEU M 4 -14.43 26.06 5.43
CA LEU M 4 -13.86 26.82 6.53
C LEU M 4 -12.69 26.03 7.09
N LEU M 5 -11.58 26.71 7.37
CA LEU M 5 -10.38 25.99 7.74
C LEU M 5 -10.42 25.29 9.08
N ASP M 6 -10.36 25.97 10.24
CA ASP M 6 -10.63 27.40 10.46
C ASP M 6 -9.42 28.30 10.70
N PHE M 7 -8.42 27.77 11.40
CA PHE M 7 -7.24 28.54 11.87
C PHE M 7 -6.45 29.37 10.82
N VAL M 8 -6.93 29.42 9.58
CA VAL M 8 -6.41 30.35 8.56
C VAL M 8 -6.78 31.80 8.93
N ARG M 9 -5.75 32.60 9.24
CA ARG M 9 -5.95 33.98 9.67
C ARG M 9 -4.91 34.90 9.11
N PHE M 10 -5.25 36.16 8.96
CA PHE M 10 -4.24 37.18 8.76
C PHE M 10 -3.26 37.14 9.93
N ALA N 1 -20.69 9.65 15.48
CA ALA N 1 -20.65 8.17 15.25
C ALA N 1 -19.22 7.63 15.23
N LYS N 2 -18.34 8.43 14.66
CA LYS N 2 -17.61 8.01 13.46
C LYS N 2 -16.26 7.34 13.74
N THR N 3 -16.22 6.57 14.83
CA THR N 3 -15.06 6.47 15.72
C THR N 3 -15.14 5.22 16.59
N THR N 4 -14.84 4.07 15.98
CA THR N 4 -14.87 2.81 16.70
C THR N 4 -13.50 2.55 17.36
N GLN N 5 -13.52 2.47 18.69
CA GLN N 5 -12.33 2.17 19.49
C GLN N 5 -12.55 0.95 20.38
N PRO N 6 -11.47 0.22 20.73
CA PRO N 6 -11.62 -0.83 21.73
C PRO N 6 -11.83 -0.20 23.09
N THR N 7 -12.94 -0.54 23.74
CA THR N 7 -13.32 0.06 25.02
C THR N 7 -12.21 -0.01 26.05
N SER N 8 -11.36 -1.01 25.93
CA SER N 8 -10.10 -1.06 26.69
C SER N 8 -9.18 -2.11 26.09
N MET N 9 -8.08 -2.37 26.77
CA MET N 9 -6.79 -2.63 26.14
C MET N 9 -5.67 -2.51 27.18
N ASP N 10 -4.77 -3.49 27.17
CA ASP N 10 -3.60 -3.51 28.04
C ASP N 10 -2.31 -3.42 27.21
N CYS N 11 -1.21 -3.18 27.92
CA CYS N 11 0.11 -3.11 27.32
C CYS N 11 1.14 -3.28 28.42
N ALA N 12 2.39 -3.57 28.04
CA ALA N 12 3.46 -3.77 29.01
C ALA N 12 4.48 -2.63 28.95
N GLU N 13 4.88 -2.14 30.12
CA GLU N 13 6.03 -1.24 30.23
C GLU N 13 7.28 -2.06 29.89
N GLY N 14 7.98 -1.70 28.81
CA GLY N 14 7.66 -0.57 27.96
C GLY N 14 8.33 -0.63 26.62
N ARG N 15 7.92 -1.62 25.83
CA ARG N 15 7.64 -1.37 24.42
C ARG N 15 6.27 -0.69 24.24
N ALA N 16 5.25 -1.49 23.95
CA ALA N 16 4.46 -1.33 22.74
C ALA N 16 4.47 0.10 22.19
N ALA N 17 3.35 0.83 22.12
CA ALA N 17 1.99 0.38 22.43
C ALA N 17 1.06 0.99 21.39
N ASN N 18 -0.01 0.29 21.07
CA ASN N 18 -0.46 0.17 19.68
C ASN N 18 -1.97 0.28 19.55
N LEU N 19 -2.45 1.51 19.49
CA LEU N 19 -3.77 1.87 19.99
C LEU N 19 -4.66 2.23 18.83
N PRO N 20 -5.50 1.28 18.38
CA PRO N 20 -6.12 1.45 17.08
C PRO N 20 -7.38 2.31 17.11
N CYS N 21 -7.92 2.57 15.93
CA CYS N 21 -9.13 3.36 15.77
C CYS N 21 -9.65 3.18 14.37
N ASN N 22 -10.95 2.93 14.23
CA ASN N 22 -11.57 2.73 12.91
C ASN N 22 -12.55 3.86 12.52
N HIS N 23 -12.15 4.64 11.52
CA HIS N 23 -12.93 5.75 10.98
C HIS N 23 -13.16 5.46 9.50
N SER N 24 -14.31 4.84 9.22
CA SER N 24 -14.50 4.13 7.95
C SER N 24 -15.43 4.83 6.96
N THR N 25 -15.95 6.01 7.34
CA THR N 25 -16.02 7.12 6.39
C THR N 25 -15.33 8.35 6.96
N ILE N 26 -14.56 9.00 6.11
CA ILE N 26 -13.90 10.25 6.46
C ILE N 26 -13.39 10.86 5.17
N SER N 27 -13.99 11.97 4.77
CA SER N 27 -13.71 12.60 3.49
C SER N 27 -12.54 13.57 3.62
N GLY N 28 -11.76 13.68 2.56
CA GLY N 28 -10.32 13.86 2.66
C GLY N 28 -9.90 15.14 3.33
N ASN N 29 -10.83 16.09 3.40
CA ASN N 29 -10.64 17.34 4.12
C ASN N 29 -10.84 17.26 5.65
N GLU N 30 -10.94 16.04 6.18
CA GLU N 30 -11.12 15.82 7.62
C GLU N 30 -9.84 15.28 8.25
N TYR N 31 -9.41 15.94 9.32
CA TYR N 31 -8.21 15.54 10.06
C TYR N 31 -8.52 14.41 11.03
N VAL N 32 -7.50 13.62 11.35
CA VAL N 32 -7.61 12.63 12.42
C VAL N 32 -6.86 13.16 13.65
N TYR N 33 -7.58 13.26 14.76
CA TYR N 33 -7.05 13.85 15.99
C TYR N 33 -7.07 12.83 17.13
N TRP N 34 -6.04 12.88 17.97
CA TRP N 34 -5.93 12.04 19.16
C TRP N 34 -5.73 12.88 20.41
N TYR N 35 -6.59 12.67 21.40
CA TYR N 35 -6.47 13.32 22.72
C TYR N 35 -6.29 12.25 23.81
N ARG N 36 -5.74 12.66 24.95
CA ARG N 36 -5.49 11.79 26.09
C ARG N 36 -6.00 12.45 27.36
N GLN N 37 -6.67 11.70 28.23
CA GLN N 37 -7.13 12.23 29.51
C GLN N 37 -6.59 11.38 30.65
N ILE N 38 -5.61 11.94 31.36
CA ILE N 38 -4.91 11.26 32.43
C ILE N 38 -5.73 11.33 33.72
N HIS N 39 -6.68 10.42 33.85
CA HIS N 39 -7.50 10.23 35.05
C HIS N 39 -8.04 11.51 35.73
N SER N 40 -7.22 12.09 36.61
CA SER N 40 -7.67 13.11 37.56
C SER N 40 -7.91 14.42 36.86
N GLN N 41 -7.04 14.73 35.89
CA GLN N 41 -7.20 15.92 35.08
C GLN N 41 -8.22 15.65 33.99
N GLY N 42 -7.87 15.97 32.76
CA GLY N 42 -8.81 16.60 31.87
C GLY N 42 -8.04 16.91 30.62
N PRO N 43 -8.63 16.62 29.45
CA PRO N 43 -7.88 16.17 28.29
C PRO N 43 -6.77 17.13 27.87
N GLN N 44 -5.65 16.59 27.42
CA GLN N 44 -4.75 17.33 26.54
C GLN N 44 -4.75 16.78 25.12
N TYR N 45 -4.22 17.60 24.21
CA TYR N 45 -3.95 17.21 22.84
C TYR N 45 -2.71 16.32 22.81
N ILE N 46 -2.63 15.44 21.81
CA ILE N 46 -1.47 14.57 21.61
C ILE N 46 -0.84 14.81 20.24
N ILE N 47 -1.64 14.55 19.22
CA ILE N 47 -1.16 14.54 17.86
C ILE N 47 -2.37 14.52 16.93
N HIS N 48 -2.33 15.31 15.87
CA HIS N 48 -3.04 14.98 14.63
C HIS N 48 -2.09 14.86 13.46
N GLY N 49 -2.58 14.24 12.41
CA GLY N 49 -2.41 14.79 11.09
C GLY N 49 -3.49 14.35 10.15
N LEU N 50 -3.13 14.31 8.89
CA LEU N 50 -3.88 15.02 7.87
C LEU N 50 -4.57 14.06 6.91
N LYS N 51 -3.79 13.32 6.13
CA LYS N 51 -4.05 11.90 5.88
C LYS N 51 -2.74 11.12 5.72
N ASN N 52 -1.79 11.35 6.63
CA ASN N 52 -0.39 11.11 6.32
C ASN N 52 0.26 9.99 7.18
N ASN N 53 1.12 10.35 8.14
CA ASN N 53 2.34 9.57 8.40
C ASN N 53 3.00 9.81 9.77
N GLU N 54 2.48 10.75 10.54
CA GLU N 54 3.33 11.73 11.24
C GLU N 54 3.54 11.45 12.74
N THR N 55 4.33 12.31 13.38
CA THR N 55 5.26 11.89 14.42
C THR N 55 5.85 13.09 15.15
N ASN N 56 5.64 13.13 16.47
CA ASN N 56 6.13 14.23 17.32
C ASN N 56 6.74 13.69 18.63
N GLU N 57 6.76 14.52 19.66
CA GLU N 57 7.42 14.17 20.92
C GLU N 57 6.70 13.08 21.72
N MET N 58 5.38 13.20 21.85
CA MET N 58 4.58 12.26 22.67
C MET N 58 4.33 10.91 21.99
N ALA N 59 4.38 10.91 20.67
CA ALA N 59 3.42 10.17 19.86
C ALA N 59 3.90 10.03 18.42
N SER N 60 3.75 8.85 17.84
CA SER N 60 3.60 8.69 16.39
C SER N 60 2.17 8.33 15.99
N LEU N 61 1.83 8.64 14.75
CA LEU N 61 0.49 8.39 14.21
C LEU N 61 0.61 7.88 12.78
N ILE N 62 0.15 6.66 12.53
CA ILE N 62 0.21 6.05 11.21
C ILE N 62 -1.19 5.92 10.63
N ILE N 63 -1.46 6.65 9.55
CA ILE N 63 -2.76 6.60 8.84
C ILE N 63 -2.66 5.70 7.60
N THR N 64 -3.78 5.08 7.19
CA THR N 64 -3.82 3.84 6.38
C THR N 64 -3.26 3.78 4.94
N GLU N 65 -2.53 4.76 4.41
CA GLU N 65 -2.94 6.16 4.21
C GLU N 65 -4.20 6.26 3.34
N ASP N 66 -4.79 5.12 2.96
CA ASP N 66 -6.13 5.07 2.36
C ASP N 66 -7.24 5.61 3.28
N ARG N 67 -6.84 6.16 4.49
CA ARG N 67 -7.65 7.06 5.31
C ARG N 67 -8.72 6.30 6.08
N LYS N 68 -8.36 5.13 6.57
CA LYS N 68 -9.30 4.06 6.84
C LYS N 68 -9.34 3.67 8.32
N SER N 69 -8.17 3.63 8.93
CA SER N 69 -7.96 2.96 10.20
C SER N 69 -6.59 3.34 10.75
N SER N 70 -6.54 4.46 11.47
CA SER N 70 -5.30 5.01 12.00
C SER N 70 -4.88 4.33 13.30
N THR N 71 -3.60 4.43 13.64
CA THR N 71 -3.03 3.80 14.83
C THR N 71 -2.10 4.74 15.56
N LEU N 72 -2.40 5.03 16.83
CA LEU N 72 -1.51 5.78 17.67
C LEU N 72 -0.49 4.83 18.26
N ILE N 73 0.79 5.12 18.02
CA ILE N 73 1.90 4.57 18.80
C ILE N 73 2.40 5.48 19.92
N LEU N 74 2.37 4.94 21.15
CA LEU N 74 3.07 5.52 22.30
C LEU N 74 4.31 4.66 22.51
N PRO N 75 5.50 5.25 22.31
CA PRO N 75 6.59 4.48 21.71
C PRO N 75 7.31 3.58 22.71
N HIS N 76 7.78 4.18 23.80
CA HIS N 76 8.15 3.45 25.01
C HIS N 76 7.09 3.74 26.06
N ALA N 77 6.16 2.80 26.25
CA ALA N 77 5.06 2.99 27.19
C ALA N 77 5.55 2.97 28.64
N THR N 78 5.02 3.87 29.46
CA THR N 78 5.36 3.93 30.88
C THR N 78 4.11 4.02 31.73
N LEU N 79 4.27 3.97 33.05
CA LEU N 79 3.12 4.05 33.97
C LEU N 79 2.36 5.37 33.83
N ARG N 80 3.11 6.46 33.68
CA ARG N 80 2.51 7.78 33.50
C ARG N 80 1.52 7.82 32.31
N ASP N 81 1.79 7.01 31.27
CA ASP N 81 0.97 6.99 30.07
C ASP N 81 -0.39 6.32 30.24
N THR N 82 -0.60 5.58 31.33
CA THR N 82 -1.88 4.90 31.53
C THR N 82 -3.00 5.95 31.68
N ALA N 83 -3.93 5.95 30.72
CA ALA N 83 -5.00 6.93 30.71
C ALA N 83 -6.07 6.55 29.71
N VAL N 84 -7.12 7.37 29.63
CA VAL N 84 -8.17 7.20 28.62
C VAL N 84 -7.76 8.00 27.39
N TYR N 85 -7.76 7.32 26.24
CA TYR N 85 -7.37 7.93 24.95
C TYR N 85 -8.57 8.04 24.01
N TYR N 86 -8.68 9.20 23.35
CA TYR N 86 -9.81 9.51 22.48
C TYR N 86 -9.36 9.71 21.04
N CYS N 87 -10.00 8.99 20.12
CA CYS N 87 -9.74 9.10 18.69
C CYS N 87 -10.92 9.78 18.00
N ILE N 88 -10.71 11.03 17.60
CA ILE N 88 -11.80 11.86 17.06
C ILE N 88 -11.43 12.47 15.71
N VAL N 89 -12.43 12.58 14.84
CA VAL N 89 -12.27 13.17 13.53
C VAL N 89 -12.76 14.62 13.55
N TRP N 90 -11.91 15.53 13.08
CA TRP N 90 -12.22 16.96 13.01
C TRP N 90 -12.13 17.44 11.58
N GLY N 91 -13.20 18.07 11.10
CA GLY N 91 -13.28 18.54 9.72
C GLY N 91 -13.06 20.04 9.60
N GLY N 92 -12.49 20.64 10.65
CA GLY N 92 -12.33 22.09 10.73
C GLY N 92 -13.59 22.71 11.29
N TYR N 93 -13.43 23.84 11.97
CA TYR N 93 -14.57 24.64 12.49
C TYR N 93 -15.59 23.96 13.44
N GLN N 94 -15.91 22.69 13.20
CA GLN N 94 -16.94 21.95 13.96
C GLN N 94 -16.56 21.71 15.41
N LYS N 95 -17.49 21.15 16.18
CA LYS N 95 -17.23 20.74 17.56
C LYS N 95 -16.51 19.39 17.61
N VAL N 96 -15.76 19.16 18.68
CA VAL N 96 -15.09 17.88 18.87
C VAL N 96 -16.01 16.95 19.65
N THR N 97 -16.03 15.67 19.28
CA THR N 97 -16.91 14.69 19.91
C THR N 97 -16.09 13.55 20.49
N PHE N 98 -15.53 13.78 21.67
CA PHE N 98 -14.77 12.78 22.40
C PHE N 98 -15.62 11.53 22.54
N GLY N 99 -15.08 10.38 22.15
CA GLY N 99 -15.74 9.08 22.35
C GLY N 99 -15.50 8.54 23.74
N THR N 100 -15.34 7.23 23.84
CA THR N 100 -15.65 6.56 25.08
C THR N 100 -14.50 6.56 26.07
N GLY N 101 -13.26 6.22 25.68
CA GLY N 101 -12.88 5.68 24.38
C GLY N 101 -12.07 4.41 24.59
N THR N 102 -10.74 4.52 24.48
CA THR N 102 -9.83 3.40 24.80
C THR N 102 -9.10 3.69 26.12
N LYS N 103 -9.22 2.77 27.07
CA LYS N 103 -8.51 2.87 28.36
C LYS N 103 -7.27 1.99 28.33
N LEU N 104 -6.10 2.61 28.25
CA LEU N 104 -4.85 1.86 28.18
C LEU N 104 -4.27 1.65 29.56
N GLN N 105 -4.02 0.39 29.91
CA GLN N 105 -3.31 0.02 31.13
C GLN N 105 -1.90 -0.44 30.76
N VAL N 106 -0.91 0.10 31.45
CA VAL N 106 0.47 -0.28 31.24
C VAL N 106 0.96 -0.90 32.54
N ILE N 107 1.36 -2.17 32.47
CA ILE N 107 1.69 -2.93 33.66
C ILE N 107 3.15 -3.37 33.66
N PRO N 108 3.79 -3.33 34.84
CA PRO N 108 5.25 -3.53 34.85
C PRO N 108 5.76 -4.96 35.08
N ILE N 109 7.02 -5.18 34.69
CA ILE N 109 7.83 -6.31 35.19
C ILE N 109 8.08 -6.16 36.71
N GLN N 110 8.71 -7.18 37.32
CA GLN N 110 8.76 -7.33 38.77
C GLN N 110 10.05 -7.98 39.29
N ASN N 111 10.17 -8.08 40.61
CA ASN N 111 10.86 -9.20 41.28
C ASN N 111 10.00 -9.68 42.47
N PRO N 112 9.18 -10.73 42.25
CA PRO N 112 7.95 -10.88 43.04
C PRO N 112 8.10 -11.52 44.42
N ASP N 113 7.08 -11.35 45.26
CA ASP N 113 7.10 -11.80 46.64
C ASP N 113 5.70 -11.76 47.27
N PRO N 114 4.75 -12.57 46.73
CA PRO N 114 3.35 -12.49 47.15
C PRO N 114 3.16 -12.67 48.65
N ALA N 115 2.31 -11.84 49.25
CA ALA N 115 2.12 -11.83 50.69
C ALA N 115 0.83 -11.10 51.09
N VAL N 116 0.24 -11.49 52.22
CA VAL N 116 -0.97 -10.84 52.75
C VAL N 116 -0.79 -10.49 54.23
N TYR N 117 -0.48 -9.24 54.51
CA TYR N 117 -0.18 -8.80 55.88
C TYR N 117 -1.42 -8.18 56.57
N GLN N 118 -1.49 -8.26 57.92
CA GLN N 118 -2.53 -7.57 58.73
C GLN N 118 -1.92 -6.42 59.47
N LEU N 119 -2.55 -5.26 59.39
CA LEU N 119 -1.85 -4.00 59.53
C LEU N 119 -1.88 -3.62 61.00
N ARG N 120 -2.85 -2.80 61.41
CA ARG N 120 -3.27 -2.69 62.83
C ARG N 120 -4.49 -1.77 62.87
N ASP N 121 -4.39 -0.44 62.97
CA ASP N 121 -3.94 0.30 64.15
C ASP N 121 -5.13 0.12 65.14
N SER N 122 -6.31 0.71 64.94
CA SER N 122 -6.56 1.94 64.16
C SER N 122 -6.23 3.24 64.92
N LYS N 123 -6.51 3.35 66.22
CA LYS N 123 -7.21 2.32 67.03
C LYS N 123 -8.66 2.70 67.34
N SER N 124 -9.23 3.55 66.47
CA SER N 124 -10.58 4.07 66.62
C SER N 124 -11.62 3.34 65.74
N SER N 125 -11.38 3.34 64.42
CA SER N 125 -12.40 2.92 63.43
C SER N 125 -13.42 1.86 63.91
N ASP N 126 -13.03 0.63 64.20
CA ASP N 126 -11.69 0.06 63.97
C ASP N 126 -11.93 -1.11 62.97
N LYS N 127 -11.00 -2.06 62.70
CA LYS N 127 -9.60 -2.11 63.14
C LYS N 127 -8.74 -2.73 62.01
N SER N 128 -9.04 -3.98 61.66
CA SER N 128 -8.23 -4.77 60.73
C SER N 128 -8.39 -4.32 59.27
N VAL N 129 -7.25 -4.22 58.59
CA VAL N 129 -7.18 -3.83 57.19
C VAL N 129 -6.09 -4.66 56.50
N CYS N 130 -6.49 -5.66 55.72
CA CYS N 130 -5.51 -6.55 55.09
C CYS N 130 -4.88 -5.91 53.86
N LEU N 131 -3.58 -6.16 53.68
CA LEU N 131 -2.83 -5.62 52.54
C LEU N 131 -2.17 -6.73 51.74
N PHE N 132 -2.89 -7.21 50.73
CA PHE N 132 -2.32 -8.11 49.73
C PHE N 132 -1.39 -7.28 48.85
N THR N 133 -0.10 -7.65 48.82
CA THR N 133 0.92 -6.84 48.15
C THR N 133 2.09 -7.67 47.61
N ASP N 134 2.97 -6.99 46.88
CA ASP N 134 4.20 -7.58 46.33
C ASP N 134 3.96 -8.75 45.37
N PHE N 135 2.90 -8.70 44.58
CA PHE N 135 2.60 -9.80 43.65
C PHE N 135 2.92 -9.41 42.22
N ASP N 136 3.14 -10.43 41.38
CA ASP N 136 3.47 -10.23 39.97
C ASP N 136 2.23 -9.75 39.20
N SER N 137 2.46 -9.08 38.09
CA SER N 137 1.36 -8.46 37.33
C SER N 137 0.49 -9.45 36.53
N GLN N 138 0.81 -10.74 36.62
CA GLN N 138 -0.06 -11.81 36.10
C GLN N 138 -1.12 -12.26 37.12
N THR N 139 -1.16 -11.59 38.28
CA THR N 139 -2.20 -11.82 39.28
C THR N 139 -3.28 -10.76 39.14
N ASN N 140 -4.53 -11.20 39.25
CA ASN N 140 -5.70 -10.33 39.22
C ASN N 140 -6.47 -10.46 40.52
N VAL N 141 -6.67 -9.33 41.20
CA VAL N 141 -7.47 -9.29 42.43
C VAL N 141 -8.95 -9.22 42.08
N SER N 142 -9.78 -9.84 42.91
CA SER N 142 -11.19 -10.09 42.58
C SER N 142 -12.16 -9.24 43.44
N GLN N 143 -13.45 -9.57 43.37
CA GLN N 143 -14.49 -8.79 44.03
C GLN N 143 -14.99 -9.41 45.33
N SER N 144 -15.59 -8.56 46.15
CA SER N 144 -15.77 -8.77 47.61
C SER N 144 -15.86 -10.22 48.20
N LYS N 145 -16.91 -11.01 47.94
CA LYS N 145 -18.09 -10.68 47.13
C LYS N 145 -19.22 -10.12 48.00
N ASP N 146 -19.39 -10.69 49.19
CA ASP N 146 -20.36 -10.17 50.18
C ASP N 146 -20.00 -8.74 50.60
N SER N 147 -20.92 -7.79 50.39
CA SER N 147 -20.60 -6.37 50.57
C SER N 147 -20.66 -5.87 52.04
N ASP N 148 -20.45 -6.78 52.98
CA ASP N 148 -20.06 -6.41 54.34
C ASP N 148 -18.56 -6.13 54.31
N VAL N 149 -17.86 -6.81 53.41
CA VAL N 149 -16.42 -6.72 53.30
C VAL N 149 -15.99 -6.04 51.99
N TYR N 150 -15.17 -5.01 52.11
CA TYR N 150 -14.75 -4.20 50.97
C TYR N 150 -13.36 -4.59 50.49
N ILE N 151 -13.15 -4.56 49.18
CA ILE N 151 -11.84 -4.87 48.58
C ILE N 151 -11.56 -3.93 47.43
N THR N 152 -10.54 -3.07 47.58
CA THR N 152 -10.18 -2.13 46.52
C THR N 152 -9.46 -2.86 45.40
N ASP N 153 -9.52 -2.30 44.19
CA ASP N 153 -8.78 -2.87 43.07
C ASP N 153 -7.28 -2.62 43.26
N LYS N 154 -6.46 -3.37 42.53
CA LYS N 154 -5.00 -3.26 42.64
C LYS N 154 -4.48 -1.91 42.16
N CYS N 155 -3.32 -1.49 42.69
CA CYS N 155 -2.65 -0.29 42.20
C CYS N 155 -1.15 -0.31 42.52
N VAL N 156 -0.38 0.43 41.73
CA VAL N 156 1.09 0.34 41.74
C VAL N 156 1.76 1.58 42.36
N LEU N 157 2.50 1.37 43.44
CA LEU N 157 3.29 2.44 44.07
C LEU N 157 4.74 2.38 43.57
N ASP N 158 5.36 3.54 43.40
CA ASP N 158 6.75 3.64 42.95
C ASP N 158 7.60 4.22 44.09
N MET N 159 8.48 3.39 44.65
CA MET N 159 9.13 3.69 45.95
C MET N 159 9.66 5.11 46.20
N ARG N 160 10.30 5.77 45.22
CA ARG N 160 10.87 5.20 44.00
C ARG N 160 12.41 5.29 44.09
N SER N 161 12.90 5.67 45.27
CA SER N 161 14.31 5.97 45.46
C SER N 161 15.17 4.71 45.39
N MET N 162 14.56 3.56 45.68
CA MET N 162 15.21 2.27 45.45
C MET N 162 15.14 1.98 43.94
N ASP N 163 14.75 0.76 43.55
CA ASP N 163 14.38 0.50 42.15
C ASP N 163 13.19 1.41 41.73
N PHE N 164 11.94 1.20 42.17
CA PHE N 164 11.37 -0.02 42.79
C PHE N 164 9.86 0.11 42.73
N LYS N 165 9.18 -0.97 42.36
CA LYS N 165 7.73 -0.94 42.19
C LYS N 165 7.04 -2.13 42.86
N SER N 166 5.75 -1.98 43.13
CA SER N 166 4.97 -3.04 43.79
C SER N 166 3.45 -2.88 43.59
N ASN N 167 2.82 -3.92 43.04
CA ASN N 167 1.36 -4.00 42.99
C ASN N 167 0.82 -4.20 44.40
N SER N 168 -0.20 -3.43 44.78
CA SER N 168 -0.82 -3.58 46.10
C SER N 168 -2.35 -3.45 46.00
N ALA N 169 -3.05 -4.14 46.91
CA ALA N 169 -4.50 -4.10 46.97
C ALA N 169 -4.93 -4.18 48.43
N VAL N 170 -5.88 -3.33 48.82
CA VAL N 170 -6.34 -3.27 50.21
C VAL N 170 -7.76 -3.86 50.35
N ALA N 171 -8.02 -4.47 51.51
CA ALA N 171 -9.34 -4.99 51.82
C ALA N 171 -9.58 -4.85 53.31
N TRP N 172 -10.81 -4.54 53.69
CA TRP N 172 -11.16 -4.36 55.09
C TRP N 172 -12.65 -4.62 55.37
N SER N 173 -13.01 -4.68 56.65
CA SER N 173 -14.40 -4.79 57.09
C SER N 173 -14.52 -4.43 58.57
N ASN N 174 -15.71 -4.61 59.13
CA ASN N 174 -15.94 -4.34 60.56
C ASN N 174 -16.74 -5.48 61.24
N LYS N 175 -16.08 -6.61 61.44
CA LYS N 175 -16.72 -7.80 62.02
C LYS N 175 -15.72 -8.63 62.86
N SER N 176 -16.17 -9.80 63.32
CA SER N 176 -15.29 -10.84 63.89
C SER N 176 -15.01 -11.93 62.85
N ASP N 177 -16.06 -12.34 62.13
CA ASP N 177 -15.96 -13.23 60.97
C ASP N 177 -14.72 -12.91 60.12
N PHE N 178 -14.51 -11.63 59.87
CA PHE N 178 -13.45 -11.16 58.98
C PHE N 178 -12.04 -11.33 59.56
N ALA N 179 -11.21 -12.04 58.81
CA ALA N 179 -9.78 -12.16 59.10
C ALA N 179 -9.03 -12.20 57.77
N CYS N 180 -7.72 -12.03 57.82
CA CYS N 180 -6.92 -11.91 56.61
C CYS N 180 -6.66 -13.24 55.89
N ALA N 181 -6.86 -14.34 56.61
CA ALA N 181 -6.80 -15.66 55.99
C ALA N 181 -7.89 -15.86 54.94
N ASN N 182 -9.04 -15.21 55.14
CA ASN N 182 -10.21 -15.41 54.26
C ASN N 182 -10.69 -14.15 53.53
N ALA N 183 -9.78 -13.19 53.32
CA ALA N 183 -10.14 -11.92 52.68
C ALA N 183 -10.28 -12.03 51.16
N PHE N 184 -9.41 -12.84 50.54
CA PHE N 184 -9.31 -12.92 49.09
C PHE N 184 -9.59 -14.33 48.58
N ASN N 185 -10.53 -15.02 49.22
CA ASN N 185 -10.78 -16.43 48.91
C ASN N 185 -11.61 -16.67 47.65
N ASN N 186 -12.29 -15.62 47.17
CA ASN N 186 -12.88 -15.66 45.82
C ASN N 186 -12.05 -14.80 44.84
N SER N 187 -10.77 -14.66 45.15
CA SER N 187 -9.77 -14.10 44.24
C SER N 187 -8.73 -15.19 44.03
N ILE N 188 -8.39 -15.48 42.78
CA ILE N 188 -7.45 -16.56 42.48
C ILE N 188 -6.03 -16.09 42.81
N ILE N 189 -5.55 -16.53 43.97
CA ILE N 189 -4.27 -16.12 44.53
C ILE N 189 -3.17 -17.09 44.11
N PRO N 190 -1.93 -16.58 43.88
CA PRO N 190 -0.79 -17.48 43.66
C PRO N 190 -0.63 -18.51 44.78
N GLU N 191 -0.56 -19.79 44.42
CA GLU N 191 -0.53 -20.87 45.41
C GLU N 191 0.85 -21.05 46.06
N ASP N 192 1.39 -19.96 46.59
CA ASP N 192 2.64 -20.02 47.38
C ASP N 192 2.82 -18.75 48.25
N THR N 193 1.71 -18.10 48.59
CA THR N 193 1.76 -16.76 49.19
C THR N 193 2.08 -16.84 50.69
N PHE N 194 2.67 -15.76 51.20
CA PHE N 194 3.02 -15.65 52.61
C PHE N 194 1.81 -15.23 53.44
N PHE N 195 1.58 -15.95 54.55
CA PHE N 195 0.42 -15.72 55.43
C PHE N 195 0.83 -15.84 56.91
N PRO N 196 1.17 -14.71 57.56
CA PRO N 196 1.48 -14.70 58.99
C PRO N 196 0.30 -14.28 59.87
N SER N 197 0.37 -14.64 61.15
CA SER N 197 -0.54 -14.09 62.17
C SER N 197 0.27 -13.41 63.31
N PRO N 198 0.47 -12.08 63.20
CA PRO N 198 1.09 -11.31 64.28
C PRO N 198 0.11 -11.00 65.40
N GLU N 199 -1.17 -10.96 65.05
CA GLU N 199 -2.23 -10.52 65.96
C GLU N 199 -1.67 -9.56 67.01
N THR O 1 -2.35 30.01 33.86
CA THR O 1 -1.27 29.11 33.37
C THR O 1 -1.66 27.60 33.49
N GLY O 2 -2.52 27.12 32.57
CA GLY O 2 -3.42 28.01 31.85
C GLY O 2 -4.82 28.26 32.41
N VAL O 3 -5.80 27.52 31.90
CA VAL O 3 -7.19 27.80 32.20
C VAL O 3 -7.48 27.61 33.68
N SER O 4 -8.20 28.57 34.28
CA SER O 4 -8.63 28.47 35.68
C SER O 4 -10.15 28.62 35.80
N GLN O 5 -10.76 27.94 36.78
CA GLN O 5 -12.21 27.92 36.96
C GLN O 5 -12.65 28.15 38.41
N ASN O 6 -13.87 28.66 38.58
CA ASN O 6 -14.39 29.02 39.90
C ASN O 6 -15.85 28.66 40.08
N PRO O 7 -16.18 27.79 41.06
CA PRO O 7 -15.30 27.11 42.02
C PRO O 7 -14.86 25.69 41.61
N ARG O 8 -14.08 25.04 42.46
CA ARG O 8 -13.69 23.65 42.24
C ARG O 8 -14.86 22.71 42.42
N HIS O 9 -15.83 23.10 43.23
CA HIS O 9 -16.99 22.26 43.51
C HIS O 9 -18.20 23.05 43.99
N LYS O 10 -19.37 22.45 43.84
CA LYS O 10 -20.60 23.05 44.32
C LYS O 10 -21.65 21.98 44.56
N ILE O 11 -22.50 22.24 45.55
CA ILE O 11 -23.56 21.32 45.96
C ILE O 11 -24.80 22.15 46.29
N THR O 12 -25.96 21.73 45.78
CA THR O 12 -27.22 22.45 46.02
C THR O 12 -28.46 21.55 46.10
N LYS O 13 -29.52 22.12 46.64
CA LYS O 13 -30.83 21.47 46.66
C LYS O 13 -31.37 21.42 45.23
N ARG O 14 -32.66 21.12 45.05
CA ARG O 14 -33.22 20.97 43.71
C ARG O 14 -33.42 22.32 43.01
N GLY O 15 -34.63 22.89 43.04
CA GLY O 15 -34.97 24.03 42.20
C GLY O 15 -34.17 25.30 42.48
N GLN O 16 -32.85 25.22 42.29
CA GLN O 16 -31.92 26.29 42.72
C GLN O 16 -31.05 26.78 41.56
N ASN O 17 -30.51 27.99 41.72
CA ASN O 17 -29.57 28.58 40.78
C ASN O 17 -28.11 28.35 41.20
N VAL O 18 -27.21 28.43 40.23
CA VAL O 18 -25.77 28.33 40.49
C VAL O 18 -25.00 28.75 39.25
N THR O 19 -23.94 29.51 39.42
CA THR O 19 -23.18 30.00 38.29
C THR O 19 -21.70 29.67 38.43
N PHE O 20 -21.11 29.15 37.36
CA PHE O 20 -19.67 28.86 37.32
C PHE O 20 -18.90 29.94 36.58
N ARG O 21 -17.58 29.79 36.52
CA ARG O 21 -16.74 30.74 35.79
C ARG O 21 -15.49 30.07 35.21
N CYS O 22 -15.01 30.67 34.14
CA CYS O 22 -13.80 30.21 33.47
C CYS O 22 -13.01 31.42 33.04
N ASP O 23 -11.81 31.55 33.58
CA ASP O 23 -10.88 32.58 33.16
C ASP O 23 -9.81 31.89 32.35
N PRO O 24 -9.83 32.04 31.02
CA PRO O 24 -8.84 31.38 30.19
C PRO O 24 -7.61 32.26 30.05
N ILE O 25 -6.56 31.74 29.42
CA ILE O 25 -5.36 32.52 29.19
C ILE O 25 -5.73 33.70 28.32
N SER O 26 -5.38 34.91 28.75
CA SER O 26 -5.58 36.10 27.91
C SER O 26 -4.86 35.83 26.57
N GLU O 27 -5.42 36.39 25.49
CA GLU O 27 -4.94 36.11 24.15
C GLU O 27 -5.27 34.67 23.77
N HIS O 28 -6.37 34.16 24.32
CA HIS O 28 -6.99 32.95 23.81
C HIS O 28 -8.30 33.39 23.16
N ASN O 29 -8.46 32.98 21.90
CA ASN O 29 -9.54 33.47 21.06
C ASN O 29 -10.84 32.79 21.41
N ARG O 30 -10.79 31.47 21.44
CA ARG O 30 -11.95 30.62 21.55
C ARG O 30 -12.02 29.96 22.90
N LEU O 31 -13.23 29.76 23.40
CA LEU O 31 -13.48 29.11 24.70
C LEU O 31 -14.64 28.12 24.58
N TYR O 32 -14.46 26.92 25.12
CA TYR O 32 -15.43 25.83 24.98
C TYR O 32 -15.93 25.39 26.34
N TRP O 33 -17.19 24.94 26.38
CA TRP O 33 -17.76 24.35 27.60
C TRP O 33 -18.13 22.89 27.36
N TYR O 34 -17.76 22.03 28.31
CA TYR O 34 -18.10 20.62 28.26
C TYR O 34 -18.66 20.15 29.60
N ARG O 35 -19.48 19.11 29.57
CA ARG O 35 -19.88 18.40 30.78
C ARG O 35 -19.36 16.97 30.69
N GLN O 36 -19.04 16.37 31.82
CA GLN O 36 -18.51 15.01 31.84
C GLN O 36 -19.01 14.21 33.01
N THR O 37 -19.90 13.24 32.73
CA THR O 37 -20.29 12.24 33.71
C THR O 37 -19.17 11.22 33.78
N LEU O 38 -18.97 10.62 34.95
CA LEU O 38 -17.90 9.66 35.14
C LEU O 38 -18.23 8.37 34.41
N GLY O 39 -17.42 8.03 33.42
CA GLY O 39 -17.64 6.85 32.57
C GLY O 39 -17.55 7.17 31.08
N GLN O 40 -18.08 8.33 30.68
CA GLN O 40 -18.06 8.77 29.29
C GLN O 40 -16.95 9.79 29.04
N GLY O 41 -16.78 10.16 27.77
CA GLY O 41 -15.92 11.27 27.40
C GLY O 41 -16.66 12.58 27.66
N PRO O 42 -15.95 13.70 27.59
CA PRO O 42 -16.63 14.99 27.70
C PRO O 42 -17.65 15.19 26.60
N GLU O 43 -18.84 15.63 26.95
CA GLU O 43 -19.86 15.97 25.98
C GLU O 43 -19.77 17.47 25.73
N PHE O 44 -20.04 17.90 24.50
CA PHE O 44 -19.96 19.32 24.14
C PHE O 44 -21.17 20.09 24.63
N LEU O 45 -20.93 21.31 25.13
CA LEU O 45 -21.99 22.22 25.54
C LEU O 45 -22.07 23.41 24.58
N THR O 46 -21.19 24.39 24.75
CA THR O 46 -21.21 25.58 23.91
C THR O 46 -19.80 25.97 23.48
N TYR O 47 -19.71 26.91 22.56
CA TYR O 47 -18.42 27.33 22.04
C TYR O 47 -18.47 28.81 21.66
N PHE O 48 -17.51 29.58 22.13
CA PHE O 48 -17.46 31.02 21.88
C PHE O 48 -16.24 31.36 21.08
N GLN O 49 -16.38 32.32 20.16
CA GLN O 49 -15.22 32.95 19.55
C GLN O 49 -15.27 34.41 19.93
N ASN O 50 -14.14 34.94 20.38
CA ASN O 50 -14.12 36.25 20.99
C ASN O 50 -15.31 36.35 21.95
N GLU O 51 -16.31 37.17 21.61
CA GLU O 51 -17.42 37.46 22.54
C GLU O 51 -18.75 36.92 22.04
N ALA O 52 -18.71 36.06 21.03
CA ALA O 52 -19.91 35.60 20.36
C ALA O 52 -20.07 34.10 20.51
N GLN O 53 -21.30 33.66 20.73
CA GLN O 53 -21.63 32.26 20.94
C GLN O 53 -22.02 31.59 19.62
N LEU O 54 -21.03 31.00 18.94
CA LEU O 54 -21.17 30.49 17.57
C LEU O 54 -22.01 29.23 17.47
N GLU O 55 -21.69 28.24 18.29
CA GLU O 55 -22.35 26.92 18.26
C GLU O 55 -22.89 26.53 19.65
N LYS O 56 -23.96 25.75 19.67
CA LYS O 56 -24.45 25.13 20.91
C LYS O 56 -25.35 23.93 20.64
N SER O 57 -25.06 22.80 21.31
CA SER O 57 -25.76 21.53 21.07
C SER O 57 -27.09 21.44 21.80
N ARG O 58 -27.87 20.41 21.45
CA ARG O 58 -29.22 20.21 22.01
C ARG O 58 -29.17 19.73 23.46
N LEU O 59 -27.95 19.52 23.97
CA LEU O 59 -27.72 19.23 25.39
C LEU O 59 -27.97 20.47 26.24
N LEU O 60 -27.76 21.64 25.66
CA LEU O 60 -28.11 22.89 26.33
C LEU O 60 -29.63 23.08 26.42
N SER O 61 -30.18 22.69 27.56
CA SER O 61 -31.52 23.08 27.94
C SER O 61 -31.60 24.62 28.00
N ASP O 62 -32.82 25.16 27.96
CA ASP O 62 -33.06 26.60 28.18
C ASP O 62 -32.57 27.06 29.55
N ARG O 63 -32.65 26.16 30.52
CA ARG O 63 -32.13 26.40 31.87
C ARG O 63 -30.64 26.77 31.89
N PHE O 64 -29.85 26.14 31.02
CA PHE O 64 -28.47 26.54 30.88
C PHE O 64 -28.35 27.82 30.07
N SER O 65 -27.41 28.69 30.46
CA SER O 65 -27.05 29.86 29.67
C SER O 65 -25.59 30.28 29.86
N ALA O 66 -24.81 30.08 28.81
CA ALA O 66 -23.44 30.57 28.75
C ALA O 66 -23.43 32.02 28.27
N GLU O 67 -22.43 32.76 28.71
CA GLU O 67 -22.29 34.17 28.33
C GLU O 67 -20.83 34.57 28.47
N ARG O 68 -20.35 35.40 27.55
CA ARG O 68 -18.96 35.84 27.53
C ARG O 68 -18.90 37.27 27.01
N PRO O 69 -19.06 38.25 27.91
CA PRO O 69 -19.42 39.60 27.49
C PRO O 69 -18.27 40.38 26.86
N LYS O 70 -17.14 40.44 27.56
CA LYS O 70 -15.96 41.15 27.06
C LYS O 70 -15.08 40.23 26.22
N GLY O 71 -15.50 38.98 26.05
CA GLY O 71 -14.75 38.03 25.24
C GLY O 71 -13.48 37.59 25.93
N SER O 72 -13.56 37.48 27.26
CA SER O 72 -12.43 37.07 28.08
C SER O 72 -12.83 35.90 28.95
N PHE O 73 -13.53 36.19 30.05
CA PHE O 73 -14.05 35.17 30.97
C PHE O 73 -15.43 34.77 30.51
N SER O 74 -15.88 33.59 30.92
CA SER O 74 -17.24 33.16 30.61
C SER O 74 -17.96 32.66 31.86
N THR O 75 -19.25 32.98 31.97
CA THR O 75 -20.09 32.51 33.06
C THR O 75 -21.09 31.49 32.52
N LEU O 76 -21.16 30.33 33.15
CA LEU O 76 -22.12 29.30 32.78
C LEU O 76 -23.12 29.14 33.91
N GLU O 77 -24.39 29.50 33.64
CA GLU O 77 -25.42 29.56 34.66
C GLU O 77 -26.50 28.51 34.44
N ILE O 78 -26.87 27.82 35.52
CA ILE O 78 -27.95 26.83 35.50
C ILE O 78 -29.11 27.35 36.34
N GLN O 79 -30.32 27.31 35.78
CA GLN O 79 -31.46 28.03 36.37
C GLN O 79 -32.18 27.22 37.44
N ARG O 80 -32.81 26.12 37.04
CA ARG O 80 -33.49 25.26 37.99
C ARG O 80 -32.78 23.91 38.00
N THR O 81 -31.88 23.77 38.95
CA THR O 81 -30.98 22.63 39.01
C THR O 81 -31.71 21.30 39.15
N GLU O 82 -31.29 20.33 38.35
CA GLU O 82 -31.86 18.99 38.38
C GLU O 82 -30.79 18.00 38.79
N GLN O 83 -31.23 16.82 39.22
CA GLN O 83 -30.32 15.75 39.63
C GLN O 83 -29.49 15.28 38.44
N GLY O 84 -30.07 15.43 37.24
CA GLY O 84 -29.39 15.07 36.00
C GLY O 84 -28.31 16.05 35.54
N ASP O 85 -28.26 17.23 36.15
CA ASP O 85 -27.22 18.20 35.84
C ASP O 85 -25.91 17.78 36.49
N SER O 86 -26.00 16.90 37.49
CA SER O 86 -24.83 16.44 38.25
C SER O 86 -23.73 15.90 37.34
N ALA O 87 -22.62 16.61 37.29
CA ALA O 87 -21.49 16.21 36.44
C ALA O 87 -20.30 17.16 36.62
N MET O 88 -19.20 16.83 35.97
CA MET O 88 -18.01 17.69 35.95
C MET O 88 -18.15 18.66 34.81
N TYR O 89 -18.09 19.95 35.10
CA TYR O 89 -18.25 20.99 34.07
C TYR O 89 -16.91 21.58 33.68
N LEU O 90 -16.33 21.03 32.61
CA LEU O 90 -15.03 21.45 32.12
C LEU O 90 -15.12 22.68 31.24
N CYS O 91 -14.02 23.40 31.13
CA CYS O 91 -13.95 24.57 30.27
C CYS O 91 -12.54 24.68 29.68
N ALA O 92 -12.45 24.60 28.35
CA ALA O 92 -11.18 24.69 27.66
C ALA O 92 -11.11 25.90 26.75
N SER O 93 -9.89 26.26 26.36
CA SER O 93 -9.67 27.38 25.46
C SER O 93 -8.59 27.07 24.44
N ARG O 94 -8.51 27.92 23.43
CA ARG O 94 -7.52 27.78 22.37
C ARG O 94 -6.80 29.11 22.19
N TYR O 95 -5.53 29.04 21.81
CA TYR O 95 -4.73 30.23 21.48
C TYR O 95 -5.30 30.90 20.24
N ARG O 96 -4.91 32.15 20.02
CA ARG O 96 -5.39 32.90 18.87
C ARG O 96 -4.45 32.81 17.67
N ASP O 97 -4.17 31.59 17.22
CA ASP O 97 -3.60 31.39 15.88
C ASP O 97 -4.20 30.17 15.12
N ASP O 98 -3.96 28.92 15.52
CA ASP O 98 -3.03 28.55 16.59
C ASP O 98 -1.60 28.17 16.13
N SER O 99 -1.39 27.21 15.23
CA SER O 99 -2.36 26.70 14.24
C SER O 99 -3.36 25.63 14.70
N TYR O 100 -2.93 24.36 14.77
CA TYR O 100 -3.84 23.20 14.95
C TYR O 100 -4.85 23.30 16.12
N ASN O 101 -5.83 22.41 16.14
CA ASN O 101 -6.92 22.44 17.14
C ASN O 101 -6.49 21.94 18.53
N GLU O 102 -5.73 22.77 19.23
CA GLU O 102 -5.16 22.40 20.54
C GLU O 102 -5.95 23.04 21.67
N GLN O 103 -6.89 22.27 22.22
CA GLN O 103 -7.76 22.76 23.30
C GLN O 103 -7.09 22.56 24.67
N PHE O 104 -7.00 23.64 25.43
CA PHE O 104 -6.39 23.60 26.75
C PHE O 104 -7.47 23.66 27.81
N PHE O 105 -7.63 22.57 28.56
CA PHE O 105 -8.69 22.43 29.56
C PHE O 105 -8.30 22.93 30.94
N GLY O 106 -9.32 23.20 31.76
CA GLY O 106 -9.15 23.67 33.13
C GLY O 106 -9.46 22.56 34.12
N PRO O 107 -9.47 22.88 35.42
CA PRO O 107 -9.65 21.87 36.46
C PRO O 107 -11.07 21.31 36.51
N GLY O 108 -12.04 22.16 36.17
CA GLY O 108 -13.44 21.76 36.08
C GLY O 108 -14.19 21.97 37.38
N THR O 109 -15.31 22.69 37.30
CA THR O 109 -16.20 22.83 38.44
C THR O 109 -17.00 21.55 38.59
N ARG O 110 -17.10 21.06 39.82
CA ARG O 110 -17.77 19.79 40.12
C ARG O 110 -19.13 20.04 40.78
N LEU O 111 -20.19 19.87 39.99
CA LEU O 111 -21.55 20.06 40.49
C LEU O 111 -22.08 18.73 40.96
N THR O 112 -22.84 18.76 42.05
CA THR O 112 -23.59 17.60 42.52
C THR O 112 -24.88 18.14 43.09
N VAL O 113 -25.98 17.95 42.37
CA VAL O 113 -27.29 18.40 42.81
C VAL O 113 -27.98 17.26 43.54
N LEU O 114 -28.59 17.58 44.69
CA LEU O 114 -29.19 16.57 45.57
C LEU O 114 -30.65 16.83 45.88
N GLU O 115 -31.39 15.75 46.14
CA GLU O 115 -32.79 15.82 46.54
C GLU O 115 -32.87 16.74 47.76
N ASP O 116 -32.20 16.33 48.84
CA ASP O 116 -31.97 17.17 50.02
C ASP O 116 -30.55 16.92 50.54
N LEU O 117 -30.09 17.79 51.43
CA LEU O 117 -28.69 17.76 51.88
C LEU O 117 -28.41 16.75 53.00
N LYS O 118 -29.44 16.15 53.57
CA LYS O 118 -29.28 15.13 54.64
C LYS O 118 -28.37 14.01 54.20
N ASN O 119 -28.13 13.99 52.91
CA ASN O 119 -27.24 13.02 52.33
C ASN O 119 -25.77 13.43 52.41
N VAL O 120 -25.48 14.73 52.53
CA VAL O 120 -24.09 15.22 52.49
C VAL O 120 -23.33 14.85 53.76
N PHE O 121 -22.37 13.92 53.63
CA PHE O 121 -21.56 13.50 54.77
C PHE O 121 -20.09 13.84 54.53
N PRO O 122 -19.36 14.15 55.62
CA PRO O 122 -17.92 14.33 55.53
C PRO O 122 -17.23 12.97 55.52
N PRO O 123 -15.89 12.94 55.45
CA PRO O 123 -15.18 11.69 55.65
C PRO O 123 -14.74 11.53 57.09
N GLU O 124 -14.47 10.29 57.49
CA GLU O 124 -13.82 9.98 58.75
C GLU O 124 -12.53 9.24 58.41
N VAL O 125 -11.39 9.81 58.77
CA VAL O 125 -10.11 9.28 58.35
C VAL O 125 -9.40 8.56 59.48
N ALA O 126 -8.84 7.40 59.16
CA ALA O 126 -7.97 6.65 60.08
C ALA O 126 -6.85 5.97 59.28
N VAL O 127 -5.69 5.81 59.93
CA VAL O 127 -4.51 5.21 59.32
C VAL O 127 -4.08 3.96 60.10
N PHE O 128 -3.55 2.98 59.38
CA PHE O 128 -3.21 1.67 59.93
C PHE O 128 -1.71 1.43 59.82
N GLU O 129 -1.08 1.11 60.97
CA GLU O 129 0.36 0.84 61.03
C GLU O 129 0.73 -0.35 60.13
N PRO O 130 1.96 -0.37 59.61
CA PRO O 130 2.43 -1.50 58.80
C PRO O 130 2.67 -2.76 59.64
N SER O 131 2.79 -3.91 58.97
CA SER O 131 2.94 -5.18 59.67
C SER O 131 4.38 -5.47 60.07
N GLU O 132 4.53 -6.18 61.19
CA GLU O 132 5.84 -6.57 61.67
C GLU O 132 6.43 -7.65 60.76
N ALA O 133 5.56 -8.50 60.20
CA ALA O 133 5.99 -9.52 59.26
C ALA O 133 6.61 -8.87 58.01
N GLU O 134 5.94 -7.85 57.48
CA GLU O 134 6.40 -7.13 56.29
C GLU O 134 7.76 -6.49 56.52
N ILE O 135 7.93 -5.87 57.69
CA ILE O 135 9.19 -5.23 58.05
C ILE O 135 10.34 -6.23 58.00
N SER O 136 10.22 -7.30 58.79
CA SER O 136 11.30 -8.28 58.95
C SER O 136 11.50 -9.17 57.71
N HIS O 137 10.51 -9.17 56.82
CA HIS O 137 10.62 -9.89 55.55
C HIS O 137 11.16 -8.94 54.48
N THR O 138 10.36 -7.95 54.09
CA THR O 138 10.67 -7.12 52.92
C THR O 138 11.64 -5.97 53.19
N GLN O 139 11.96 -5.74 54.47
CA GLN O 139 12.76 -4.58 54.88
C GLN O 139 12.10 -3.27 54.46
N LYS O 140 10.76 -3.25 54.48
CA LYS O 140 9.97 -2.07 54.12
C LYS O 140 8.80 -1.90 55.08
N ALA O 141 8.04 -0.82 54.92
CA ALA O 141 6.87 -0.57 55.77
C ALA O 141 5.77 0.11 54.97
N THR O 142 4.69 -0.61 54.71
CA THR O 142 3.58 -0.07 53.91
C THR O 142 2.48 0.45 54.83
N LEU O 143 2.40 1.78 54.97
CA LEU O 143 1.29 2.41 55.69
C LEU O 143 0.08 2.46 54.77
N VAL O 144 -1.11 2.38 55.37
CA VAL O 144 -2.35 2.44 54.60
C VAL O 144 -3.30 3.42 55.25
N CYS O 145 -4.11 4.06 54.42
CA CYS O 145 -5.12 5.00 54.88
C CYS O 145 -6.46 4.70 54.28
N LEU O 146 -7.49 4.59 55.11
CA LEU O 146 -8.86 4.45 54.63
C LEU O 146 -9.69 5.66 55.10
N ALA O 147 -10.15 6.45 54.13
CA ALA O 147 -11.02 7.60 54.41
C ALA O 147 -12.44 7.21 54.02
N THR O 148 -13.33 7.15 55.01
CA THR O 148 -14.71 6.70 54.80
C THR O 148 -15.58 7.17 55.97
N GLY O 149 -16.89 7.37 55.79
CA GLY O 149 -17.61 7.22 54.53
C GLY O 149 -18.26 8.55 54.20
N PHE O 150 -18.06 9.01 52.98
CA PHE O 150 -18.30 10.40 52.63
C PHE O 150 -19.18 10.52 51.40
N TYR O 151 -19.95 11.61 51.33
CA TYR O 151 -20.83 11.88 50.21
C TYR O 151 -20.96 13.38 50.00
N PRO O 152 -20.74 13.85 48.76
CA PRO O 152 -20.44 13.09 47.55
C PRO O 152 -18.95 12.77 47.45
N ASP O 153 -18.53 12.10 46.38
CA ASP O 153 -17.17 11.57 46.30
C ASP O 153 -16.11 12.58 45.85
N HIS O 154 -16.39 13.87 46.02
CA HIS O 154 -15.41 14.89 45.69
C HIS O 154 -14.50 15.17 46.88
N VAL O 155 -13.42 14.40 46.96
CA VAL O 155 -12.42 14.52 48.02
C VAL O 155 -11.03 14.23 47.48
N GLU O 156 -10.02 14.83 48.10
CA GLU O 156 -8.64 14.68 47.64
C GLU O 156 -7.73 14.31 48.80
N LEU O 157 -6.93 13.27 48.58
CA LEU O 157 -6.12 12.68 49.63
C LEU O 157 -4.64 12.97 49.40
N SER O 158 -3.91 13.15 50.49
CA SER O 158 -2.49 13.50 50.44
C SER O 158 -1.74 13.09 51.72
N TRP O 159 -0.50 12.67 51.55
CA TRP O 159 0.34 12.22 52.67
C TRP O 159 1.32 13.30 53.12
N TRP O 160 1.68 13.30 54.41
CA TRP O 160 2.57 14.30 54.97
C TRP O 160 3.54 13.66 55.97
N VAL O 161 4.75 13.33 55.49
CA VAL O 161 5.79 12.75 56.34
C VAL O 161 6.57 13.87 57.00
N ASN O 162 6.63 13.85 58.33
CA ASN O 162 7.29 14.90 59.10
C ASN O 162 6.81 16.28 58.68
N GLY O 163 5.50 16.47 58.74
CA GLY O 163 4.86 17.74 58.39
C GLY O 163 5.31 18.35 57.06
N LYS O 164 5.46 17.51 56.04
CA LYS O 164 5.87 17.95 54.71
C LYS O 164 5.32 16.98 53.71
N GLU O 165 4.67 17.49 52.66
CA GLU O 165 3.96 16.63 51.72
C GLU O 165 4.91 15.73 50.96
N VAL O 166 4.44 14.53 50.62
CA VAL O 166 5.25 13.51 49.93
C VAL O 166 4.46 12.84 48.80
N HIS O 167 5.12 12.70 47.65
CA HIS O 167 4.55 12.01 46.49
C HIS O 167 5.34 10.75 46.10
N SER O 168 6.51 10.58 46.71
CA SER O 168 7.35 9.41 46.47
C SER O 168 6.83 8.24 47.28
N GLY O 169 6.54 7.13 46.62
CA GLY O 169 6.06 5.91 47.30
C GLY O 169 4.58 5.93 47.66
N VAL O 170 3.83 6.80 46.99
CA VAL O 170 2.41 6.96 47.26
C VAL O 170 1.59 6.37 46.11
N CYS O 171 0.62 5.52 46.47
CA CYS O 171 -0.41 5.06 45.52
C CYS O 171 -1.77 5.24 46.18
N THR O 172 -2.58 6.15 45.64
CA THR O 172 -3.95 6.33 46.11
C THR O 172 -4.92 5.68 45.15
N ASP O 173 -6.05 5.18 45.66
CA ASP O 173 -7.11 4.66 44.79
C ASP O 173 -7.48 5.77 43.81
N PRO O 174 -7.58 5.44 42.52
CA PRO O 174 -7.90 6.49 41.55
C PRO O 174 -9.31 7.02 41.77
N GLN O 175 -10.28 6.11 41.81
CA GLN O 175 -11.67 6.48 42.07
C GLN O 175 -12.18 5.60 43.23
N PRO O 176 -13.05 6.17 44.10
CA PRO O 176 -13.43 5.44 45.30
C PRO O 176 -14.61 4.51 45.06
N LEU O 177 -14.82 3.58 45.98
CA LEU O 177 -15.89 2.59 45.86
C LEU O 177 -17.05 2.90 46.79
N LYS O 178 -18.23 2.39 46.45
CA LYS O 178 -19.45 2.62 47.23
C LYS O 178 -19.56 1.63 48.38
N GLU O 179 -20.01 2.10 49.54
CA GLU O 179 -20.18 1.23 50.72
C GLU O 179 -21.41 0.33 50.54
N GLN O 180 -22.54 0.93 50.21
CA GLN O 180 -23.77 0.20 49.94
C GLN O 180 -24.21 0.46 48.49
N PRO O 181 -23.50 -0.16 47.51
CA PRO O 181 -23.56 0.23 46.09
C PRO O 181 -24.94 0.13 45.43
N ALA O 182 -25.83 -0.64 46.04
CA ALA O 182 -27.19 -0.80 45.53
C ALA O 182 -28.12 0.39 45.88
N LEU O 183 -27.57 1.42 46.52
CA LEU O 183 -28.33 2.62 46.86
C LEU O 183 -27.93 3.77 45.96
N ASN O 184 -28.88 4.64 45.64
CA ASN O 184 -28.64 5.81 44.76
C ASN O 184 -27.77 6.89 45.41
N ASP O 185 -27.88 7.02 46.72
CA ASP O 185 -27.12 8.02 47.48
C ASP O 185 -26.07 7.36 48.39
N SER O 186 -25.56 6.20 47.98
CA SER O 186 -24.62 5.45 48.79
C SER O 186 -23.39 6.27 49.10
N ARG O 187 -22.89 6.13 50.33
CA ARG O 187 -21.69 6.85 50.75
C ARG O 187 -20.46 6.11 50.23
N TYR O 188 -19.36 6.84 50.08
CA TYR O 188 -18.17 6.33 49.39
C TYR O 188 -17.05 5.97 50.38
N ALA O 189 -15.91 5.50 49.85
CA ALA O 189 -14.78 5.09 50.67
C ALA O 189 -13.53 4.93 49.83
N LEU O 190 -12.42 5.51 50.28
CA LEU O 190 -11.18 5.63 49.48
C LEU O 190 -9.96 5.10 50.23
N SER O 191 -9.12 4.32 49.54
CA SER O 191 -7.92 3.73 50.15
C SER O 191 -6.63 4.30 49.58
N SER O 192 -5.56 4.24 50.37
CA SER O 192 -4.25 4.75 49.94
C SER O 192 -3.08 4.05 50.67
N ARG O 193 -1.91 4.09 50.04
CA ARG O 193 -0.69 3.47 50.56
C ARG O 193 0.46 4.45 50.53
N LEU O 194 1.21 4.51 51.63
CA LEU O 194 2.50 5.19 51.66
C LEU O 194 3.53 4.17 52.13
N ARG O 195 4.59 4.00 51.34
CA ARG O 195 5.59 2.98 51.62
C ARG O 195 6.98 3.59 51.84
N VAL O 196 7.60 3.21 52.96
CA VAL O 196 8.91 3.74 53.36
C VAL O 196 9.80 2.60 53.87
N SER O 197 11.09 2.89 54.02
CA SER O 197 12.05 1.90 54.52
C SER O 197 11.69 1.50 55.95
N ALA O 198 11.89 0.23 56.28
CA ALA O 198 11.60 -0.26 57.63
C ALA O 198 12.31 0.57 58.69
N THR O 199 13.57 0.93 58.40
CA THR O 199 14.40 1.69 59.33
C THR O 199 13.95 3.15 59.50
N PHE O 200 13.23 3.69 58.51
CA PHE O 200 12.63 5.02 58.62
C PHE O 200 11.40 4.98 59.51
N TRP O 201 10.57 3.94 59.35
CA TRP O 201 9.41 3.72 60.21
C TRP O 201 9.87 3.33 61.61
N GLN O 202 10.90 2.50 61.69
CA GLN O 202 11.45 2.05 62.97
C GLN O 202 12.06 3.20 63.80
N ASN O 203 12.24 4.37 63.19
CA ASN O 203 12.65 5.58 63.90
C ASN O 203 11.44 6.28 64.53
N PRO O 204 11.32 6.26 65.87
CA PRO O 204 10.09 6.75 66.51
C PRO O 204 9.87 8.28 66.55
N ARG O 205 10.76 9.07 65.96
CA ARG O 205 10.54 10.52 65.86
C ARG O 205 9.88 10.91 64.55
N ASN O 206 9.90 10.00 63.57
CA ASN O 206 9.26 10.25 62.29
C ASN O 206 7.74 10.24 62.37
N HIS O 207 7.12 11.30 61.85
CA HIS O 207 5.67 11.46 61.91
C HIS O 207 4.99 11.25 60.53
N PHE O 208 3.77 10.72 60.55
CA PHE O 208 3.00 10.45 59.34
C PHE O 208 1.56 10.93 59.49
N ARG O 209 1.13 11.79 58.57
CA ARG O 209 -0.27 12.26 58.53
C ARG O 209 -0.91 11.97 57.19
N CYS O 210 -2.02 11.26 57.23
CA CYS O 210 -2.86 11.06 56.06
C CYS O 210 -3.97 12.11 56.09
N GLN O 211 -3.97 12.98 55.07
CA GLN O 211 -4.89 14.11 54.99
C GLN O 211 -5.94 13.88 53.91
N VAL O 212 -7.16 14.33 54.17
CA VAL O 212 -8.25 14.24 53.21
C VAL O 212 -8.98 15.57 53.13
N GLN O 213 -8.84 16.27 52.01
CA GLN O 213 -9.61 17.46 51.73
C GLN O 213 -11.00 17.03 51.29
N PHE O 214 -12.02 17.54 51.97
CA PHE O 214 -13.40 17.30 51.59
C PHE O 214 -13.99 18.60 51.10
N TYR O 215 -14.59 18.55 49.91
CA TYR O 215 -15.32 19.66 49.36
C TYR O 215 -16.81 19.40 49.59
N GLY O 216 -17.43 20.24 50.42
CA GLY O 216 -18.80 20.00 50.90
C GLY O 216 -19.73 21.19 50.81
N LEU O 217 -20.44 21.46 51.91
CA LEU O 217 -21.44 22.52 51.94
C LEU O 217 -20.84 23.88 52.19
N SER O 218 -21.62 24.92 51.92
CA SER O 218 -21.21 26.29 52.15
C SER O 218 -21.45 26.62 53.62
N GLU O 219 -20.77 27.65 54.10
CA GLU O 219 -21.13 28.28 55.38
C GLU O 219 -22.56 28.81 55.25
N ASN O 220 -22.79 29.45 54.10
CA ASN O 220 -24.10 29.92 53.64
C ASN O 220 -25.27 28.97 53.85
N ASP O 221 -25.04 27.68 53.58
CA ASP O 221 -26.12 26.70 53.40
C ASP O 221 -26.90 26.41 54.67
N GLU O 222 -28.16 26.03 54.47
CA GLU O 222 -29.14 25.87 55.54
C GLU O 222 -29.10 24.45 56.10
N TRP O 223 -28.36 24.29 57.20
CA TRP O 223 -28.25 23.00 57.87
C TRP O 223 -29.25 22.91 59.01
N THR O 224 -29.77 21.71 59.23
CA THR O 224 -30.88 21.50 60.14
C THR O 224 -30.59 20.48 61.24
N GLN O 225 -29.82 19.44 60.95
CA GLN O 225 -29.78 18.24 61.82
C GLN O 225 -28.80 18.29 62.98
N ASP O 226 -29.04 17.42 63.96
CA ASP O 226 -28.38 17.47 65.27
C ASP O 226 -26.86 17.39 65.21
N ARG O 227 -26.33 16.60 64.27
CA ARG O 227 -24.88 16.40 64.17
C ARG O 227 -24.20 17.64 63.60
N ALA O 228 -22.87 17.58 63.53
CA ALA O 228 -22.09 18.70 62.99
C ALA O 228 -22.47 19.02 61.55
N LYS O 229 -22.02 20.17 61.06
CA LYS O 229 -22.29 20.60 59.69
C LYS O 229 -21.23 20.03 58.74
N PRO O 230 -21.64 19.58 57.55
CA PRO O 230 -20.66 19.03 56.62
C PRO O 230 -20.09 20.11 55.68
N VAL O 231 -19.38 21.06 56.25
CA VAL O 231 -18.79 22.14 55.45
C VAL O 231 -17.47 21.65 54.84
N THR O 232 -17.14 22.20 53.67
CA THR O 232 -15.85 21.93 53.02
C THR O 232 -14.72 21.99 54.05
N GLN O 233 -14.24 20.82 54.47
CA GLN O 233 -13.28 20.73 55.54
C GLN O 233 -12.13 19.80 55.18
N ILE O 234 -11.20 19.64 56.12
CA ILE O 234 -10.05 18.73 55.96
C ILE O 234 -9.95 17.77 57.16
N VAL O 235 -10.33 16.51 56.95
CA VAL O 235 -10.20 15.47 57.97
C VAL O 235 -8.85 14.81 57.82
N SER O 236 -8.23 14.46 58.95
CA SER O 236 -6.90 13.85 58.95
C SER O 236 -6.71 12.85 60.09
N ALA O 237 -5.80 11.90 59.87
CA ALA O 237 -5.38 10.96 60.92
C ALA O 237 -3.87 10.95 61.01
N GLU O 238 -3.36 10.90 62.24
CA GLU O 238 -1.92 10.86 62.50
C GLU O 238 -1.43 9.45 62.74
N ALA O 239 -0.12 9.27 62.63
CA ALA O 239 0.56 8.06 63.06
C ALA O 239 2.03 8.40 63.22
N TRP O 240 2.66 7.87 64.26
CA TRP O 240 4.07 8.14 64.53
C TRP O 240 4.89 6.89 64.29
N GLY O 241 6.21 7.06 64.22
CA GLY O 241 7.11 5.93 64.13
C GLY O 241 7.02 5.08 65.39
N ARG O 242 7.21 3.78 65.22
CA ARG O 242 7.33 2.84 66.33
C ARG O 242 8.78 2.37 66.40
N ALA O 243 9.30 2.16 67.59
CA ALA O 243 10.66 1.64 67.76
C ALA O 243 10.74 0.17 67.35
N ASP O 244 9.58 -0.47 67.26
CA ASP O 244 9.49 -1.91 67.05
C ASP O 244 9.66 -2.28 65.58
#